data_4KDQ
#
_entry.id   4KDQ
#
_cell.length_a   72.049
_cell.length_b   72.049
_cell.length_c   365.862
_cell.angle_alpha   90.00
_cell.angle_beta   90.00
_cell.angle_gamma   120.00
#
_symmetry.space_group_name_H-M   'P 31'
#
loop_
_entity.id
_entity.type
_entity.pdbx_description
1 polymer Hemagglutinin
2 polymer Hemagglutinin
3 non-polymer 2-acetamido-2-deoxy-beta-D-glucopyranose
4 water water
#
loop_
_entity_poly.entity_id
_entity_poly.type
_entity_poly.pdbx_seq_one_letter_code
_entity_poly.pdbx_strand_id
1 'polypeptide(L)'
;SDQICIGYHANNSTEQVDTIMEKNVTVTHAQDILEKTHNGKLCDLDGVKPLILRDCSVAGWLLGNPMCDEFLNVPEWSYI
VEKINPVNDLCYPGNFNDYEELKHLLSRINHFEKIQIIPKSSWSDHEASSGVSSACPYQGRSSFFRNVVWLIKKNNTYPT
IKRSYNNTNQEDLLVLWGIHHPNDAAEQTRLYQNPTTYISVGTSTLNQRLVPKLATRSKVNGQSGRMEFFWTILKPNDAI
NFESNGNFIAPENAYKIVKKGDSTIMKSELEYGNCNTKCQTPIGAINSSMPFHNIHPLTIGECPKYVKSNRLVLATGLRN
S
;
A,C,E
2 'polypeptide(L)'
;GLFGAIAGFIEGGWQGMVDGWYGYHHSNEQGSGYAADKESTQKAIDGVTNKVNSIIDKMNTQFEAVGREFNNLERRIENL
NKKMEDGFLDVWTYNAELLVLMENERTLDFHDSNVKNLYDKVRLQLRDNAKELGNGCFEFYHRCDNECMESVRNGTYDYP
QYSE
;
B,D,F
#
loop_
_chem_comp.id
_chem_comp.type
_chem_comp.name
_chem_comp.formula
NAG D-saccharide, beta linking 2-acetamido-2-deoxy-beta-D-glucopyranose 'C8 H15 N O6'
#
# COMPACT_ATOMS: atom_id res chain seq x y z
N SER A 1 -59.54 -18.32 28.95
CA SER A 1 -58.62 -19.45 28.89
C SER A 1 -57.15 -19.00 29.00
N ASP A 2 -56.37 -19.77 29.76
CA ASP A 2 -54.97 -19.42 30.05
C ASP A 2 -54.03 -19.51 28.84
N GLN A 3 -53.11 -18.54 28.75
CA GLN A 3 -52.17 -18.51 27.64
C GLN A 3 -50.87 -17.78 27.96
N ILE A 4 -49.82 -18.09 27.20
CA ILE A 4 -48.52 -17.43 27.33
C ILE A 4 -48.00 -17.03 25.95
N CYS A 5 -47.37 -15.86 25.88
CA CYS A 5 -46.87 -15.34 24.62
C CYS A 5 -45.35 -15.08 24.64
N ILE A 6 -44.70 -15.30 23.51
CA ILE A 6 -43.27 -14.99 23.38
C ILE A 6 -43.09 -13.79 22.47
N GLY A 7 -42.31 -12.82 22.93
CA GLY A 7 -42.10 -11.60 22.17
C GLY A 7 -40.75 -10.95 22.40
N TYR A 8 -40.55 -9.82 21.76
CA TYR A 8 -39.28 -9.11 21.86
C TYR A 8 -39.44 -7.67 22.32
N HIS A 9 -38.32 -7.04 22.65
CA HIS A 9 -38.29 -5.68 23.15
C HIS A 9 -38.68 -4.67 22.07
N ALA A 10 -39.09 -3.49 22.51
CA ALA A 10 -39.34 -2.37 21.61
C ALA A 10 -39.26 -1.09 22.42
N ASN A 11 -38.89 0.01 21.79
CA ASN A 11 -38.84 1.30 22.47
C ASN A 11 -39.10 2.48 21.52
N ASN A 12 -38.71 3.67 21.97
CA ASN A 12 -38.96 4.90 21.22
C ASN A 12 -37.74 5.40 20.45
N SER A 13 -36.78 4.50 20.23
CA SER A 13 -35.53 4.84 19.56
C SER A 13 -35.73 5.11 18.06
N THR A 14 -35.13 6.18 17.58
CA THR A 14 -35.20 6.53 16.17
C THR A 14 -33.87 6.31 15.48
N GLU A 15 -32.92 5.71 16.20
CA GLU A 15 -31.58 5.47 15.67
C GLU A 15 -31.57 4.41 14.58
N GLN A 16 -30.92 4.73 13.47
CA GLN A 16 -30.86 3.83 12.34
C GLN A 16 -29.45 3.26 12.12
N VAL A 17 -29.38 2.11 11.44
CA VAL A 17 -28.12 1.55 10.98
C VAL A 17 -28.30 1.09 9.55
N ASP A 18 -27.21 0.75 8.89
CA ASP A 18 -27.30 0.27 7.52
C ASP A 18 -26.84 -1.18 7.48
N THR A 19 -27.31 -1.89 6.48
CA THR A 19 -26.93 -3.26 6.25
C THR A 19 -26.61 -3.36 4.78
N ILE A 20 -26.15 -4.52 4.35
CA ILE A 20 -25.86 -4.70 2.94
C ILE A 20 -27.17 -4.74 2.13
N MET A 21 -28.23 -5.28 2.75
CA MET A 21 -29.51 -5.42 2.07
C MET A 21 -30.56 -4.34 2.39
N GLU A 22 -30.25 -3.47 3.36
CA GLU A 22 -31.24 -2.45 3.73
C GLU A 22 -30.59 -1.24 4.40
N LYS A 23 -30.88 -0.05 3.89
CA LYS A 23 -30.41 1.20 4.46
C LYS A 23 -31.41 1.77 5.45
N ASN A 24 -30.96 2.73 6.26
CA ASN A 24 -31.83 3.44 7.21
C ASN A 24 -32.77 2.52 8.00
N VAL A 25 -32.21 1.52 8.66
CA VAL A 25 -33.00 0.57 9.43
C VAL A 25 -33.07 0.93 10.92
N THR A 26 -34.24 1.36 11.38
CA THR A 26 -34.40 1.76 12.77
C THR A 26 -34.28 0.56 13.69
N VAL A 27 -33.45 0.70 14.72
CA VAL A 27 -33.25 -0.37 15.68
C VAL A 27 -33.44 0.16 17.09
N THR A 28 -33.51 -0.76 18.05
CA THR A 28 -33.72 -0.36 19.44
C THR A 28 -32.48 0.30 20.03
N HIS A 29 -31.34 -0.35 19.84
CA HIS A 29 -30.09 0.14 20.38
C HIS A 29 -28.99 0.10 19.33
N ALA A 30 -28.08 1.08 19.40
CA ALA A 30 -26.96 1.15 18.47
C ALA A 30 -25.75 1.75 19.17
N GLN A 31 -24.58 1.64 18.55
CA GLN A 31 -23.36 2.22 19.11
C GLN A 31 -22.56 2.94 18.05
N ASP A 32 -22.45 4.25 18.22
CA ASP A 32 -21.59 5.06 17.37
C ASP A 32 -20.14 4.71 17.69
N ILE A 33 -19.31 4.58 16.66
CA ILE A 33 -17.91 4.24 16.85
C ILE A 33 -17.00 5.15 16.02
N LEU A 34 -17.55 6.25 15.54
CA LEU A 34 -16.82 7.20 14.72
C LEU A 34 -16.80 8.58 15.36
N GLU A 35 -15.63 9.00 15.84
CA GLU A 35 -15.47 10.34 16.40
C GLU A 35 -15.49 11.36 15.27
N LYS A 36 -16.28 12.41 15.43
CA LYS A 36 -16.42 13.42 14.39
C LYS A 36 -16.14 14.83 14.92
N THR A 37 -15.61 14.90 16.14
CA THR A 37 -15.48 16.14 16.88
C THR A 37 -14.06 16.45 17.38
N HIS A 38 -13.62 17.68 17.12
CA HIS A 38 -12.33 18.12 17.61
C HIS A 38 -12.41 19.53 18.21
N ASN A 39 -11.50 19.85 19.11
CA ASN A 39 -11.55 21.12 19.81
C ASN A 39 -11.04 22.34 19.02
N GLY A 40 -10.53 22.10 17.81
CA GLY A 40 -10.06 23.16 16.94
C GLY A 40 -8.85 23.91 17.47
N LYS A 41 -8.09 23.28 18.35
CA LYS A 41 -6.95 23.89 18.98
C LYS A 41 -5.66 23.06 18.91
N LEU A 42 -4.51 23.71 19.05
CA LEU A 42 -3.22 23.03 19.13
C LEU A 42 -2.85 22.99 20.59
N CYS A 43 -2.71 21.78 21.12
CA CYS A 43 -2.52 21.60 22.56
C CYS A 43 -1.18 20.99 22.89
N ASP A 44 -0.86 20.98 24.17
CA ASP A 44 0.23 20.17 24.68
C ASP A 44 -0.11 18.71 24.40
N LEU A 45 0.92 17.90 24.22
CA LEU A 45 0.74 16.47 24.03
C LEU A 45 1.22 15.77 25.28
N ASP A 46 0.28 15.33 26.12
CA ASP A 46 0.59 14.79 27.44
C ASP A 46 1.37 15.76 28.31
N GLY A 47 0.95 17.02 28.35
CA GLY A 47 1.59 18.00 29.21
C GLY A 47 2.80 18.71 28.62
N VAL A 48 3.43 18.14 27.60
CA VAL A 48 4.57 18.79 26.98
C VAL A 48 4.19 19.64 25.76
N LYS A 49 4.59 20.91 25.81
CA LYS A 49 4.17 21.90 24.84
C LYS A 49 4.82 21.69 23.47
N PRO A 50 4.05 21.88 22.40
CA PRO A 50 4.69 21.83 21.08
C PRO A 50 5.56 23.06 20.83
N LEU A 51 6.49 22.95 19.90
CA LEU A 51 7.25 24.10 19.43
C LEU A 51 6.47 24.76 18.32
N ILE A 52 5.90 25.93 18.60
CA ILE A 52 5.16 26.65 17.57
C ILE A 52 6.05 27.72 16.94
N LEU A 53 6.70 27.34 15.85
CA LEU A 53 7.31 28.31 14.97
C LEU A 53 6.16 29.20 14.55
N ARG A 54 6.37 30.50 14.53
CA ARG A 54 5.28 31.39 14.18
C ARG A 54 5.36 31.68 12.70
N ASP A 55 6.01 32.79 12.38
CA ASP A 55 6.25 33.16 10.99
C ASP A 55 7.67 32.77 10.60
N CYS A 56 8.26 31.88 11.39
CA CYS A 56 9.58 31.35 11.10
C CYS A 56 9.54 29.93 10.52
N SER A 57 10.45 29.65 9.60
CA SER A 57 10.62 28.32 9.05
C SER A 57 11.60 27.54 9.93
N VAL A 58 11.77 26.25 9.63
CA VAL A 58 12.81 25.46 10.28
C VAL A 58 14.20 26.09 9.98
N ALA A 59 14.40 26.52 8.74
CA ALA A 59 15.66 27.10 8.32
C ALA A 59 15.93 28.39 9.10
N GLY A 60 14.91 29.23 9.20
CA GLY A 60 15.06 30.49 9.90
C GLY A 60 15.37 30.25 11.36
N TRP A 61 14.69 29.29 11.96
CA TRP A 61 14.95 28.93 13.34
C TRP A 61 16.39 28.43 13.55
N LEU A 62 16.79 27.40 12.81
CA LEU A 62 18.09 26.76 13.05
C LEU A 62 19.28 27.65 12.67
N LEU A 63 19.18 28.35 11.56
CA LEU A 63 20.24 29.23 11.13
C LEU A 63 20.32 30.47 12.03
N GLY A 64 19.18 30.82 12.63
CA GLY A 64 19.09 31.97 13.50
C GLY A 64 18.79 33.26 12.75
N ASN A 65 17.75 33.23 11.92
CA ASN A 65 17.25 34.44 11.28
C ASN A 65 16.91 35.40 12.43
N PRO A 66 17.38 36.65 12.32
CA PRO A 66 17.23 37.64 13.39
C PRO A 66 15.77 37.86 13.78
N MET A 67 14.86 37.63 12.84
CA MET A 67 13.43 37.76 13.15
C MET A 67 12.86 36.62 13.98
N CYS A 68 13.68 35.60 14.21
CA CYS A 68 13.22 34.37 14.85
C CYS A 68 13.87 34.21 16.25
N ASP A 69 14.32 35.34 16.80
CA ASP A 69 15.02 35.34 18.08
C ASP A 69 14.25 34.64 19.21
N GLU A 70 12.93 34.57 19.07
CA GLU A 70 12.08 33.89 20.04
C GLU A 70 12.50 32.44 20.27
N PHE A 71 13.17 31.85 19.28
CA PHE A 71 13.51 30.44 19.32
C PHE A 71 15.01 30.20 19.49
N LEU A 72 15.71 31.21 19.99
CA LEU A 72 17.14 31.14 20.16
C LEU A 72 17.58 29.93 21.01
N ASN A 73 16.85 29.68 22.09
CA ASN A 73 17.14 28.54 22.97
C ASN A 73 15.86 27.83 23.45
N VAL A 74 15.34 27.00 22.55
CA VAL A 74 14.03 26.40 22.67
C VAL A 74 14.03 25.20 23.61
N PRO A 75 12.99 25.10 24.47
CA PRO A 75 12.80 24.02 25.43
C PRO A 75 12.30 22.75 24.74
N GLU A 76 12.19 21.67 25.50
CA GLU A 76 11.72 20.40 24.94
C GLU A 76 10.34 20.53 24.31
N TRP A 77 10.14 19.89 23.16
CA TRP A 77 8.83 19.92 22.51
C TRP A 77 8.23 18.53 22.32
N SER A 78 6.93 18.50 22.09
CA SER A 78 6.24 17.25 21.81
C SER A 78 6.13 17.10 20.30
N TYR A 79 5.78 18.19 19.63
CA TYR A 79 5.75 18.21 18.17
C TYR A 79 6.04 19.61 17.67
N ILE A 80 6.28 19.76 16.37
CA ILE A 80 6.61 21.07 15.82
C ILE A 80 5.51 21.53 14.88
N VAL A 81 5.12 22.80 14.99
CA VAL A 81 4.12 23.39 14.09
C VAL A 81 4.75 24.48 13.24
N GLU A 82 4.57 24.37 11.93
CA GLU A 82 5.13 25.32 10.97
C GLU A 82 4.03 25.71 10.00
N LYS A 83 3.94 27.01 9.69
CA LYS A 83 2.93 27.48 8.74
C LYS A 83 3.25 26.99 7.35
N ILE A 84 2.26 27.04 6.47
CA ILE A 84 2.40 26.52 5.11
C ILE A 84 3.52 27.25 4.39
N ASN A 85 3.64 28.53 4.66
CA ASN A 85 4.57 29.38 3.92
C ASN A 85 5.12 30.49 4.81
N PRO A 86 5.96 30.12 5.79
CA PRO A 86 6.49 31.06 6.78
C PRO A 86 7.13 32.29 6.14
N VAL A 87 6.88 33.46 6.72
CA VAL A 87 7.39 34.71 6.19
C VAL A 87 8.89 34.89 6.46
N ASN A 88 9.35 34.51 7.65
CA ASN A 88 10.77 34.57 8.03
C ASN A 88 11.53 33.28 7.78
N ASP A 89 12.12 33.16 6.61
CA ASP A 89 12.79 31.94 6.18
C ASP A 89 14.28 32.26 5.98
N LEU A 90 14.73 32.33 4.73
CA LEU A 90 16.10 32.72 4.47
C LEU A 90 16.11 34.21 4.14
N CYS A 91 16.48 35.03 5.11
CA CYS A 91 16.40 36.47 4.92
C CYS A 91 17.34 36.87 3.80
N TYR A 92 18.59 36.42 3.89
CA TYR A 92 19.48 36.50 2.75
C TYR A 92 19.13 35.31 1.87
N PRO A 93 18.71 35.56 0.63
CA PRO A 93 18.26 34.53 -0.31
C PRO A 93 19.32 33.47 -0.61
N GLY A 94 18.88 32.29 -1.03
CA GLY A 94 19.77 31.18 -1.27
C GLY A 94 19.04 29.85 -1.13
N ASN A 95 19.75 28.85 -0.64
CA ASN A 95 19.16 27.54 -0.47
C ASN A 95 19.84 26.77 0.65
N PHE A 96 19.09 25.84 1.22
CA PHE A 96 19.52 24.95 2.29
C PHE A 96 19.59 23.53 1.72
N ASN A 97 20.80 22.98 1.58
CA ASN A 97 21.00 21.63 1.04
C ASN A 97 20.41 20.51 1.88
N ASP A 98 19.76 19.56 1.22
CA ASP A 98 19.12 18.42 1.88
C ASP A 98 18.20 18.88 3.03
N TYR A 99 17.40 19.90 2.74
CA TYR A 99 16.49 20.48 3.71
C TYR A 99 15.40 19.51 4.15
N GLU A 100 14.83 18.77 3.20
CA GLU A 100 13.77 17.83 3.52
C GLU A 100 14.32 16.67 4.36
N GLU A 101 15.55 16.25 4.08
CA GLU A 101 16.18 15.20 4.87
C GLU A 101 16.46 15.67 6.29
N LEU A 102 16.72 16.96 6.43
CA LEU A 102 16.97 17.53 7.75
C LEU A 102 15.70 17.71 8.55
N LYS A 103 14.66 18.23 7.90
CA LYS A 103 13.34 18.24 8.50
C LYS A 103 12.87 16.86 8.92
N HIS A 104 13.22 15.84 8.14
CA HIS A 104 12.84 14.49 8.49
C HIS A 104 13.55 14.08 9.76
N LEU A 105 14.83 14.40 9.84
CA LEU A 105 15.62 14.13 11.03
C LEU A 105 15.00 14.79 12.27
N LEU A 106 14.51 16.01 12.07
CA LEU A 106 13.86 16.78 13.13
C LEU A 106 12.66 16.09 13.73
N SER A 107 11.99 15.25 12.94
CA SER A 107 10.81 14.55 13.40
C SER A 107 11.14 13.43 14.37
N ARG A 108 12.43 13.19 14.60
CA ARG A 108 12.84 12.14 15.52
C ARG A 108 13.51 12.77 16.73
N ILE A 109 13.44 14.08 16.81
CA ILE A 109 14.15 14.83 17.85
C ILE A 109 13.16 15.59 18.75
N ASN A 110 13.39 15.57 20.05
CA ASN A 110 12.51 16.29 20.96
C ASN A 110 13.17 17.49 21.65
N HIS A 111 14.50 17.56 21.59
CA HIS A 111 15.21 18.61 22.29
C HIS A 111 16.66 18.83 21.82
N PHE A 112 16.98 20.09 21.52
CA PHE A 112 18.35 20.49 21.26
C PHE A 112 18.82 21.28 22.46
N GLU A 113 20.11 21.24 22.74
CA GLU A 113 20.69 22.36 23.47
C GLU A 113 21.76 22.97 22.58
N LYS A 114 21.56 24.25 22.25
CA LYS A 114 22.46 24.96 21.38
C LYS A 114 23.71 25.34 22.16
N ILE A 115 24.87 25.02 21.62
CA ILE A 115 26.12 25.42 22.24
C ILE A 115 26.97 26.21 21.27
N GLN A 116 27.80 27.11 21.80
CA GLN A 116 28.75 27.82 20.95
C GLN A 116 29.97 26.94 20.70
N ILE A 117 30.30 26.78 19.43
CA ILE A 117 31.30 25.81 19.02
C ILE A 117 32.55 26.56 18.53
N ILE A 118 32.35 27.69 17.88
CA ILE A 118 33.46 28.55 17.48
C ILE A 118 33.16 29.99 17.84
N PRO A 119 33.86 30.52 18.87
CA PRO A 119 33.59 31.88 19.36
C PRO A 119 33.96 32.92 18.31
N LYS A 120 33.19 34.00 18.25
CA LYS A 120 33.41 35.07 17.29
C LYS A 120 34.76 35.76 17.58
N SER A 121 35.15 35.74 18.85
CA SER A 121 36.43 36.34 19.27
C SER A 121 37.65 35.57 18.77
N SER A 122 37.43 34.34 18.29
CA SER A 122 38.55 33.48 17.92
C SER A 122 38.98 33.71 16.48
N TRP A 123 38.29 34.63 15.79
CA TRP A 123 38.69 34.96 14.43
C TRP A 123 39.74 36.06 14.40
N SER A 124 40.98 35.69 14.72
CA SER A 124 42.07 36.65 14.89
C SER A 124 42.43 37.43 13.63
N ASP A 125 42.43 36.74 12.49
CA ASP A 125 42.93 37.33 11.24
C ASP A 125 41.86 37.60 10.18
N HIS A 126 40.59 37.72 10.60
CA HIS A 126 39.52 38.11 9.68
C HIS A 126 38.54 39.02 10.43
N GLU A 127 37.69 39.71 9.69
CA GLU A 127 36.58 40.44 10.31
C GLU A 127 35.36 39.55 10.57
N ALA A 128 35.06 39.30 11.83
CA ALA A 128 33.95 38.43 12.21
C ALA A 128 32.71 39.22 12.62
N SER A 129 32.78 40.55 12.46
CA SER A 129 31.70 41.40 12.93
C SER A 129 31.24 42.42 11.90
N SER A 130 31.57 42.16 10.64
CA SER A 130 31.15 43.05 9.56
C SER A 130 30.24 42.35 8.55
N GLY A 131 29.89 41.10 8.84
CA GLY A 131 29.08 40.30 7.94
C GLY A 131 27.60 40.43 8.21
N VAL A 132 27.03 41.57 7.79
CA VAL A 132 25.62 41.86 8.01
C VAL A 132 25.02 42.36 6.71
N SER A 133 23.70 42.40 6.64
CA SER A 133 23.01 42.78 5.41
C SER A 133 21.62 43.37 5.68
N SER A 134 21.16 44.19 4.73
CA SER A 134 19.85 44.81 4.84
C SER A 134 18.76 43.78 4.53
N ALA A 135 19.17 42.65 3.98
CA ALA A 135 18.24 41.56 3.73
C ALA A 135 17.86 40.89 5.04
N CYS A 136 18.73 41.06 6.04
CA CYS A 136 18.52 40.50 7.35
C CYS A 136 18.45 41.58 8.43
N PRO A 137 17.42 42.44 8.37
CA PRO A 137 17.39 43.53 9.36
C PRO A 137 17.02 43.03 10.76
N TYR A 138 17.56 43.71 11.76
CA TYR A 138 17.12 43.51 13.14
C TYR A 138 16.98 44.83 13.88
N GLN A 139 15.74 45.17 14.23
CA GLN A 139 15.43 46.45 14.86
C GLN A 139 15.96 47.63 14.05
N GLY A 140 15.59 47.67 12.77
CA GLY A 140 15.89 48.79 11.90
C GLY A 140 17.28 48.82 11.29
N ARG A 141 18.19 48.01 11.81
CA ARG A 141 19.56 48.01 11.30
C ARG A 141 19.99 46.65 10.75
N SER A 142 20.90 46.67 9.78
CA SER A 142 21.37 45.46 9.11
C SER A 142 21.92 44.42 10.07
N SER A 143 21.72 43.14 9.76
CA SER A 143 22.16 42.05 10.62
C SER A 143 22.38 40.79 9.79
N PHE A 144 22.39 39.63 10.45
CA PHE A 144 22.63 38.36 9.76
C PHE A 144 22.18 37.20 10.63
N PHE A 145 22.06 36.02 10.02
CA PHE A 145 21.80 34.76 10.73
C PHE A 145 22.69 34.66 11.97
N ARG A 146 22.11 34.44 13.13
CA ARG A 146 22.86 34.51 14.39
C ARG A 146 23.82 33.34 14.68
N ASN A 147 23.52 32.16 14.13
CA ASN A 147 24.24 30.95 14.52
C ASN A 147 25.44 30.63 13.62
N VAL A 148 25.56 31.35 12.52
CA VAL A 148 26.76 31.29 11.70
C VAL A 148 27.35 32.69 11.51
N VAL A 149 28.59 32.77 11.07
CA VAL A 149 29.22 34.07 10.90
C VAL A 149 29.73 34.31 9.48
N TRP A 150 29.36 35.45 8.91
CA TRP A 150 29.79 35.79 7.57
C TRP A 150 31.15 36.52 7.67
N LEU A 151 32.23 35.74 7.57
CA LEU A 151 33.59 36.27 7.69
C LEU A 151 34.03 37.04 6.43
N ILE A 152 34.73 38.16 6.63
CA ILE A 152 35.29 38.90 5.50
C ILE A 152 36.76 39.29 5.74
N LYS A 153 37.40 39.82 4.70
CA LYS A 153 38.82 40.17 4.77
C LYS A 153 39.16 41.25 5.81
N LYS A 154 40.40 41.21 6.29
CA LYS A 154 40.91 42.15 7.28
C LYS A 154 42.22 42.72 6.77
N ASN A 155 42.30 44.05 6.71
CA ASN A 155 43.46 44.75 6.15
C ASN A 155 43.77 44.27 4.73
N ASN A 156 42.72 44.14 3.93
CA ASN A 156 42.85 43.69 2.54
C ASN A 156 43.58 42.35 2.39
N THR A 157 43.44 41.49 3.39
CA THR A 157 43.96 40.13 3.25
C THR A 157 42.98 39.13 3.88
N TYR A 158 42.88 37.96 3.24
CA TYR A 158 42.07 36.86 3.76
C TYR A 158 42.98 35.64 3.85
N PRO A 159 43.61 35.44 5.02
CA PRO A 159 44.49 34.29 5.19
C PRO A 159 43.65 33.02 5.10
N THR A 160 44.21 31.95 4.54
CA THR A 160 43.42 30.75 4.39
C THR A 160 43.20 30.17 5.78
N ILE A 161 41.97 29.70 6.01
CA ILE A 161 41.54 29.29 7.32
C ILE A 161 41.76 27.80 7.52
N LYS A 162 42.30 27.41 8.67
CA LYS A 162 42.35 26.00 9.03
C LYS A 162 41.83 25.82 10.45
N ARG A 163 40.52 25.61 10.57
CA ARG A 163 39.87 25.56 11.86
C ARG A 163 39.21 24.19 11.98
N SER A 164 39.27 23.60 13.15
CA SER A 164 38.66 22.28 13.32
C SER A 164 38.02 22.12 14.70
N TYR A 165 37.03 21.24 14.77
CA TYR A 165 36.29 21.06 16.01
C TYR A 165 36.03 19.60 16.34
N ASN A 166 36.46 19.17 17.53
CA ASN A 166 36.24 17.81 18.00
C ASN A 166 34.98 17.75 18.88
N ASN A 167 34.02 16.91 18.50
CA ASN A 167 32.81 16.75 19.30
C ASN A 167 33.05 15.90 20.54
N THR A 168 33.40 16.56 21.64
CA THR A 168 33.74 15.87 22.87
C THR A 168 32.51 15.58 23.72
N ASN A 169 31.33 15.87 23.17
CA ASN A 169 30.09 15.62 23.88
C ASN A 169 29.63 14.19 23.71
N GLN A 170 28.64 13.81 24.52
CA GLN A 170 28.08 12.48 24.43
C GLN A 170 27.03 12.42 23.34
N GLU A 171 26.57 13.60 22.94
CA GLU A 171 25.45 13.74 22.00
C GLU A 171 25.92 13.90 20.56
N ASP A 172 25.07 13.49 19.63
CA ASP A 172 25.26 13.83 18.23
C ASP A 172 25.18 15.36 18.17
N LEU A 173 25.86 15.95 17.19
CA LEU A 173 25.94 17.40 17.08
C LEU A 173 25.51 17.85 15.70
N LEU A 174 24.50 18.71 15.63
CA LEU A 174 24.07 19.25 14.33
C LEU A 174 24.85 20.51 13.99
N VAL A 175 25.70 20.43 12.97
CA VAL A 175 26.58 21.52 12.60
C VAL A 175 26.18 22.15 11.28
N LEU A 176 26.03 23.47 11.26
CA LEU A 176 25.63 24.22 10.07
C LEU A 176 26.71 25.19 9.58
N TRP A 177 26.86 25.27 8.26
CA TRP A 177 27.77 26.24 7.65
C TRP A 177 27.28 26.57 6.26
N GLY A 178 27.96 27.49 5.60
CA GLY A 178 27.56 27.87 4.26
C GLY A 178 28.64 28.50 3.41
N ILE A 179 28.27 28.77 2.17
CA ILE A 179 29.14 29.47 1.23
C ILE A 179 28.37 30.62 0.59
N HIS A 180 29.06 31.76 0.43
CA HIS A 180 28.48 32.93 -0.23
C HIS A 180 28.79 32.96 -1.72
N HIS A 181 27.76 33.01 -2.57
CA HIS A 181 27.94 33.21 -4.01
C HIS A 181 27.69 34.69 -4.37
N PRO A 182 28.77 35.45 -4.64
CA PRO A 182 28.66 36.87 -5.04
C PRO A 182 28.05 37.02 -6.43
N ASN A 183 27.91 38.25 -6.91
CA ASN A 183 27.44 38.43 -8.29
C ASN A 183 28.52 38.80 -9.30
N ASP A 184 29.71 39.20 -8.83
CA ASP A 184 30.83 39.48 -9.75
C ASP A 184 32.21 39.46 -9.11
N ALA A 185 33.23 39.44 -9.96
CA ALA A 185 34.62 39.47 -9.52
C ALA A 185 34.95 40.65 -8.61
N ALA A 186 34.29 41.78 -8.87
CA ALA A 186 34.53 42.98 -8.06
C ALA A 186 34.06 42.74 -6.64
N GLU A 187 32.85 42.19 -6.51
CA GLU A 187 32.30 41.88 -5.20
C GLU A 187 33.16 40.83 -4.51
N GLN A 188 33.62 39.86 -5.29
CA GLN A 188 34.51 38.82 -4.78
C GLN A 188 35.73 39.43 -4.10
N THR A 189 36.55 40.14 -4.87
CA THR A 189 37.77 40.74 -4.33
C THR A 189 37.50 41.76 -3.20
N ARG A 190 36.41 42.49 -3.29
CA ARG A 190 36.07 43.45 -2.24
C ARG A 190 35.74 42.81 -0.88
N LEU A 191 35.07 41.66 -0.90
CA LEU A 191 34.69 40.97 0.33
C LEU A 191 35.83 40.09 0.82
N TYR A 192 36.40 39.35 -0.12
CA TYR A 192 37.47 38.41 0.17
C TYR A 192 38.51 38.63 -0.92
N GLN A 193 39.68 39.13 -0.55
CA GLN A 193 40.69 39.53 -1.51
C GLN A 193 40.93 38.52 -2.64
N ASN A 194 41.04 37.26 -2.25
CA ASN A 194 41.39 36.20 -3.18
C ASN A 194 40.30 35.99 -4.21
N PRO A 195 40.68 35.90 -5.48
CA PRO A 195 39.71 35.81 -6.58
C PRO A 195 39.23 34.40 -6.80
N THR A 196 40.07 33.42 -6.48
CA THR A 196 39.77 32.02 -6.75
C THR A 196 39.71 31.20 -5.45
N THR A 197 38.50 30.97 -4.96
CA THR A 197 38.33 30.46 -3.61
C THR A 197 37.65 29.09 -3.54
N TYR A 198 37.69 28.51 -2.35
CA TYR A 198 37.09 27.22 -2.11
C TYR A 198 36.76 27.11 -0.64
N ILE A 199 35.91 26.13 -0.32
CA ILE A 199 35.72 25.72 1.06
C ILE A 199 35.78 24.20 1.10
N SER A 200 36.73 23.65 1.85
CA SER A 200 36.73 22.21 2.04
C SER A 200 36.29 21.86 3.46
N VAL A 201 35.48 20.81 3.56
CA VAL A 201 34.97 20.34 4.83
C VAL A 201 35.15 18.84 4.86
N GLY A 202 35.73 18.35 5.95
CA GLY A 202 35.86 16.92 6.16
C GLY A 202 35.45 16.44 7.54
N THR A 203 34.87 15.24 7.59
CA THR A 203 34.68 14.49 8.85
C THR A 203 35.06 13.03 8.57
N SER A 204 34.57 12.09 9.37
CA SER A 204 34.89 10.68 9.10
C SER A 204 34.24 10.28 7.80
N THR A 205 33.15 10.96 7.51
CA THR A 205 32.24 10.55 6.47
C THR A 205 32.12 11.58 5.35
N LEU A 206 32.46 12.83 5.66
CA LEU A 206 32.26 13.92 4.72
C LEU A 206 33.57 14.34 4.06
N ASN A 207 33.53 14.50 2.74
CA ASN A 207 34.70 14.89 1.97
C ASN A 207 34.23 15.91 0.92
N GLN A 208 34.02 17.13 1.38
CA GLN A 208 33.40 18.16 0.55
C GLN A 208 34.39 19.28 0.13
N ARG A 209 34.23 19.76 -1.11
CA ARG A 209 34.95 20.93 -1.59
C ARG A 209 34.03 21.83 -2.44
N LEU A 210 33.70 22.99 -1.90
CA LEU A 210 32.81 23.95 -2.53
C LEU A 210 33.61 25.08 -3.14
N VAL A 211 33.19 25.52 -4.33
CA VAL A 211 33.70 26.76 -4.90
C VAL A 211 32.53 27.66 -5.26
N PRO A 212 32.66 28.96 -4.98
CA PRO A 212 31.60 29.93 -5.24
C PRO A 212 31.26 29.99 -6.72
N LYS A 213 29.99 30.21 -7.02
CA LYS A 213 29.54 30.45 -8.39
C LYS A 213 29.15 31.92 -8.59
N LEU A 214 29.89 32.63 -9.43
CA LEU A 214 29.56 34.01 -9.80
C LEU A 214 28.57 34.00 -10.94
N ALA A 215 27.50 34.79 -10.81
CA ALA A 215 26.46 34.88 -11.84
C ALA A 215 25.55 36.07 -11.60
N THR A 216 24.84 36.51 -12.64
CA THR A 216 23.91 37.62 -12.47
C THR A 216 22.49 37.06 -12.25
N ARG A 217 21.93 37.37 -11.08
CA ARG A 217 20.66 36.82 -10.66
C ARG A 217 19.68 37.95 -10.35
N SER A 218 18.40 37.61 -10.29
CA SER A 218 17.39 38.59 -9.94
C SER A 218 17.45 38.85 -8.44
N LYS A 219 17.09 40.07 -8.05
CA LYS A 219 17.11 40.42 -6.64
C LYS A 219 15.97 39.73 -5.88
N VAL A 220 16.34 39.08 -4.78
CA VAL A 220 15.37 38.55 -3.84
C VAL A 220 15.74 39.18 -2.52
N ASN A 221 14.74 39.68 -1.80
CA ASN A 221 14.99 40.50 -0.60
C ASN A 221 16.09 41.55 -0.81
N GLY A 222 16.14 42.12 -2.02
CA GLY A 222 17.10 43.17 -2.32
C GLY A 222 18.51 42.70 -2.63
N GLN A 223 18.69 41.38 -2.80
CA GLN A 223 20.04 40.84 -3.03
C GLN A 223 20.12 39.96 -4.27
N SER A 224 21.22 40.10 -5.02
CA SER A 224 21.44 39.22 -6.15
C SER A 224 22.46 38.13 -5.82
N GLY A 225 23.08 38.25 -4.66
CA GLY A 225 23.97 37.23 -4.15
C GLY A 225 23.15 36.12 -3.54
N ARG A 226 23.80 34.99 -3.29
CA ARG A 226 23.12 33.87 -2.64
C ARG A 226 23.97 33.29 -1.52
N MET A 227 23.31 32.88 -0.44
CA MET A 227 23.93 32.07 0.59
C MET A 227 23.44 30.63 0.47
N GLU A 228 24.37 29.69 0.34
CA GLU A 228 24.00 28.27 0.26
C GLU A 228 24.48 27.54 1.52
N PHE A 229 23.54 26.97 2.27
CA PHE A 229 23.91 26.36 3.54
C PHE A 229 23.95 24.84 3.51
N PHE A 230 24.76 24.29 4.40
CA PHE A 230 24.96 22.85 4.51
C PHE A 230 24.91 22.42 5.96
N TRP A 231 24.67 21.13 6.18
CA TRP A 231 24.61 20.58 7.53
C TRP A 231 25.20 19.19 7.58
N THR A 232 25.54 18.74 8.77
CA THR A 232 25.95 17.36 8.97
C THR A 232 25.70 17.05 10.42
N ILE A 233 25.65 15.77 10.72
CA ILE A 233 25.59 15.32 12.11
C ILE A 233 27.01 14.91 12.49
N LEU A 234 27.58 15.57 13.49
CA LEU A 234 28.91 15.21 13.95
C LEU A 234 28.76 14.16 15.03
N LYS A 235 29.32 12.98 14.80
CA LYS A 235 29.28 11.93 15.79
C LYS A 235 30.16 12.32 16.99
N PRO A 236 29.79 11.86 18.19
CA PRO A 236 30.65 12.07 19.35
C PRO A 236 32.02 11.50 19.08
N ASN A 237 33.07 12.22 19.49
CA ASN A 237 34.47 11.83 19.28
C ASN A 237 34.98 12.01 17.87
N ASP A 238 34.13 12.43 16.95
CA ASP A 238 34.60 12.77 15.63
C ASP A 238 34.89 14.27 15.53
N ALA A 239 35.67 14.65 14.53
CA ALA A 239 36.02 16.05 14.34
C ALA A 239 35.61 16.51 12.95
N ILE A 240 35.35 17.80 12.82
CA ILE A 240 35.05 18.39 11.52
C ILE A 240 36.16 19.37 11.19
N ASN A 241 36.65 19.32 9.96
CA ASN A 241 37.77 20.18 9.57
C ASN A 241 37.41 21.12 8.43
N PHE A 242 37.52 22.42 8.68
CA PHE A 242 37.26 23.42 7.64
C PHE A 242 38.55 24.03 7.13
N GLU A 243 38.63 24.17 5.81
CA GLU A 243 39.68 24.95 5.19
C GLU A 243 39.06 25.85 4.12
N SER A 244 39.49 27.11 4.08
CA SER A 244 38.85 28.10 3.22
C SER A 244 39.67 29.38 3.09
N ASN A 245 39.75 29.88 1.86
CA ASN A 245 40.38 31.16 1.60
C ASN A 245 39.36 32.20 1.13
N GLY A 246 38.11 32.03 1.55
CA GLY A 246 37.09 33.02 1.25
C GLY A 246 35.69 32.46 1.10
N ASN A 247 34.69 33.33 1.13
CA ASN A 247 33.28 32.96 0.95
C ASN A 247 32.69 31.98 2.00
N PHE A 248 33.42 31.78 3.09
CA PHE A 248 33.06 30.83 4.13
C PHE A 248 32.07 31.44 5.10
N ILE A 249 30.90 30.82 5.24
CA ILE A 249 29.99 31.24 6.30
C ILE A 249 30.18 30.23 7.41
N ALA A 250 30.97 30.60 8.42
CA ALA A 250 31.44 29.65 9.41
C ALA A 250 30.43 29.35 10.51
N PRO A 251 30.51 28.14 11.07
CA PRO A 251 29.69 27.84 12.25
C PRO A 251 30.03 28.76 13.42
N GLU A 252 29.05 29.08 14.26
CA GLU A 252 29.30 29.72 15.54
C GLU A 252 28.60 28.90 16.59
N ASN A 253 27.35 28.53 16.32
CA ASN A 253 26.56 27.69 17.20
C ASN A 253 26.14 26.40 16.53
N ALA A 254 26.11 25.34 17.32
CA ALA A 254 25.72 24.05 16.82
C ALA A 254 24.71 23.47 17.81
N TYR A 255 24.08 22.34 17.47
CA TYR A 255 22.98 21.82 18.28
C TYR A 255 23.25 20.43 18.80
N LYS A 256 23.34 20.30 20.12
CA LYS A 256 23.46 18.99 20.74
C LYS A 256 22.11 18.30 20.72
N ILE A 257 22.05 17.12 20.09
CA ILE A 257 20.83 16.34 20.10
C ILE A 257 20.72 15.64 21.45
N VAL A 258 19.89 16.20 22.33
CA VAL A 258 19.82 15.72 23.70
C VAL A 258 18.53 15.00 24.08
N LYS A 259 17.67 14.75 23.10
CA LYS A 259 16.52 13.91 23.33
C LYS A 259 15.91 13.47 22.02
N LYS A 260 15.98 12.16 21.76
CA LYS A 260 15.35 11.59 20.60
C LYS A 260 14.01 10.99 21.05
N GLY A 261 13.05 10.93 20.14
CA GLY A 261 11.75 10.37 20.44
C GLY A 261 10.81 10.64 19.30
N ASP A 262 9.63 10.03 19.34
CA ASP A 262 8.66 10.21 18.28
C ASP A 262 8.08 11.62 18.27
N SER A 263 8.08 12.23 17.09
CA SER A 263 7.66 13.61 16.95
C SER A 263 7.22 13.81 15.50
N THR A 264 6.80 15.03 15.17
CA THR A 264 6.41 15.31 13.80
C THR A 264 6.46 16.79 13.56
N ILE A 265 6.42 17.17 12.28
CA ILE A 265 6.24 18.55 11.88
C ILE A 265 4.87 18.73 11.22
N MET A 266 3.98 19.44 11.91
CA MET A 266 2.64 19.73 11.42
C MET A 266 2.59 21.03 10.64
N LYS A 267 2.02 20.96 9.45
CA LYS A 267 1.70 22.15 8.68
C LYS A 267 0.32 22.66 9.10
N SER A 268 0.28 23.83 9.74
CA SER A 268 -0.97 24.37 10.28
C SER A 268 -0.86 25.89 10.51
N GLU A 269 -1.96 26.60 10.25
CA GLU A 269 -2.00 28.04 10.48
C GLU A 269 -2.44 28.36 11.91
N LEU A 270 -2.92 27.36 12.62
CA LEU A 270 -3.38 27.54 13.99
C LEU A 270 -2.25 27.96 14.92
N GLU A 271 -2.60 28.63 16.00
CA GLU A 271 -1.62 29.00 16.99
C GLU A 271 -1.86 28.14 18.22
N TYR A 272 -1.04 28.32 19.24
CA TYR A 272 -1.17 27.59 20.48
C TYR A 272 -2.49 27.87 21.17
N GLY A 273 -3.31 26.84 21.34
CA GLY A 273 -4.45 26.92 22.23
C GLY A 273 -3.87 26.54 23.56
N ASN A 274 -4.47 26.95 24.67
CA ASN A 274 -3.82 26.66 25.94
C ASN A 274 -4.39 25.44 26.62
N CYS A 275 -4.39 24.33 25.87
CA CYS A 275 -5.02 23.11 26.32
C CYS A 275 -4.02 21.97 26.35
N ASN A 276 -4.49 20.81 26.83
CA ASN A 276 -3.68 19.60 26.82
C ASN A 276 -4.50 18.46 26.21
N THR A 277 -3.82 17.59 25.46
CA THR A 277 -4.51 16.49 24.79
C THR A 277 -3.67 15.24 24.82
N LYS A 278 -4.25 14.14 24.36
CA LYS A 278 -3.53 12.89 24.19
C LYS A 278 -3.42 12.59 22.71
N CYS A 279 -4.12 13.38 21.90
CA CYS A 279 -4.18 13.15 20.47
C CYS A 279 -4.39 14.45 19.72
N GLN A 280 -3.45 14.78 18.83
CA GLN A 280 -3.42 16.07 18.13
C GLN A 280 -3.48 15.90 16.61
N THR A 281 -4.18 16.80 15.93
CA THR A 281 -4.17 16.88 14.48
C THR A 281 -3.89 18.34 14.08
N PRO A 282 -3.51 18.58 12.80
CA PRO A 282 -3.22 19.96 12.39
C PRO A 282 -4.41 20.92 12.45
N ILE A 283 -5.64 20.42 12.63
CA ILE A 283 -6.78 21.31 12.66
C ILE A 283 -7.47 21.35 14.03
N GLY A 284 -6.96 20.53 14.95
CA GLY A 284 -7.47 20.50 16.31
C GLY A 284 -7.21 19.18 17.02
N ALA A 285 -7.41 19.18 18.33
CA ALA A 285 -7.17 17.99 19.15
C ALA A 285 -8.41 17.11 19.31
N ILE A 286 -8.18 15.86 19.69
CA ILE A 286 -9.24 14.87 19.84
C ILE A 286 -9.28 14.30 21.24
N ASN A 287 -10.43 14.36 21.89
CA ASN A 287 -10.66 13.69 23.15
C ASN A 287 -11.78 12.66 22.93
N SER A 288 -11.40 11.39 22.87
CA SER A 288 -12.36 10.38 22.45
C SER A 288 -12.01 8.96 22.88
N SER A 289 -13.02 8.10 22.88
CA SER A 289 -12.83 6.70 23.21
C SER A 289 -13.27 5.85 22.01
N MET A 290 -13.77 6.52 20.98
CA MET A 290 -14.11 5.86 19.73
C MET A 290 -12.90 5.14 19.15
N PRO A 291 -13.14 4.06 18.40
CA PRO A 291 -12.05 3.36 17.71
C PRO A 291 -11.75 3.98 16.36
N PHE A 292 -12.60 4.90 15.90
CA PHE A 292 -12.39 5.59 14.63
C PHE A 292 -12.68 7.09 14.71
N HIS A 293 -11.98 7.86 13.88
CA HIS A 293 -12.31 9.26 13.68
C HIS A 293 -12.18 9.61 12.21
N ASN A 294 -12.74 10.74 11.80
CA ASN A 294 -12.65 11.18 10.41
C ASN A 294 -12.16 12.62 10.30
N ILE A 295 -11.38 13.04 11.29
CA ILE A 295 -10.98 14.44 11.41
C ILE A 295 -9.83 14.87 10.51
N HIS A 296 -8.71 14.17 10.61
CA HIS A 296 -7.56 14.43 9.76
C HIS A 296 -6.66 13.19 9.71
N PRO A 297 -6.10 12.88 8.53
CA PRO A 297 -5.15 11.77 8.41
C PRO A 297 -3.89 11.94 9.26
N LEU A 298 -3.36 13.16 9.37
CA LEU A 298 -2.08 13.37 10.05
C LEU A 298 -2.24 13.56 11.56
N THR A 299 -1.69 12.63 12.34
CA THR A 299 -2.06 12.52 13.73
C THR A 299 -0.86 12.18 14.60
N ILE A 300 -0.86 12.65 15.84
CA ILE A 300 0.19 12.28 16.77
C ILE A 300 -0.37 12.06 18.17
N GLY A 301 0.10 11.00 18.82
CA GLY A 301 -0.35 10.63 20.14
C GLY A 301 -1.12 9.32 20.16
N GLU A 302 -1.87 9.10 21.24
CA GLU A 302 -2.71 7.92 21.37
C GLU A 302 -4.06 8.21 20.73
N CYS A 303 -4.21 7.79 19.48
CA CYS A 303 -5.31 8.26 18.64
C CYS A 303 -6.24 7.14 18.15
N PRO A 304 -7.47 7.50 17.75
CA PRO A 304 -8.34 6.54 17.06
C PRO A 304 -7.84 6.35 15.64
N LYS A 305 -8.34 5.36 14.91
CA LYS A 305 -7.89 5.13 13.55
C LYS A 305 -8.64 6.00 12.55
N TYR A 306 -7.90 6.68 11.69
CA TYR A 306 -8.51 7.60 10.75
C TYR A 306 -9.22 6.84 9.65
N VAL A 307 -10.30 7.44 9.15
CA VAL A 307 -11.13 6.80 8.16
C VAL A 307 -11.85 7.90 7.39
N LYS A 308 -12.25 7.62 6.16
CA LYS A 308 -12.92 8.61 5.33
C LYS A 308 -14.45 8.69 5.48
N SER A 309 -15.01 7.80 6.30
CA SER A 309 -16.45 7.75 6.52
C SER A 309 -16.95 8.97 7.28
N ASN A 310 -18.14 9.44 6.94
CA ASN A 310 -18.79 10.46 7.74
C ASN A 310 -19.86 9.88 8.66
N ARG A 311 -19.98 8.55 8.67
CA ARG A 311 -20.89 7.82 9.56
C ARG A 311 -20.52 6.36 9.74
N LEU A 312 -20.28 5.96 10.98
CA LEU A 312 -20.11 4.56 11.34
C LEU A 312 -20.91 4.21 12.59
N VAL A 313 -22.02 3.49 12.41
CA VAL A 313 -22.87 3.10 13.52
C VAL A 313 -23.21 1.60 13.53
N LEU A 314 -22.84 0.94 14.61
CA LEU A 314 -23.04 -0.49 14.78
C LEU A 314 -24.42 -0.73 15.39
N ALA A 315 -25.05 -1.83 15.00
CA ALA A 315 -26.28 -2.25 15.65
C ALA A 315 -25.96 -3.09 16.88
N THR A 316 -26.62 -2.79 17.99
CA THR A 316 -26.56 -3.63 19.18
C THR A 316 -27.89 -4.35 19.41
N GLY A 317 -28.99 -3.60 19.36
CA GLY A 317 -30.32 -4.13 19.57
C GLY A 317 -30.95 -4.62 18.28
N LEU A 318 -32.25 -4.90 18.33
CA LEU A 318 -32.98 -5.47 17.20
C LEU A 318 -33.82 -4.45 16.44
N ARG A 319 -34.42 -4.88 15.33
CA ARG A 319 -35.23 -3.97 14.52
C ARG A 319 -36.42 -3.39 15.27
N ASN A 320 -36.61 -2.08 15.13
CA ASN A 320 -37.67 -1.36 15.83
C ASN A 320 -38.79 -0.93 14.88
N SER A 321 -40.04 -1.00 15.36
CA SER A 321 -41.18 -0.55 14.56
C SER A 321 -42.26 0.13 15.41
N SER B 1 -41.70 -48.39 24.65
CA SER B 1 -42.17 -47.82 23.39
C SER B 1 -41.02 -47.35 22.45
N ASP B 2 -41.17 -47.62 21.16
CA ASP B 2 -40.13 -47.37 20.16
C ASP B 2 -39.89 -45.89 19.89
N GLN B 3 -38.62 -45.53 19.73
CA GLN B 3 -38.25 -44.14 19.46
C GLN B 3 -36.93 -43.97 18.70
N ILE B 4 -36.80 -42.83 18.03
CA ILE B 4 -35.57 -42.49 17.34
C ILE B 4 -35.12 -41.06 17.70
N CYS B 5 -33.81 -40.86 17.85
CA CYS B 5 -33.27 -39.56 18.22
C CYS B 5 -32.31 -39.00 17.18
N ILE B 6 -32.30 -37.68 17.01
CA ILE B 6 -31.34 -37.02 16.14
C ILE B 6 -30.34 -36.26 16.99
N GLY B 7 -29.05 -36.48 16.72
CA GLY B 7 -28.00 -35.82 17.47
C GLY B 7 -26.73 -35.54 16.68
N TYR B 8 -25.74 -34.97 17.36
CA TYR B 8 -24.50 -34.61 16.70
C TYR B 8 -23.29 -35.25 17.38
N HIS B 9 -22.14 -35.17 16.70
CA HIS B 9 -20.90 -35.74 17.18
C HIS B 9 -20.40 -35.02 18.43
N ALA B 10 -19.54 -35.71 19.18
CA ALA B 10 -18.81 -35.12 20.29
C ALA B 10 -17.56 -35.95 20.55
N ASN B 11 -16.52 -35.32 21.08
CA ASN B 11 -15.30 -36.05 21.42
C ASN B 11 -14.55 -35.43 22.60
N ASN B 12 -13.26 -35.79 22.73
CA ASN B 12 -12.44 -35.33 23.84
C ASN B 12 -11.49 -34.18 23.47
N SER B 13 -11.81 -33.50 22.37
CA SER B 13 -10.98 -32.42 21.85
C SER B 13 -11.04 -31.18 22.73
N THR B 14 -9.87 -30.61 23.03
CA THR B 14 -9.80 -29.40 23.83
C THR B 14 -9.42 -28.19 22.96
N GLU B 15 -9.38 -28.41 21.65
CA GLU B 15 -8.98 -27.35 20.73
C GLU B 15 -10.03 -26.25 20.59
N GLN B 16 -9.58 -25.01 20.70
CA GLN B 16 -10.47 -23.86 20.67
C GLN B 16 -10.29 -23.05 19.40
N VAL B 17 -11.32 -22.30 19.03
CA VAL B 17 -11.22 -21.31 17.97
C VAL B 17 -11.88 -20.03 18.45
N ASP B 18 -11.69 -18.94 17.70
CA ASP B 18 -12.31 -17.68 18.08
C ASP B 18 -13.36 -17.32 17.02
N THR B 19 -14.35 -16.55 17.43
CA THR B 19 -15.34 -16.02 16.52
C THR B 19 -15.47 -14.57 16.83
N ILE B 20 -16.24 -13.86 16.03
CA ILE B 20 -16.47 -12.45 16.28
C ILE B 20 -17.26 -12.26 17.59
N MET B 21 -18.16 -13.19 17.88
CA MET B 21 -19.02 -13.10 19.05
C MET B 21 -18.61 -13.97 20.24
N GLU B 22 -17.57 -14.79 20.08
CA GLU B 22 -17.13 -15.60 21.20
C GLU B 22 -15.68 -16.08 21.08
N LYS B 23 -14.89 -15.85 22.13
CA LYS B 23 -13.49 -16.26 22.15
C LYS B 23 -13.38 -17.64 22.80
N ASN B 24 -12.22 -18.27 22.63
CA ASN B 24 -11.91 -19.56 23.28
C ASN B 24 -13.05 -20.58 23.21
N VAL B 25 -13.56 -20.83 21.99
CA VAL B 25 -14.67 -21.76 21.81
C VAL B 25 -14.20 -23.18 21.44
N THR B 26 -14.34 -24.11 22.39
CA THR B 26 -13.93 -25.48 22.16
C THR B 26 -14.78 -26.16 21.09
N VAL B 27 -14.11 -26.74 20.09
CA VAL B 27 -14.80 -27.44 19.01
C VAL B 27 -14.24 -28.86 18.86
N THR B 28 -14.91 -29.65 18.04
CA THR B 28 -14.53 -31.05 17.88
C THR B 28 -13.27 -31.16 17.03
N HIS B 29 -13.29 -30.45 15.91
CA HIS B 29 -12.17 -30.47 14.97
C HIS B 29 -11.77 -29.06 14.54
N ALA B 30 -10.48 -28.86 14.32
CA ALA B 30 -9.97 -27.56 13.88
C ALA B 30 -8.74 -27.76 12.98
N GLN B 31 -8.34 -26.70 12.28
CA GLN B 31 -7.17 -26.78 11.43
C GLN B 31 -6.27 -25.56 11.60
N ASP B 32 -5.08 -25.81 12.13
CA ASP B 32 -4.06 -24.77 12.23
C ASP B 32 -3.59 -24.44 10.80
N ILE B 33 -3.41 -23.15 10.52
CA ILE B 33 -2.99 -22.73 9.20
C ILE B 33 -1.85 -21.70 9.29
N LEU B 34 -1.25 -21.61 10.47
CA LEU B 34 -0.19 -20.65 10.73
C LEU B 34 1.07 -21.38 11.16
N GLU B 35 2.08 -21.38 10.29
CA GLU B 35 3.38 -21.94 10.63
C GLU B 35 4.08 -21.03 11.62
N LYS B 36 4.60 -21.61 12.69
CA LYS B 36 5.29 -20.83 13.72
C LYS B 36 6.68 -21.35 14.02
N THR B 37 7.17 -22.23 13.15
CA THR B 37 8.40 -22.98 13.41
C THR B 37 9.43 -22.88 12.28
N HIS B 38 10.67 -22.57 12.65
CA HIS B 38 11.78 -22.53 11.70
C HIS B 38 13.01 -23.27 12.25
N ASN B 39 13.88 -23.73 11.36
CA ASN B 39 15.04 -24.52 11.77
C ASN B 39 16.22 -23.73 12.32
N GLY B 40 16.10 -22.40 12.30
CA GLY B 40 17.15 -21.53 12.81
C GLY B 40 18.46 -21.60 12.06
N LYS B 41 18.40 -21.98 10.80
CA LYS B 41 19.61 -22.15 10.00
C LYS B 41 19.54 -21.46 8.64
N LEU B 42 20.71 -21.22 8.06
CA LEU B 42 20.79 -20.72 6.69
C LEU B 42 21.13 -21.90 5.79
N CYS B 43 20.25 -22.18 4.84
CA CYS B 43 20.39 -23.38 4.03
C CYS B 43 20.59 -23.06 2.56
N ASP B 44 20.90 -24.10 1.79
CA ASP B 44 20.78 -24.03 0.35
C ASP B 44 19.32 -23.76 -0.02
N LEU B 45 19.11 -23.09 -1.14
CA LEU B 45 17.78 -22.86 -1.65
C LEU B 45 17.60 -23.72 -2.88
N ASP B 46 16.86 -24.83 -2.73
CA ASP B 46 16.70 -25.84 -3.77
C ASP B 46 18.04 -26.41 -4.22
N GLY B 47 18.90 -26.76 -3.27
CA GLY B 47 20.17 -27.37 -3.59
C GLY B 47 21.32 -26.40 -3.90
N VAL B 48 21.00 -25.16 -4.25
CA VAL B 48 22.06 -24.20 -4.58
C VAL B 48 22.48 -23.32 -3.39
N LYS B 49 23.77 -23.33 -3.07
CA LYS B 49 24.24 -22.74 -1.85
C LYS B 49 24.25 -21.21 -1.89
N PRO B 50 23.87 -20.58 -0.77
CA PRO B 50 23.95 -19.13 -0.77
C PRO B 50 25.41 -18.66 -0.68
N LEU B 51 25.66 -17.41 -1.08
CA LEU B 51 26.96 -16.80 -0.91
C LEU B 51 27.04 -16.15 0.46
N ILE B 52 27.78 -16.77 1.37
CA ILE B 52 27.88 -16.23 2.71
C ILE B 52 29.14 -15.40 2.82
N LEU B 53 28.98 -14.10 2.60
CA LEU B 53 30.01 -13.14 2.97
C LEU B 53 30.16 -13.34 4.47
N ARG B 54 31.39 -13.31 4.96
CA ARG B 54 31.54 -13.57 6.38
C ARG B 54 31.65 -12.24 7.07
N ASP B 55 32.88 -11.80 7.28
CA ASP B 55 33.11 -10.49 7.84
C ASP B 55 33.41 -9.49 6.72
N CYS B 56 33.07 -9.87 5.51
CA CYS B 56 33.23 -9.03 4.34
C CYS B 56 31.92 -8.37 3.89
N SER B 57 32.02 -7.14 3.41
CA SER B 57 30.89 -6.46 2.82
C SER B 57 30.85 -6.72 1.32
N VAL B 58 29.79 -6.27 0.66
CA VAL B 58 29.73 -6.36 -0.80
C VAL B 58 30.89 -5.55 -1.46
N ALA B 59 31.18 -4.38 -0.91
CA ALA B 59 32.32 -3.58 -1.39
C ALA B 59 33.65 -4.29 -1.23
N GLY B 60 33.89 -4.87 -0.06
CA GLY B 60 35.11 -5.62 0.20
C GLY B 60 35.25 -6.76 -0.79
N TRP B 61 34.15 -7.48 -1.00
CA TRP B 61 34.15 -8.61 -1.91
C TRP B 61 34.50 -8.16 -3.33
N LEU B 62 33.72 -7.23 -3.87
CA LEU B 62 33.83 -6.86 -5.28
C LEU B 62 35.13 -6.11 -5.61
N LEU B 63 35.55 -5.22 -4.72
CA LEU B 63 36.79 -4.48 -4.90
C LEU B 63 38.01 -5.38 -4.67
N GLY B 64 37.80 -6.43 -3.88
CA GLY B 64 38.85 -7.39 -3.56
C GLY B 64 39.71 -6.98 -2.38
N ASN B 65 39.07 -6.59 -1.28
CA ASN B 65 39.78 -6.37 -0.03
C ASN B 65 40.56 -7.65 0.27
N PRO B 66 41.86 -7.51 0.58
CA PRO B 66 42.77 -8.63 0.78
C PRO B 66 42.27 -9.61 1.84
N MET B 67 41.51 -9.11 2.81
CA MET B 67 40.95 -9.99 3.81
C MET B 67 39.75 -10.82 3.36
N CYS B 68 39.33 -10.63 2.11
CA CYS B 68 38.15 -11.28 1.59
C CYS B 68 38.50 -12.28 0.48
N ASP B 69 39.74 -12.75 0.51
CA ASP B 69 40.29 -13.57 -0.58
C ASP B 69 39.48 -14.83 -0.82
N GLU B 70 38.75 -15.26 0.21
CA GLU B 70 37.85 -16.40 0.12
C GLU B 70 36.87 -16.29 -1.05
N PHE B 71 36.58 -15.05 -1.45
CA PHE B 71 35.53 -14.80 -2.42
C PHE B 71 36.09 -14.31 -3.75
N LEU B 72 37.36 -14.60 -3.98
CA LEU B 72 38.04 -14.15 -5.18
C LEU B 72 37.34 -14.63 -6.46
N ASN B 73 36.90 -15.88 -6.48
CA ASN B 73 36.17 -16.44 -7.63
C ASN B 73 34.99 -17.32 -7.23
N VAL B 74 33.91 -16.65 -6.88
CA VAL B 74 32.75 -17.23 -6.23
C VAL B 74 31.84 -17.96 -7.22
N PRO B 75 31.35 -19.15 -6.82
CA PRO B 75 30.43 -19.99 -7.61
C PRO B 75 29.02 -19.44 -7.57
N GLU B 76 28.14 -20.02 -8.36
CA GLU B 76 26.74 -19.58 -8.42
C GLU B 76 26.09 -19.61 -7.03
N TRP B 77 25.28 -18.59 -6.75
CA TRP B 77 24.58 -18.52 -5.48
C TRP B 77 23.08 -18.44 -5.65
N SER B 78 22.36 -18.78 -4.58
CA SER B 78 20.92 -18.69 -4.58
C SER B 78 20.54 -17.34 -3.98
N TYR B 79 21.18 -17.00 -2.87
CA TYR B 79 21.00 -15.69 -2.26
C TYR B 79 22.30 -15.27 -1.57
N ILE B 80 22.35 -14.00 -1.14
CA ILE B 80 23.56 -13.49 -0.50
C ILE B 80 23.31 -13.12 0.95
N VAL B 81 24.20 -13.54 1.84
CA VAL B 81 24.11 -13.18 3.25
C VAL B 81 25.25 -12.26 3.68
N GLU B 82 24.90 -11.13 4.27
CA GLU B 82 25.85 -10.12 4.72
C GLU B 82 25.50 -9.76 6.15
N LYS B 83 26.51 -9.62 6.99
CA LYS B 83 26.30 -9.23 8.38
C LYS B 83 25.85 -7.79 8.44
N ILE B 84 25.27 -7.40 9.58
CA ILE B 84 24.73 -6.07 9.76
C ILE B 84 25.80 -5.01 9.56
N ASN B 85 27.01 -5.33 10.01
CA ASN B 85 28.11 -4.38 10.03
C ASN B 85 29.45 -5.06 9.80
N PRO B 86 29.68 -5.57 8.58
CA PRO B 86 30.88 -6.37 8.26
C PRO B 86 32.16 -5.66 8.68
N VAL B 87 33.12 -6.39 9.24
CA VAL B 87 34.38 -5.81 9.69
C VAL B 87 35.27 -5.42 8.50
N ASN B 88 35.29 -6.27 7.47
CA ASN B 88 36.16 -6.09 6.30
C ASN B 88 35.43 -5.43 5.18
N ASP B 89 35.46 -4.10 5.16
CA ASP B 89 34.74 -3.33 4.15
C ASP B 89 35.72 -2.60 3.21
N LEU B 90 35.86 -1.29 3.43
CA LEU B 90 36.86 -0.52 2.69
C LEU B 90 38.07 -0.36 3.58
N CYS B 91 39.11 -1.17 3.32
CA CYS B 91 40.28 -1.18 4.19
C CYS B 91 40.99 0.19 4.13
N TYR B 92 41.22 0.66 2.91
CA TYR B 92 41.55 2.06 2.71
C TYR B 92 40.24 2.84 2.72
N PRO B 93 40.09 3.77 3.68
CA PRO B 93 38.85 4.54 3.89
C PRO B 93 38.46 5.38 2.66
N GLY B 94 37.17 5.69 2.54
CA GLY B 94 36.65 6.39 1.39
C GLY B 94 35.17 6.10 1.23
N ASN B 95 34.71 6.01 -0.02
CA ASN B 95 33.31 5.78 -0.29
C ASN B 95 33.13 5.13 -1.64
N PHE B 96 32.03 4.40 -1.77
CA PHE B 96 31.64 3.69 -2.98
C PHE B 96 30.39 4.40 -3.49
N ASN B 97 30.51 5.07 -4.63
CA ASN B 97 29.38 5.76 -5.28
C ASN B 97 28.22 4.87 -5.76
N ASP B 98 27.00 5.31 -5.47
CA ASP B 98 25.78 4.55 -5.81
C ASP B 98 25.85 3.11 -5.32
N TYR B 99 26.27 2.94 -4.08
CA TYR B 99 26.44 1.63 -3.47
C TYR B 99 25.12 0.88 -3.37
N GLU B 100 24.09 1.56 -2.89
CA GLU B 100 22.79 0.94 -2.71
C GLU B 100 22.17 0.54 -4.03
N GLU B 101 22.39 1.33 -5.08
CA GLU B 101 21.91 0.98 -6.41
C GLU B 101 22.64 -0.25 -6.96
N LEU B 102 23.91 -0.40 -6.61
CA LEU B 102 24.69 -1.55 -7.02
C LEU B 102 24.23 -2.79 -6.26
N LYS B 103 24.06 -2.67 -4.95
CA LYS B 103 23.54 -3.77 -4.14
C LYS B 103 22.17 -4.23 -4.63
N HIS B 104 21.38 -3.29 -5.11
CA HIS B 104 20.09 -3.61 -5.66
C HIS B 104 20.26 -4.41 -6.93
N LEU B 105 21.20 -4.01 -7.77
CA LEU B 105 21.53 -4.74 -8.99
C LEU B 105 21.92 -6.18 -8.65
N LEU B 106 22.66 -6.34 -7.56
CA LEU B 106 23.19 -7.63 -7.13
C LEU B 106 22.08 -8.62 -6.82
N SER B 107 20.95 -8.08 -6.39
CA SER B 107 19.79 -8.88 -6.05
C SER B 107 19.11 -9.51 -7.25
N ARG B 108 19.57 -9.17 -8.46
CA ARG B 108 19.02 -9.75 -9.68
C ARG B 108 20.07 -10.62 -10.37
N ILE B 109 21.16 -10.90 -9.66
CA ILE B 109 22.29 -11.60 -10.23
C ILE B 109 22.59 -12.88 -9.45
N ASN B 110 22.87 -13.96 -10.16
CA ASN B 110 23.13 -15.24 -9.51
C ASN B 110 24.56 -15.70 -9.66
N HIS B 111 25.24 -15.17 -10.67
CA HIS B 111 26.60 -15.60 -10.95
C HIS B 111 27.44 -14.55 -11.73
N PHE B 112 28.65 -14.31 -11.23
CA PHE B 112 29.67 -13.57 -11.97
C PHE B 112 30.73 -14.55 -12.40
N GLU B 113 31.38 -14.27 -13.52
CA GLU B 113 32.74 -14.78 -13.66
C GLU B 113 33.67 -13.58 -13.80
N LYS B 114 34.61 -13.50 -12.87
CA LYS B 114 35.56 -12.42 -12.86
C LYS B 114 36.60 -12.72 -13.93
N ILE B 115 36.85 -11.72 -14.78
CA ILE B 115 37.90 -11.81 -15.77
C ILE B 115 38.88 -10.65 -15.63
N GLN B 116 40.13 -10.88 -16.02
CA GLN B 116 41.11 -9.82 -16.02
C GLN B 116 40.92 -9.00 -17.30
N ILE B 117 40.82 -7.69 -17.14
CA ILE B 117 40.42 -6.82 -18.23
C ILE B 117 41.62 -5.96 -18.61
N ILE B 118 42.41 -5.56 -17.61
CA ILE B 118 43.65 -4.84 -17.86
C ILE B 118 44.77 -5.45 -17.03
N PRO B 119 45.69 -6.16 -17.70
CA PRO B 119 46.78 -6.84 -16.99
C PRO B 119 47.73 -5.83 -16.34
N LYS B 120 48.29 -6.20 -15.19
CA LYS B 120 49.19 -5.36 -14.43
C LYS B 120 50.48 -5.13 -15.23
N SER B 121 50.83 -6.11 -16.04
CA SER B 121 52.02 -6.04 -16.87
C SER B 121 51.91 -5.00 -18.00
N SER B 122 50.70 -4.56 -18.28
CA SER B 122 50.47 -3.66 -19.40
C SER B 122 50.68 -2.21 -19.03
N TRP B 123 51.03 -1.95 -17.78
CA TRP B 123 51.38 -0.59 -17.37
C TRP B 123 52.86 -0.30 -17.61
N SER B 124 53.20 -0.07 -18.87
CA SER B 124 54.59 0.19 -19.29
C SER B 124 55.26 1.40 -18.66
N ASP B 125 54.53 2.51 -18.56
CA ASP B 125 55.12 3.78 -18.13
C ASP B 125 54.68 4.25 -16.76
N HIS B 126 54.19 3.34 -15.92
CA HIS B 126 53.87 3.68 -14.53
C HIS B 126 54.25 2.54 -13.61
N GLU B 127 54.34 2.82 -12.31
CA GLU B 127 54.49 1.74 -11.33
C GLU B 127 53.13 1.07 -10.98
N ALA B 128 52.94 -0.17 -11.42
CA ALA B 128 51.70 -0.90 -11.13
C ALA B 128 51.83 -1.85 -9.97
N SER B 129 52.95 -1.79 -9.25
CA SER B 129 53.18 -2.74 -8.17
C SER B 129 53.70 -2.10 -6.90
N SER B 130 53.45 -0.81 -6.75
CA SER B 130 53.88 -0.09 -5.55
C SER B 130 52.70 0.52 -4.82
N GLY B 131 51.49 0.22 -5.29
CA GLY B 131 50.29 0.82 -4.74
C GLY B 131 49.70 -0.04 -3.65
N VAL B 132 50.30 0.01 -2.47
CA VAL B 132 49.87 -0.80 -1.34
C VAL B 132 49.85 0.08 -0.11
N SER B 133 49.21 -0.41 0.95
CA SER B 133 49.02 0.39 2.16
C SER B 133 48.88 -0.47 3.42
N SER B 134 49.28 0.10 4.56
CA SER B 134 49.13 -0.58 5.84
C SER B 134 47.66 -0.63 6.28
N ALA B 135 46.82 0.14 5.61
CA ALA B 135 45.39 0.12 5.88
C ALA B 135 44.82 -1.16 5.29
N CYS B 136 45.52 -1.71 4.32
CA CYS B 136 45.09 -2.94 3.66
C CYS B 136 46.11 -4.06 3.83
N PRO B 137 46.35 -4.51 5.08
CA PRO B 137 47.36 -5.55 5.26
C PRO B 137 46.91 -6.92 4.72
N TYR B 138 47.88 -7.70 4.26
CA TYR B 138 47.65 -9.10 3.94
C TYR B 138 48.82 -9.96 4.43
N GLN B 139 48.54 -10.80 5.42
CA GLN B 139 49.56 -11.64 6.03
C GLN B 139 50.73 -10.81 6.55
N GLY B 140 50.42 -9.81 7.38
CA GLY B 140 51.43 -9.01 8.05
C GLY B 140 52.07 -7.89 7.26
N ARG B 141 51.89 -7.89 5.94
CA ARG B 141 52.52 -6.88 5.09
C ARG B 141 51.50 -6.08 4.28
N SER B 142 51.86 -4.84 4.00
CA SER B 142 50.98 -3.89 3.31
C SER B 142 50.51 -4.42 1.96
N SER B 143 49.26 -4.11 1.62
CA SER B 143 48.64 -4.60 0.38
C SER B 143 47.56 -3.63 -0.09
N PHE B 144 46.65 -4.09 -0.95
CA PHE B 144 45.60 -3.24 -1.51
C PHE B 144 44.48 -4.08 -2.14
N PHE B 145 43.36 -3.43 -2.43
CA PHE B 145 42.24 -4.07 -3.14
C PHE B 145 42.76 -4.81 -4.34
N ARG B 146 42.37 -6.07 -4.51
CA ARG B 146 43.01 -6.94 -5.51
C ARG B 146 42.52 -6.71 -6.94
N ASN B 147 41.32 -6.17 -7.08
CA ASN B 147 40.67 -6.11 -8.40
C ASN B 147 40.86 -4.80 -9.13
N VAL B 148 41.45 -3.83 -8.44
CA VAL B 148 41.87 -2.58 -9.04
C VAL B 148 43.33 -2.33 -8.68
N VAL B 149 44.00 -1.45 -9.43
CA VAL B 149 45.41 -1.17 -9.17
C VAL B 149 45.67 0.32 -8.88
N TRP B 150 46.35 0.57 -7.77
CA TRP B 150 46.74 1.92 -7.41
C TRP B 150 48.06 2.27 -8.12
N LEU B 151 47.94 2.88 -9.30
CA LEU B 151 49.09 3.30 -10.11
C LEU B 151 49.81 4.53 -9.56
N ILE B 152 51.14 4.51 -9.58
CA ILE B 152 51.91 5.69 -9.19
C ILE B 152 52.99 6.04 -10.22
N LYS B 153 53.64 7.19 -10.03
CA LYS B 153 54.68 7.68 -10.96
C LYS B 153 55.90 6.76 -11.09
N LYS B 154 56.53 6.82 -12.26
CA LYS B 154 57.71 6.05 -12.54
C LYS B 154 58.81 6.98 -13.07
N ASN B 155 59.97 6.94 -12.41
CA ASN B 155 61.08 7.86 -12.72
C ASN B 155 60.64 9.31 -12.63
N ASN B 156 59.91 9.64 -11.57
CA ASN B 156 59.43 11.00 -11.36
C ASN B 156 58.65 11.56 -12.55
N THR B 157 57.94 10.70 -13.26
CA THR B 157 57.02 11.15 -14.29
C THR B 157 55.75 10.29 -14.32
N TYR B 158 54.63 10.94 -14.61
CA TYR B 158 53.35 10.26 -14.74
C TYR B 158 52.75 10.69 -16.06
N PRO B 159 53.07 9.94 -17.13
CA PRO B 159 52.55 10.24 -18.46
C PRO B 159 51.05 10.10 -18.43
N THR B 160 50.35 10.93 -19.19
CA THR B 160 48.90 10.85 -19.16
C THR B 160 48.45 9.55 -19.81
N ILE B 161 47.48 8.90 -19.18
CA ILE B 161 47.06 7.57 -19.58
C ILE B 161 45.91 7.65 -20.56
N LYS B 162 46.00 6.88 -21.64
CA LYS B 162 44.89 6.73 -22.56
C LYS B 162 44.65 5.25 -22.82
N ARG B 163 43.86 4.64 -21.95
CA ARG B 163 43.62 3.20 -22.00
C ARG B 163 42.13 2.97 -22.26
N SER B 164 41.81 1.98 -23.08
CA SER B 164 40.41 1.71 -23.35
C SER B 164 40.12 0.22 -23.49
N TYR B 165 38.86 -0.16 -23.24
CA TYR B 165 38.50 -1.56 -23.24
C TYR B 165 37.14 -1.85 -23.91
N ASN B 166 37.16 -2.69 -24.94
CA ASN B 166 35.95 -3.08 -25.65
C ASN B 166 35.37 -4.38 -25.05
N ASN B 167 34.12 -4.33 -24.61
CA ASN B 167 33.47 -5.53 -24.08
C ASN B 167 33.01 -6.46 -25.20
N THR B 168 33.90 -7.37 -25.59
CA THR B 168 33.65 -8.30 -26.69
C THR B 168 32.90 -9.54 -26.23
N ASN B 169 32.49 -9.54 -24.97
CA ASN B 169 31.73 -10.66 -24.42
C ASN B 169 30.24 -10.55 -24.73
N GLN B 170 29.52 -11.63 -24.50
CA GLN B 170 28.07 -11.64 -24.71
C GLN B 170 27.34 -11.08 -23.51
N GLU B 171 28.05 -11.04 -22.39
CA GLU B 171 27.46 -10.65 -21.11
C GLU B 171 27.71 -9.17 -20.81
N ASP B 172 26.82 -8.59 -20.03
CA ASP B 172 27.06 -7.28 -19.42
C ASP B 172 28.30 -7.43 -18.54
N LEU B 173 29.03 -6.34 -18.36
CA LEU B 173 30.28 -6.37 -17.63
C LEU B 173 30.24 -5.31 -16.52
N LEU B 174 30.46 -5.73 -15.29
CA LEU B 174 30.55 -4.80 -14.17
C LEU B 174 31.98 -4.32 -13.97
N VAL B 175 32.21 -3.04 -14.25
CA VAL B 175 33.56 -2.46 -14.22
C VAL B 175 33.71 -1.49 -13.06
N LEU B 176 34.77 -1.68 -12.28
CA LEU B 176 35.04 -0.82 -11.11
C LEU B 176 36.35 -0.03 -11.27
N TRP B 177 36.34 1.21 -10.81
CA TRP B 177 37.55 2.03 -10.77
C TRP B 177 37.41 3.06 -9.68
N GLY B 178 38.46 3.85 -9.49
CA GLY B 178 38.43 4.84 -8.44
C GLY B 178 39.41 6.00 -8.60
N ILE B 179 39.32 6.92 -7.65
CA ILE B 179 40.21 8.06 -7.59
C ILE B 179 40.75 8.21 -6.17
N HIS B 180 42.03 8.50 -6.05
CA HIS B 180 42.63 8.75 -4.75
C HIS B 180 42.60 10.23 -4.39
N HIS B 181 42.06 10.57 -3.22
CA HIS B 181 42.13 11.92 -2.68
C HIS B 181 43.23 11.99 -1.61
N PRO B 182 44.39 12.58 -1.94
CA PRO B 182 45.49 12.79 -0.97
C PRO B 182 45.14 13.81 0.12
N ASN B 183 46.06 14.05 1.06
CA ASN B 183 45.81 15.09 2.06
C ASN B 183 46.54 16.42 1.83
N ASP B 184 47.52 16.43 0.93
CA ASP B 184 48.19 17.68 0.58
C ASP B 184 48.96 17.65 -0.75
N ALA B 185 49.38 18.84 -1.18
CA ALA B 185 50.12 19.00 -2.42
C ALA B 185 51.43 18.21 -2.42
N ALA B 186 52.04 18.09 -1.24
CA ALA B 186 53.27 17.31 -1.12
C ALA B 186 53.02 15.82 -1.44
N GLU B 187 51.96 15.27 -0.85
CA GLU B 187 51.59 13.89 -1.12
C GLU B 187 51.21 13.74 -2.59
N GLN B 188 50.56 14.76 -3.13
CA GLN B 188 50.15 14.74 -4.53
C GLN B 188 51.35 14.54 -5.44
N THR B 189 52.28 15.49 -5.38
CA THR B 189 53.48 15.45 -6.23
C THR B 189 54.35 14.22 -5.97
N ARG B 190 54.45 13.81 -4.71
CA ARG B 190 55.20 12.61 -4.40
C ARG B 190 54.64 11.29 -5.00
N LEU B 191 53.31 11.15 -5.05
CA LEU B 191 52.72 9.95 -5.62
C LEU B 191 52.60 10.05 -7.13
N TYR B 192 52.15 11.21 -7.59
CA TYR B 192 51.93 11.48 -9.00
C TYR B 192 52.49 12.87 -9.21
N GLN B 193 53.56 12.97 -10.00
CA GLN B 193 54.27 14.23 -10.20
C GLN B 193 53.39 15.44 -10.44
N ASN B 194 52.44 15.28 -11.37
CA ASN B 194 51.55 16.35 -11.77
C ASN B 194 50.70 16.87 -10.61
N PRO B 195 50.69 18.20 -10.41
CA PRO B 195 49.96 18.81 -9.29
C PRO B 195 48.49 18.94 -9.57
N THR B 196 48.11 19.05 -10.85
CA THR B 196 46.73 19.34 -11.23
C THR B 196 46.18 18.22 -12.11
N THR B 197 45.42 17.32 -11.50
CA THR B 197 45.07 16.08 -12.18
C THR B 197 43.58 15.90 -12.37
N TYR B 198 43.24 14.91 -13.19
CA TYR B 198 41.85 14.57 -13.47
C TYR B 198 41.78 13.11 -13.89
N ILE B 199 40.57 12.55 -13.87
CA ILE B 199 40.32 11.27 -14.49
C ILE B 199 39.07 11.45 -15.30
N SER B 200 39.15 11.21 -16.60
CA SER B 200 37.93 11.19 -17.39
C SER B 200 37.60 9.75 -17.81
N VAL B 201 36.32 9.42 -17.75
CA VAL B 201 35.82 8.11 -18.13
C VAL B 201 34.63 8.33 -19.04
N GLY B 202 34.63 7.64 -20.18
CA GLY B 202 33.47 7.61 -21.05
C GLY B 202 33.04 6.25 -21.58
N THR B 203 31.74 6.09 -21.80
CA THR B 203 31.18 4.94 -22.52
C THR B 203 30.17 5.49 -23.51
N SER B 204 29.18 4.69 -23.92
CA SER B 204 28.09 5.23 -24.74
C SER B 204 27.25 6.18 -23.91
N THR B 205 27.27 5.96 -22.60
CA THR B 205 26.28 6.54 -21.71
C THR B 205 26.97 7.40 -20.67
N LEU B 206 28.26 7.16 -20.45
CA LEU B 206 28.96 7.78 -19.32
C LEU B 206 29.86 8.89 -19.80
N ASN B 207 29.79 10.02 -19.14
CA ASN B 207 30.61 11.17 -19.52
C ASN B 207 31.15 11.83 -18.25
N GLN B 208 32.17 11.23 -17.68
CA GLN B 208 32.63 11.59 -16.34
C GLN B 208 34.01 12.26 -16.32
N ARG B 209 34.18 13.26 -15.46
CA ARG B 209 35.50 13.85 -15.24
C ARG B 209 35.67 14.18 -13.77
N LEU B 210 36.63 13.49 -13.15
CA LEU B 210 36.86 13.58 -11.72
C LEU B 210 38.15 14.32 -11.49
N VAL B 211 38.17 15.17 -10.48
CA VAL B 211 39.41 15.76 -10.01
C VAL B 211 39.55 15.54 -8.51
N PRO B 212 40.77 15.22 -8.07
CA PRO B 212 41.03 14.91 -6.66
C PRO B 212 40.72 16.09 -5.77
N LYS B 213 40.23 15.82 -4.56
CA LYS B 213 40.02 16.84 -3.55
C LYS B 213 41.05 16.70 -2.44
N LEU B 214 41.94 17.68 -2.32
CA LEU B 214 42.88 17.74 -1.20
C LEU B 214 42.29 18.43 0.01
N ALA B 215 42.46 17.82 1.19
CA ALA B 215 41.86 18.32 2.43
C ALA B 215 42.49 17.62 3.64
N THR B 216 42.35 18.19 4.83
CA THR B 216 42.84 17.53 6.02
C THR B 216 41.70 16.82 6.72
N ARG B 217 41.83 15.49 6.82
CA ARG B 217 40.75 14.65 7.35
C ARG B 217 41.24 13.87 8.56
N SER B 218 40.31 13.34 9.36
CA SER B 218 40.66 12.48 10.47
C SER B 218 41.14 11.14 9.94
N LYS B 219 42.03 10.49 10.69
CA LYS B 219 42.52 9.18 10.30
C LYS B 219 41.49 8.09 10.52
N VAL B 220 41.25 7.32 9.46
CA VAL B 220 40.42 6.12 9.56
C VAL B 220 41.32 5.01 9.07
N ASN B 221 41.36 3.91 9.80
CA ASN B 221 42.31 2.83 9.54
C ASN B 221 43.72 3.36 9.31
N GLY B 222 44.07 4.40 10.06
CA GLY B 222 45.40 4.99 9.98
C GLY B 222 45.66 5.87 8.77
N GLN B 223 44.63 6.21 8.02
CA GLN B 223 44.83 7.05 6.84
C GLN B 223 43.96 8.32 6.84
N SER B 224 44.53 9.41 6.35
CA SER B 224 43.78 10.64 6.17
C SER B 224 43.41 10.87 4.70
N GLY B 225 44.02 10.10 3.81
CA GLY B 225 43.58 10.07 2.43
C GLY B 225 42.27 9.32 2.27
N ARG B 226 41.66 9.40 1.09
CA ARG B 226 40.44 8.66 0.80
C ARG B 226 40.55 8.07 -0.59
N MET B 227 39.95 6.90 -0.76
CA MET B 227 39.74 6.32 -2.07
C MET B 227 38.26 6.39 -2.35
N GLU B 228 37.90 6.91 -3.52
CA GLU B 228 36.49 6.98 -3.91
C GLU B 228 36.30 6.11 -5.13
N PHE B 229 35.38 5.15 -5.07
CA PHE B 229 35.23 4.19 -6.15
C PHE B 229 33.94 4.40 -6.93
N PHE B 230 33.97 3.98 -8.20
CA PHE B 230 32.83 4.11 -9.09
C PHE B 230 32.63 2.80 -9.82
N TRP B 231 31.47 2.65 -10.43
CA TRP B 231 31.18 1.45 -11.21
C TRP B 231 30.27 1.81 -12.36
N THR B 232 30.24 0.94 -13.36
CA THR B 232 29.26 1.05 -14.40
C THR B 232 29.04 -0.34 -14.96
N ILE B 233 27.96 -0.53 -15.69
CA ILE B 233 27.74 -1.76 -16.43
C ILE B 233 28.13 -1.50 -17.87
N LEU B 234 29.13 -2.22 -18.37
CA LEU B 234 29.52 -2.08 -19.76
C LEU B 234 28.67 -3.01 -20.61
N LYS B 235 27.93 -2.45 -21.55
CA LYS B 235 27.14 -3.26 -22.46
C LYS B 235 28.06 -4.03 -23.39
N PRO B 236 27.62 -5.21 -23.83
CA PRO B 236 28.39 -5.96 -24.84
C PRO B 236 28.58 -5.09 -26.08
N ASN B 237 29.76 -5.14 -26.68
CA ASN B 237 30.11 -4.33 -27.85
C ASN B 237 30.35 -2.86 -27.58
N ASP B 238 30.17 -2.42 -26.35
CA ASP B 238 30.52 -1.05 -26.02
C ASP B 238 31.93 -1.01 -25.46
N ALA B 239 32.53 0.19 -25.46
CA ALA B 239 33.87 0.36 -24.92
C ALA B 239 33.88 1.41 -23.80
N ILE B 240 34.84 1.26 -22.90
CA ILE B 240 35.04 2.25 -21.85
C ILE B 240 36.39 2.91 -22.05
N ASN B 241 36.43 4.23 -21.98
CA ASN B 241 37.68 4.95 -22.24
C ASN B 241 38.13 5.75 -21.01
N PHE B 242 39.34 5.47 -20.54
CA PHE B 242 39.92 6.19 -19.42
C PHE B 242 41.02 7.12 -19.89
N GLU B 243 41.02 8.33 -19.36
CA GLU B 243 42.15 9.22 -19.51
C GLU B 243 42.47 9.81 -18.15
N SER B 244 43.75 9.87 -17.81
CA SER B 244 44.16 10.33 -16.50
C SER B 244 45.64 10.69 -16.43
N ASN B 245 45.95 11.74 -15.70
CA ASN B 245 47.35 12.10 -15.46
C ASN B 245 47.67 11.99 -13.97
N GLY B 246 46.95 11.13 -13.26
CA GLY B 246 47.23 10.91 -11.86
C GLY B 246 46.03 10.54 -11.04
N ASN B 247 46.27 10.01 -9.84
CA ASN B 247 45.23 9.62 -8.87
C ASN B 247 44.25 8.53 -9.34
N PHE B 248 44.59 7.88 -10.44
CA PHE B 248 43.71 6.90 -11.07
C PHE B 248 43.83 5.52 -10.40
N ILE B 249 42.72 5.00 -9.87
CA ILE B 249 42.76 3.63 -9.38
C ILE B 249 42.15 2.79 -10.49
N ALA B 250 43.00 2.15 -11.28
CA ALA B 250 42.56 1.55 -12.52
C ALA B 250 41.92 0.18 -12.36
N PRO B 251 41.05 -0.19 -13.29
CA PRO B 251 40.49 -1.56 -13.28
C PRO B 251 41.59 -2.58 -13.56
N GLU B 252 41.47 -3.76 -12.96
CA GLU B 252 42.31 -4.89 -13.33
C GLU B 252 41.36 -6.04 -13.65
N ASN B 253 40.44 -6.28 -12.73
CA ASN B 253 39.43 -7.30 -12.92
C ASN B 253 38.03 -6.72 -12.99
N ALA B 254 37.21 -7.30 -13.85
CA ALA B 254 35.82 -6.91 -13.97
C ALA B 254 34.93 -8.15 -13.86
N TYR B 255 33.63 -7.97 -13.87
CA TYR B 255 32.72 -9.08 -13.60
C TYR B 255 31.72 -9.33 -14.73
N LYS B 256 31.87 -10.46 -15.42
CA LYS B 256 30.86 -10.86 -16.41
C LYS B 256 29.59 -11.28 -15.68
N ILE B 257 28.48 -10.67 -16.03
CA ILE B 257 27.21 -11.06 -15.45
C ILE B 257 26.68 -12.26 -16.24
N VAL B 258 26.88 -13.46 -15.70
CA VAL B 258 26.65 -14.68 -16.46
C VAL B 258 25.42 -15.44 -16.06
N LYS B 259 24.67 -14.90 -15.11
CA LYS B 259 23.39 -15.49 -14.72
C LYS B 259 22.53 -14.50 -13.96
N LYS B 260 21.42 -14.12 -14.57
CA LYS B 260 20.44 -13.28 -13.92
C LYS B 260 19.29 -14.15 -13.42
N GLY B 261 18.67 -13.71 -12.33
CA GLY B 261 17.59 -14.47 -11.75
C GLY B 261 17.20 -13.85 -10.43
N ASP B 262 16.13 -14.33 -9.84
CA ASP B 262 15.65 -13.78 -8.58
C ASP B 262 16.57 -14.17 -7.42
N SER B 263 16.92 -13.16 -6.63
CA SER B 263 17.86 -13.35 -5.53
C SER B 263 17.59 -12.25 -4.51
N THR B 264 18.39 -12.22 -3.44
CA THR B 264 18.26 -11.16 -2.45
C THR B 264 19.52 -11.06 -1.63
N ILE B 265 19.65 -9.95 -0.91
CA ILE B 265 20.70 -9.81 0.09
C ILE B 265 20.11 -9.80 1.50
N MET B 266 20.40 -10.84 2.26
CA MET B 266 19.87 -10.98 3.60
C MET B 266 20.84 -10.45 4.62
N LYS B 267 20.34 -9.60 5.50
CA LYS B 267 21.12 -9.16 6.63
C LYS B 267 20.90 -10.14 7.79
N SER B 268 21.96 -10.86 8.16
CA SER B 268 21.88 -11.90 9.18
C SER B 268 23.24 -12.22 9.74
N GLU B 269 23.29 -12.51 11.05
CA GLU B 269 24.52 -12.87 11.73
C GLU B 269 24.77 -14.39 11.69
N LEU B 270 23.76 -15.14 11.25
CA LEU B 270 23.88 -16.58 11.16
C LEU B 270 24.95 -16.99 10.16
N GLU B 271 25.50 -18.18 10.35
CA GLU B 271 26.42 -18.76 9.39
C GLU B 271 25.73 -19.88 8.64
N TYR B 272 26.43 -20.50 7.70
CA TYR B 272 25.88 -21.57 6.91
C TYR B 272 25.57 -22.78 7.78
N GLY B 273 24.29 -23.15 7.83
CA GLY B 273 23.90 -24.44 8.35
C GLY B 273 24.02 -25.37 7.16
N ASN B 274 24.26 -26.65 7.39
CA ASN B 274 24.46 -27.53 6.24
C ASN B 274 23.19 -28.23 5.80
N CYS B 275 22.16 -27.44 5.52
CA CYS B 275 20.84 -27.97 5.22
C CYS B 275 20.38 -27.49 3.85
N ASN B 276 19.22 -27.97 3.43
CA ASN B 276 18.59 -27.52 2.19
C ASN B 276 17.15 -27.16 2.50
N THR B 277 16.62 -26.14 1.84
CA THR B 277 15.25 -25.72 2.07
C THR B 277 14.61 -25.25 0.78
N LYS B 278 13.31 -24.96 0.85
CA LYS B 278 12.61 -24.38 -0.29
C LYS B 278 12.22 -22.95 0.07
N CYS B 279 12.46 -22.59 1.33
CA CYS B 279 12.02 -21.30 1.83
C CYS B 279 12.94 -20.84 2.95
N GLN B 280 13.57 -19.68 2.75
CA GLN B 280 14.58 -19.18 3.68
C GLN B 280 14.25 -17.78 4.23
N THR B 281 14.58 -17.56 5.50
CA THR B 281 14.44 -16.25 6.13
C THR B 281 15.75 -15.92 6.83
N PRO B 282 15.98 -14.65 7.18
CA PRO B 282 17.26 -14.28 7.81
C PRO B 282 17.50 -14.91 9.18
N ILE B 283 16.48 -15.54 9.77
CA ILE B 283 16.66 -16.14 11.09
C ILE B 283 16.50 -17.66 11.09
N GLY B 284 16.17 -18.23 9.94
CA GLY B 284 16.04 -19.66 9.80
C GLY B 284 15.16 -20.06 8.62
N ALA B 285 15.21 -21.34 8.25
CA ALA B 285 14.46 -21.82 7.10
C ALA B 285 13.10 -22.40 7.52
N ILE B 286 12.20 -22.52 6.55
CA ILE B 286 10.86 -22.99 6.80
C ILE B 286 10.52 -24.22 5.97
N ASN B 287 10.11 -25.29 6.66
CA ASN B 287 9.54 -26.46 5.99
C ASN B 287 8.09 -26.61 6.41
N SER B 288 7.17 -26.30 5.50
CA SER B 288 5.76 -26.20 5.87
C SER B 288 4.78 -26.27 4.70
N SER B 289 3.54 -26.58 5.02
CA SER B 289 2.49 -26.66 4.02
C SER B 289 1.41 -25.66 4.39
N MET B 290 1.59 -25.01 5.53
CA MET B 290 0.70 -23.94 5.98
C MET B 290 0.61 -22.84 4.92
N PRO B 291 -0.54 -22.17 4.85
CA PRO B 291 -0.69 -21.03 3.94
C PRO B 291 -0.16 -19.73 4.56
N PHE B 292 0.17 -19.75 5.86
CA PHE B 292 0.67 -18.58 6.56
C PHE B 292 1.80 -18.93 7.50
N HIS B 293 2.73 -17.99 7.69
CA HIS B 293 3.72 -18.08 8.76
C HIS B 293 3.88 -16.72 9.43
N ASN B 294 4.53 -16.70 10.58
CA ASN B 294 4.74 -15.46 11.31
C ASN B 294 6.20 -15.30 11.73
N ILE B 295 7.09 -15.89 10.96
CA ILE B 295 8.50 -15.99 11.32
C ILE B 295 9.33 -14.74 11.01
N HIS B 296 9.28 -14.29 9.75
CA HIS B 296 9.99 -13.09 9.35
C HIS B 296 9.37 -12.57 8.07
N PRO B 297 9.25 -11.23 7.94
CA PRO B 297 8.76 -10.62 6.70
C PRO B 297 9.64 -10.91 5.48
N LEU B 298 10.96 -10.92 5.65
CA LEU B 298 11.89 -11.02 4.51
C LEU B 298 12.18 -12.46 4.14
N THR B 299 11.78 -12.84 2.93
CA THR B 299 11.68 -14.26 2.59
C THR B 299 12.10 -14.53 1.15
N ILE B 300 12.70 -15.69 0.92
CA ILE B 300 13.01 -16.09 -0.45
C ILE B 300 12.71 -17.56 -0.69
N GLY B 301 12.13 -17.85 -1.86
CA GLY B 301 11.73 -19.20 -2.23
C GLY B 301 10.23 -19.38 -2.34
N GLU B 302 9.81 -20.65 -2.32
CA GLU B 302 8.39 -20.99 -2.32
C GLU B 302 7.90 -20.98 -0.86
N CYS B 303 7.25 -19.90 -0.46
CA CYS B 303 7.01 -19.64 0.95
C CYS B 303 5.54 -19.44 1.27
N PRO B 304 5.17 -19.62 2.55
CA PRO B 304 3.82 -19.25 3.00
C PRO B 304 3.73 -17.73 3.09
N LYS B 305 2.53 -17.18 3.26
CA LYS B 305 2.38 -15.72 3.33
C LYS B 305 2.64 -15.24 4.75
N TYR B 306 3.47 -14.22 4.88
CA TYR B 306 3.80 -13.72 6.20
C TYR B 306 2.62 -12.96 6.79
N VAL B 307 2.51 -13.04 8.12
CA VAL B 307 1.44 -12.40 8.83
C VAL B 307 1.90 -12.13 10.26
N LYS B 308 1.35 -11.11 10.90
CA LYS B 308 1.78 -10.69 12.24
C LYS B 308 1.10 -11.48 13.37
N SER B 309 0.14 -12.34 13.01
CA SER B 309 -0.61 -13.11 14.00
C SER B 309 0.27 -14.14 14.69
N ASN B 310 0.00 -14.39 15.97
CA ASN B 310 0.69 -15.46 16.69
C ASN B 310 -0.22 -16.66 16.86
N ARG B 311 -1.41 -16.59 16.24
CA ARG B 311 -2.36 -17.70 16.22
C ARG B 311 -3.41 -17.56 15.12
N LEU B 312 -3.47 -18.54 14.24
CA LEU B 312 -4.54 -18.65 13.25
C LEU B 312 -5.07 -20.07 13.17
N VAL B 313 -6.26 -20.29 13.72
CA VAL B 313 -6.87 -21.62 13.72
C VAL B 313 -8.31 -21.60 13.22
N LEU B 314 -8.55 -22.37 12.17
CA LEU B 314 -9.85 -22.46 11.53
C LEU B 314 -10.70 -23.56 12.20
N ALA B 315 -12.01 -23.34 12.29
CA ALA B 315 -12.90 -24.38 12.76
C ALA B 315 -13.31 -25.29 11.61
N THR B 316 -13.25 -26.60 11.83
CA THR B 316 -13.78 -27.55 10.86
C THR B 316 -15.03 -28.26 11.41
N GLY B 317 -14.93 -28.76 12.64
CA GLY B 317 -16.06 -29.39 13.31
C GLY B 317 -16.95 -28.43 14.07
N LEU B 318 -17.80 -28.98 14.92
CA LEU B 318 -18.82 -28.19 15.61
C LEU B 318 -18.49 -27.98 17.08
N ARG B 319 -19.32 -27.19 17.77
CA ARG B 319 -19.06 -26.86 19.17
C ARG B 319 -19.04 -28.10 20.06
N ASN B 320 -18.04 -28.17 20.94
CA ASN B 320 -17.85 -29.30 21.83
C ASN B 320 -18.16 -28.92 23.29
N SER B 321 -18.78 -29.84 24.01
CA SER B 321 -19.07 -29.63 25.43
C SER B 321 -18.92 -30.91 26.26
N SER C 1 -59.48 -34.01 -3.56
CA SER C 1 -59.48 -33.12 -2.40
C SER C 1 -58.63 -31.87 -2.65
N ASP C 2 -59.13 -30.72 -2.19
CA ASP C 2 -58.52 -29.42 -2.44
C ASP C 2 -57.18 -29.23 -1.74
N GLN C 3 -56.23 -28.59 -2.44
CA GLN C 3 -54.91 -28.35 -1.88
C GLN C 3 -54.19 -27.15 -2.50
N ILE C 4 -53.24 -26.60 -1.75
CA ILE C 4 -52.40 -25.50 -2.24
C ILE C 4 -50.92 -25.81 -1.95
N CYS C 5 -50.06 -25.43 -2.88
CA CYS C 5 -48.62 -25.69 -2.76
C CYS C 5 -47.80 -24.41 -2.79
N ILE C 6 -46.70 -24.38 -2.04
CA ILE C 6 -45.77 -23.27 -2.07
C ILE C 6 -44.47 -23.70 -2.75
N GLY C 7 -44.01 -22.92 -3.72
CA GLY C 7 -42.81 -23.26 -4.45
C GLY C 7 -42.04 -22.07 -4.98
N TYR C 8 -40.96 -22.34 -5.69
CA TYR C 8 -40.10 -21.28 -6.20
C TYR C 8 -39.90 -21.35 -7.71
N HIS C 9 -39.32 -20.28 -8.26
CA HIS C 9 -39.10 -20.15 -9.69
C HIS C 9 -38.05 -21.15 -10.19
N ALA C 10 -38.07 -21.41 -11.48
CA ALA C 10 -37.05 -22.20 -12.16
C ALA C 10 -37.08 -21.87 -13.64
N ASN C 11 -35.94 -22.02 -14.31
CA ASN C 11 -35.89 -21.78 -15.75
C ASN C 11 -34.80 -22.59 -16.43
N ASN C 12 -34.44 -22.18 -17.64
CA ASN C 12 -33.48 -22.90 -18.45
C ASN C 12 -32.07 -22.29 -18.42
N SER C 13 -31.81 -21.47 -17.40
CA SER C 13 -30.53 -20.79 -17.27
C SER C 13 -29.39 -21.74 -16.89
N THR C 14 -28.26 -21.60 -17.57
CA THR C 14 -27.10 -22.41 -17.31
C THR C 14 -26.00 -21.60 -16.63
N GLU C 15 -26.33 -20.36 -16.28
CA GLU C 15 -25.36 -19.45 -15.67
C GLU C 15 -24.99 -19.87 -14.25
N GLN C 16 -23.70 -19.91 -13.98
CA GLN C 16 -23.19 -20.33 -12.68
C GLN C 16 -22.56 -19.17 -11.90
N VAL C 17 -22.50 -19.33 -10.59
CA VAL C 17 -21.77 -18.41 -9.73
C VAL C 17 -20.98 -19.24 -8.74
N ASP C 18 -20.06 -18.60 -8.02
CA ASP C 18 -19.29 -19.30 -7.01
C ASP C 18 -19.66 -18.78 -5.63
N THR C 19 -19.49 -19.63 -4.64
CA THR C 19 -19.68 -19.26 -3.25
C THR C 19 -18.45 -19.74 -2.50
N ILE C 20 -18.37 -19.39 -1.23
CA ILE C 20 -17.26 -19.84 -0.42
C ILE C 20 -17.33 -21.36 -0.22
N MET C 21 -18.55 -21.89 -0.14
CA MET C 21 -18.73 -23.32 0.11
C MET C 21 -19.03 -24.16 -1.13
N GLU C 22 -19.23 -23.52 -2.29
CA GLU C 22 -19.58 -24.29 -3.48
C GLU C 22 -19.25 -23.54 -4.77
N LYS C 23 -18.51 -24.19 -5.65
CA LYS C 23 -18.15 -23.62 -6.95
C LYS C 23 -19.16 -24.05 -8.00
N ASN C 24 -19.14 -23.36 -9.14
CA ASN C 24 -19.98 -23.70 -10.30
C ASN C 24 -21.43 -24.00 -9.95
N VAL C 25 -22.08 -23.07 -9.24
CA VAL C 25 -23.48 -23.26 -8.82
C VAL C 25 -24.45 -22.59 -9.79
N THR C 26 -25.19 -23.42 -10.53
CA THR C 26 -26.16 -22.90 -11.49
C THR C 26 -27.32 -22.19 -10.79
N VAL C 27 -27.61 -20.98 -11.24
CA VAL C 27 -28.69 -20.19 -10.65
C VAL C 27 -29.63 -19.70 -11.75
N THR C 28 -30.77 -19.17 -11.35
CA THR C 28 -31.76 -18.72 -12.31
C THR C 28 -31.32 -17.43 -12.99
N HIS C 29 -30.89 -16.48 -12.18
CA HIS C 29 -30.45 -15.18 -12.67
C HIS C 29 -29.11 -14.77 -12.05
N ALA C 30 -28.30 -14.07 -12.83
CA ALA C 30 -27.01 -13.59 -12.38
C ALA C 30 -26.66 -12.27 -13.06
N GLN C 31 -25.67 -11.56 -12.53
CA GLN C 31 -25.21 -10.32 -13.14
C GLN C 31 -23.72 -10.23 -13.23
N ASP C 32 -23.23 -10.20 -14.47
CA ASP C 32 -21.82 -9.99 -14.72
C ASP C 32 -21.49 -8.55 -14.37
N ILE C 33 -20.34 -8.34 -13.70
CA ILE C 33 -19.94 -6.99 -13.29
C ILE C 33 -18.47 -6.74 -13.63
N LEU C 34 -17.92 -7.59 -14.49
CA LEU C 34 -16.52 -7.47 -14.89
C LEU C 34 -16.41 -7.31 -16.40
N GLU C 35 -16.02 -6.11 -16.83
CA GLU C 35 -15.79 -5.85 -18.25
C GLU C 35 -14.51 -6.55 -18.68
N LYS C 36 -14.56 -7.26 -19.80
CA LYS C 36 -13.40 -7.99 -20.28
C LYS C 36 -13.07 -7.65 -21.73
N THR C 37 -13.70 -6.59 -22.23
CA THR C 37 -13.66 -6.27 -23.65
C THR C 37 -13.20 -4.84 -23.94
N HIS C 38 -12.27 -4.72 -24.90
CA HIS C 38 -11.79 -3.41 -25.34
C HIS C 38 -11.68 -3.36 -26.86
N ASN C 39 -11.72 -2.15 -27.41
CA ASN C 39 -11.74 -1.98 -28.86
C ASN C 39 -10.39 -2.08 -29.56
N GLY C 40 -9.34 -2.26 -28.76
CA GLY C 40 -7.99 -2.39 -29.29
C GLY C 40 -7.47 -1.17 -30.03
N LYS C 41 -8.02 -0.01 -29.71
CA LYS C 41 -7.64 1.22 -30.41
C LYS C 41 -7.29 2.37 -29.45
N LEU C 42 -6.54 3.35 -29.97
CA LEU C 42 -6.28 4.57 -29.25
C LEU C 42 -7.23 5.63 -29.76
N CYS C 43 -8.08 6.14 -28.88
CA CYS C 43 -9.13 7.07 -29.29
C CYS C 43 -8.94 8.47 -28.73
N ASP C 44 -9.78 9.39 -29.21
CA ASP C 44 -9.97 10.67 -28.55
C ASP C 44 -10.56 10.42 -27.17
N LEU C 45 -10.23 11.29 -26.22
CA LEU C 45 -10.80 11.19 -24.88
C LEU C 45 -11.80 12.31 -24.72
N ASP C 46 -13.09 11.98 -24.82
CA ASP C 46 -14.17 12.97 -24.83
C ASP C 46 -14.00 13.97 -25.96
N GLY C 47 -13.69 13.48 -27.15
CA GLY C 47 -13.62 14.33 -28.32
C GLY C 47 -12.26 14.98 -28.57
N VAL C 48 -11.44 15.10 -27.54
CA VAL C 48 -10.12 15.72 -27.70
C VAL C 48 -9.02 14.68 -28.01
N LYS C 49 -8.31 14.91 -29.12
CA LYS C 49 -7.37 13.93 -29.63
C LYS C 49 -6.09 13.82 -28.80
N PRO C 50 -5.60 12.59 -28.60
CA PRO C 50 -4.30 12.48 -27.91
C PRO C 50 -3.17 12.95 -28.81
N LEU C 51 -2.05 13.32 -28.18
CA LEU C 51 -0.83 13.60 -28.91
C LEU C 51 -0.08 12.28 -29.15
N ILE C 52 -0.08 11.80 -30.38
CA ILE C 52 0.63 10.57 -30.68
C ILE C 52 1.98 10.90 -31.26
N LEU C 53 2.98 10.93 -30.39
CA LEU C 53 4.36 10.92 -30.81
C LEU C 53 4.49 9.63 -31.60
N ARG C 54 5.18 9.66 -32.73
CA ARG C 54 5.27 8.43 -33.51
C ARG C 54 6.54 7.73 -33.13
N ASP C 55 7.58 7.98 -33.90
CA ASP C 55 8.89 7.44 -33.61
C ASP C 55 9.72 8.49 -32.90
N CYS C 56 9.04 9.48 -32.35
CA CYS C 56 9.65 10.56 -31.59
C CYS C 56 9.47 10.41 -30.08
N SER C 57 10.50 10.75 -29.32
CA SER C 57 10.42 10.76 -27.87
C SER C 57 9.96 12.15 -27.42
N VAL C 58 9.70 12.29 -26.12
CA VAL C 58 9.40 13.60 -25.58
C VAL C 58 10.60 14.57 -25.76
N ALA C 59 11.82 14.07 -25.59
CA ALA C 59 13.01 14.88 -25.81
C ALA C 59 13.10 15.34 -27.26
N GLY C 60 12.90 14.41 -28.19
CA GLY C 60 12.97 14.73 -29.60
C GLY C 60 11.93 15.77 -29.98
N TRP C 61 10.75 15.63 -29.41
CA TRP C 61 9.68 16.57 -29.67
C TRP C 61 10.01 17.95 -29.13
N LEU C 62 10.32 18.05 -27.83
CA LEU C 62 10.52 19.36 -27.20
C LEU C 62 11.78 20.09 -27.66
N LEU C 63 12.86 19.35 -27.87
CA LEU C 63 14.10 19.97 -28.32
C LEU C 63 13.99 20.31 -29.80
N GLY C 64 13.10 19.59 -30.48
CA GLY C 64 12.90 19.81 -31.91
C GLY C 64 13.86 19.04 -32.81
N ASN C 65 14.01 17.75 -32.54
CA ASN C 65 14.73 16.87 -33.44
C ASN C 65 14.12 17.04 -34.82
N PRO C 66 14.96 17.27 -35.84
CA PRO C 66 14.50 17.53 -37.21
C PRO C 66 13.57 16.45 -37.75
N MET C 67 13.71 15.23 -37.26
CA MET C 67 12.84 14.15 -37.71
C MET C 67 11.44 14.19 -37.11
N CYS C 68 11.23 15.13 -36.19
CA CYS C 68 9.98 15.21 -35.44
C CYS C 68 9.20 16.47 -35.80
N ASP C 69 9.46 17.02 -36.99
CA ASP C 69 8.87 18.29 -37.41
C ASP C 69 7.36 18.30 -37.36
N GLU C 70 6.76 17.11 -37.44
CA GLU C 70 5.32 16.93 -37.33
C GLU C 70 4.74 17.59 -36.07
N PHE C 71 5.58 17.73 -35.05
CA PHE C 71 5.10 18.18 -33.76
C PHE C 71 5.64 19.56 -33.40
N LEU C 72 6.03 20.31 -34.42
CA LEU C 72 6.59 21.64 -34.23
C LEU C 72 5.64 22.58 -33.46
N ASN C 73 4.36 22.53 -33.78
CA ASN C 73 3.35 23.34 -33.08
C ASN C 73 2.06 22.58 -32.81
N VAL C 74 2.12 21.79 -31.75
CA VAL C 74 1.12 20.79 -31.45
C VAL C 74 -0.12 21.39 -30.78
N PRO C 75 -1.31 20.93 -31.20
CA PRO C 75 -2.59 21.38 -30.65
C PRO C 75 -2.87 20.74 -29.30
N GLU C 76 -3.94 21.16 -28.63
CA GLU C 76 -4.30 20.61 -27.34
C GLU C 76 -4.47 19.09 -27.38
N TRP C 77 -4.01 18.41 -26.34
CA TRP C 77 -4.14 16.96 -26.28
C TRP C 77 -4.88 16.51 -25.03
N SER C 78 -5.39 15.28 -25.07
CA SER C 78 -6.04 14.71 -23.90
C SER C 78 -5.03 13.87 -23.15
N TYR C 79 -4.23 13.10 -23.89
CA TYR C 79 -3.14 12.34 -23.30
C TYR C 79 -2.02 12.17 -24.32
N ILE C 80 -0.88 11.67 -23.88
CA ILE C 80 0.28 11.55 -24.75
C ILE C 80 0.66 10.09 -24.94
N VAL C 81 0.89 9.69 -26.18
CA VAL C 81 1.34 8.33 -26.46
C VAL C 81 2.77 8.31 -26.99
N GLU C 82 3.61 7.50 -26.35
CA GLU C 82 5.02 7.36 -26.71
C GLU C 82 5.34 5.88 -26.83
N LYS C 83 6.09 5.51 -27.85
CA LYS C 83 6.51 4.12 -28.01
C LYS C 83 7.50 3.74 -26.91
N ILE C 84 7.70 2.45 -26.72
CA ILE C 84 8.57 1.94 -25.66
C ILE C 84 9.98 2.45 -25.86
N ASN C 85 10.38 2.53 -27.12
CA ASN C 85 11.76 2.87 -27.46
C ASN C 85 11.83 3.67 -28.77
N PRO C 86 11.34 4.93 -28.73
CA PRO C 86 11.27 5.78 -29.92
C PRO C 86 12.60 5.85 -30.67
N VAL C 87 12.54 5.80 -32.00
CA VAL C 87 13.73 5.84 -32.85
C VAL C 87 14.36 7.24 -32.92
N ASN C 88 13.51 8.26 -33.01
CA ASN C 88 13.96 9.66 -33.04
C ASN C 88 13.98 10.31 -31.66
N ASP C 89 15.12 10.25 -31.00
CA ASP C 89 15.25 10.77 -29.63
C ASP C 89 16.27 11.92 -29.64
N LEU C 90 17.48 11.68 -29.13
CA LEU C 90 18.55 12.67 -29.18
C LEU C 90 19.45 12.34 -30.35
N CYS C 91 19.26 13.05 -31.46
CA CYS C 91 19.97 12.71 -32.68
C CYS C 91 21.45 12.92 -32.43
N TYR C 92 21.80 14.07 -31.89
CA TYR C 92 23.14 14.26 -31.37
C TYR C 92 23.13 13.65 -29.98
N PRO C 93 23.96 12.62 -29.76
CA PRO C 93 23.97 11.87 -28.50
C PRO C 93 24.29 12.76 -27.30
N GLY C 94 23.80 12.34 -26.14
CA GLY C 94 24.03 13.07 -24.91
C GLY C 94 23.02 12.66 -23.88
N ASN C 95 22.57 13.63 -23.08
CA ASN C 95 21.60 13.36 -22.04
C ASN C 95 20.75 14.59 -21.73
N PHE C 96 19.54 14.31 -21.24
CA PHE C 96 18.59 15.33 -20.83
C PHE C 96 18.44 15.28 -19.31
N ASN C 97 18.93 16.30 -18.62
CA ASN C 97 18.86 16.36 -17.17
C ASN C 97 17.43 16.41 -16.60
N ASP C 98 17.21 15.67 -15.52
CA ASP C 98 15.91 15.57 -14.89
C ASP C 98 14.77 15.28 -15.87
N TYR C 99 15.03 14.35 -16.78
CA TYR C 99 14.09 13.99 -17.83
C TYR C 99 12.78 13.40 -17.27
N GLU C 100 12.91 12.53 -16.28
CA GLU C 100 11.75 11.86 -15.70
C GLU C 100 10.90 12.87 -14.93
N GLU C 101 11.54 13.84 -14.28
CA GLU C 101 10.78 14.90 -13.58
C GLU C 101 10.04 15.81 -14.57
N LEU C 102 10.62 15.99 -15.76
CA LEU C 102 10.00 16.79 -16.80
C LEU C 102 8.83 16.05 -17.40
N LYS C 103 9.03 14.76 -17.69
CA LYS C 103 7.94 13.95 -18.23
C LYS C 103 6.79 13.89 -17.22
N HIS C 104 7.12 13.91 -15.95
CA HIS C 104 6.09 13.92 -14.92
C HIS C 104 5.32 15.21 -14.97
N LEU C 105 6.03 16.33 -15.14
CA LEU C 105 5.40 17.64 -15.30
C LEU C 105 4.44 17.61 -16.48
N LEU C 106 4.84 16.93 -17.55
CA LEU C 106 4.09 16.88 -18.81
C LEU C 106 2.72 16.26 -18.59
N SER C 107 2.63 15.39 -17.59
CA SER C 107 1.40 14.66 -17.31
C SER C 107 0.35 15.54 -16.67
N ARG C 108 0.73 16.78 -16.37
CA ARG C 108 -0.21 17.74 -15.79
C ARG C 108 -0.48 18.88 -16.78
N ILE C 109 -0.03 18.71 -18.02
CA ILE C 109 -0.14 19.76 -19.03
C ILE C 109 -0.95 19.28 -20.24
N ASN C 110 -1.82 20.14 -20.75
CA ASN C 110 -2.67 19.77 -21.89
C ASN C 110 -2.35 20.53 -23.15
N HIS C 111 -1.64 21.65 -23.00
CA HIS C 111 -1.34 22.48 -24.15
C HIS C 111 -0.14 23.42 -23.94
N PHE C 112 0.77 23.41 -24.91
CA PHE C 112 1.80 24.43 -25.00
C PHE C 112 1.45 25.36 -26.15
N GLU C 113 1.88 26.61 -26.07
CA GLU C 113 2.14 27.34 -27.30
C GLU C 113 3.62 27.72 -27.35
N LYS C 114 4.28 27.25 -28.39
CA LYS C 114 5.68 27.50 -28.53
C LYS C 114 5.85 28.93 -29.03
N ILE C 115 6.73 29.68 -28.37
CA ILE C 115 7.06 31.02 -28.82
C ILE C 115 8.56 31.16 -29.00
N GLN C 116 8.96 32.02 -29.93
CA GLN C 116 10.37 32.36 -30.10
C GLN C 116 10.78 33.36 -29.05
N ILE C 117 11.84 33.05 -28.32
CA ILE C 117 12.24 33.81 -27.14
C ILE C 117 13.57 34.52 -27.41
N ILE C 118 14.43 33.90 -28.20
CA ILE C 118 15.66 34.56 -28.67
C ILE C 118 15.86 34.33 -30.16
N PRO C 119 15.66 35.36 -30.98
CA PRO C 119 15.72 35.22 -32.44
C PRO C 119 17.13 34.90 -32.90
N LYS C 120 17.24 34.10 -33.94
CA LYS C 120 18.54 33.67 -34.47
C LYS C 120 19.29 34.89 -35.01
N SER C 121 18.53 35.88 -35.48
CA SER C 121 19.10 37.09 -36.03
C SER C 121 19.76 37.96 -34.97
N SER C 122 19.46 37.69 -33.70
CA SER C 122 19.95 38.55 -32.62
C SER C 122 21.35 38.16 -32.17
N TRP C 123 21.92 37.14 -32.80
CA TRP C 123 23.29 36.74 -32.49
C TRP C 123 24.29 37.52 -33.35
N SER C 124 24.49 38.78 -32.98
CA SER C 124 25.35 39.70 -33.75
C SER C 124 26.81 39.27 -33.87
N ASP C 125 27.39 38.78 -32.77
CA ASP C 125 28.83 38.53 -32.72
C ASP C 125 29.21 37.04 -32.67
N HIS C 126 28.32 36.15 -33.10
CA HIS C 126 28.63 34.73 -33.21
C HIS C 126 27.96 34.16 -34.44
N GLU C 127 28.39 32.96 -34.86
CA GLU C 127 27.69 32.24 -35.93
C GLU C 127 26.51 31.43 -35.40
N ALA C 128 25.29 31.85 -35.75
CA ALA C 128 24.09 31.18 -35.27
C ALA C 128 23.50 30.24 -36.32
N SER C 129 24.23 30.04 -37.41
CA SER C 129 23.67 29.26 -38.53
C SER C 129 24.66 28.25 -39.07
N SER C 130 25.66 27.91 -38.27
CA SER C 130 26.65 26.92 -38.66
C SER C 130 26.64 25.71 -37.73
N GLY C 131 25.71 25.72 -36.77
CA GLY C 131 25.66 24.65 -35.79
C GLY C 131 24.77 23.50 -36.20
N VAL C 132 25.27 22.67 -37.09
CA VAL C 132 24.52 21.53 -37.62
C VAL C 132 25.42 20.30 -37.62
N SER C 133 24.82 19.13 -37.78
CA SER C 133 25.55 17.87 -37.68
C SER C 133 24.94 16.75 -38.51
N SER C 134 25.76 15.81 -38.95
CA SER C 134 25.28 14.65 -39.71
C SER C 134 24.55 13.66 -38.80
N ALA C 135 24.67 13.87 -37.50
CA ALA C 135 23.94 13.07 -36.52
C ALA C 135 22.49 13.49 -36.52
N CYS C 136 22.24 14.72 -36.95
CA CYS C 136 20.88 15.25 -37.04
C CYS C 136 20.48 15.60 -38.47
N PRO C 137 20.39 14.61 -39.36
CA PRO C 137 20.09 14.96 -40.75
C PRO C 137 18.64 15.41 -40.96
N TYR C 138 18.43 16.27 -41.95
CA TYR C 138 17.09 16.60 -42.38
C TYR C 138 17.06 16.70 -43.90
N GLN C 139 16.32 15.78 -44.52
CA GLN C 139 16.22 15.69 -45.97
C GLN C 139 17.60 15.60 -46.63
N GLY C 140 18.41 14.65 -46.15
CA GLY C 140 19.71 14.37 -46.75
C GLY C 140 20.88 15.24 -46.34
N ARG C 141 20.60 16.36 -45.68
CA ARG C 141 21.66 17.29 -45.32
C ARG C 141 21.71 17.51 -43.82
N SER C 142 22.90 17.81 -43.30
CA SER C 142 23.10 18.00 -41.88
C SER C 142 22.22 19.09 -41.28
N SER C 143 21.80 18.88 -40.04
CA SER C 143 20.91 19.82 -39.37
C SER C 143 21.09 19.71 -37.86
N PHE C 144 20.13 20.22 -37.09
CA PHE C 144 20.22 20.23 -35.63
C PHE C 144 18.84 20.41 -34.98
N PHE C 145 18.76 20.19 -33.67
CA PHE C 145 17.55 20.46 -32.90
C PHE C 145 17.04 21.85 -33.24
N ARG C 146 15.75 21.97 -33.57
CA ARG C 146 15.22 23.23 -34.08
C ARG C 146 14.98 24.31 -33.03
N ASN C 147 14.75 23.89 -31.79
CA ASN C 147 14.31 24.83 -30.76
C ASN C 147 15.43 25.47 -29.95
N VAL C 148 16.63 24.98 -30.15
CA VAL C 148 17.81 25.60 -29.55
C VAL C 148 18.83 25.81 -30.65
N VAL C 149 19.82 26.67 -30.40
CA VAL C 149 20.82 26.94 -31.43
C VAL C 149 22.25 26.64 -30.95
N TRP C 150 22.97 25.90 -31.79
CA TRP C 150 24.36 25.59 -31.52
C TRP C 150 25.28 26.70 -32.03
N LEU C 151 25.55 27.68 -31.17
CA LEU C 151 26.38 28.84 -31.50
C LEU C 151 27.86 28.48 -31.59
N ILE C 152 28.55 29.04 -32.58
CA ILE C 152 30.01 28.89 -32.68
C ILE C 152 30.72 30.23 -32.93
N LYS C 153 32.05 30.20 -32.93
CA LYS C 153 32.86 31.41 -33.07
C LYS C 153 32.73 32.10 -34.43
N LYS C 154 32.98 33.40 -34.44
CA LYS C 154 32.87 34.23 -35.63
C LYS C 154 34.15 35.04 -35.75
N ASN C 155 34.83 34.91 -36.89
CA ASN C 155 36.10 35.58 -37.11
C ASN C 155 37.14 35.16 -36.07
N ASN C 156 37.16 33.86 -35.76
CA ASN C 156 38.06 33.33 -34.76
C ASN C 156 37.97 34.05 -33.41
N THR C 157 36.79 34.52 -33.05
CA THR C 157 36.56 35.04 -31.71
C THR C 157 35.17 34.64 -31.20
N TYR C 158 35.08 34.41 -29.89
CA TYR C 158 33.82 34.07 -29.25
C TYR C 158 33.68 35.01 -28.06
N PRO C 159 33.06 36.18 -28.29
CA PRO C 159 32.88 37.16 -27.22
C PRO C 159 31.99 36.54 -26.15
N THR C 160 32.23 36.87 -24.89
CA THR C 160 31.41 36.28 -23.85
C THR C 160 29.99 36.83 -23.96
N ILE C 161 29.01 35.94 -23.81
CA ILE C 161 27.62 36.26 -24.04
C ILE C 161 26.95 36.70 -22.75
N LYS C 162 26.22 37.80 -22.82
CA LYS C 162 25.37 38.20 -21.69
C LYS C 162 23.97 38.48 -22.19
N ARG C 163 23.15 37.44 -22.26
CA ARG C 163 21.80 37.52 -22.82
C ARG C 163 20.79 37.16 -21.73
N SER C 164 19.69 37.91 -21.67
CA SER C 164 18.70 37.61 -20.64
C SER C 164 17.28 37.76 -21.16
N TYR C 165 16.34 37.09 -20.52
CA TYR C 165 14.96 37.09 -20.97
C TYR C 165 13.95 37.19 -19.84
N ASN C 166 13.10 38.20 -19.90
CA ASN C 166 12.05 38.40 -18.89
C ASN C 166 10.72 37.78 -19.36
N ASN C 167 10.16 36.88 -18.55
CA ASN C 167 8.88 36.25 -18.92
C ASN C 167 7.71 37.17 -18.64
N THR C 168 7.34 37.95 -19.65
CA THR C 168 6.28 38.94 -19.51
C THR C 168 4.90 38.33 -19.76
N ASN C 169 4.86 37.02 -19.96
CA ASN C 169 3.61 36.34 -20.21
C ASN C 169 2.89 36.04 -18.90
N GLN C 170 1.64 35.61 -19.00
CA GLN C 170 0.87 35.26 -17.82
C GLN C 170 1.15 33.81 -17.45
N GLU C 171 1.71 33.07 -18.41
CA GLU C 171 1.90 31.64 -18.27
C GLU C 171 3.30 31.31 -17.76
N ASP C 172 3.42 30.15 -17.11
CA ASP C 172 4.72 29.56 -16.83
C ASP C 172 5.35 29.27 -18.17
N LEU C 173 6.68 29.31 -18.22
CA LEU C 173 7.42 29.18 -19.47
C LEU C 173 8.46 28.07 -19.34
N LEU C 174 8.39 27.06 -20.20
CA LEU C 174 9.36 25.96 -20.20
C LEU C 174 10.55 26.33 -21.07
N VAL C 175 11.70 26.55 -20.45
CA VAL C 175 12.90 26.99 -21.17
C VAL C 175 13.98 25.91 -21.22
N LEU C 176 14.48 25.63 -22.42
CA LEU C 176 15.46 24.58 -22.65
C LEU C 176 16.79 25.14 -23.15
N TRP C 177 17.89 24.61 -22.62
CA TRP C 177 19.21 24.97 -23.15
C TRP C 177 20.16 23.81 -22.94
N GLY C 178 21.40 23.98 -23.41
CA GLY C 178 22.39 22.94 -23.28
C GLY C 178 23.85 23.35 -23.32
N ILE C 179 24.70 22.35 -23.15
CA ILE C 179 26.11 22.53 -23.23
C ILE C 179 26.68 21.42 -24.11
N HIS C 180 27.64 21.77 -24.95
CA HIS C 180 28.34 20.81 -25.78
C HIS C 180 29.65 20.35 -25.12
N HIS C 181 29.81 19.04 -24.98
CA HIS C 181 31.06 18.43 -24.52
C HIS C 181 31.83 17.88 -25.73
N PRO C 182 32.89 18.59 -26.17
CA PRO C 182 33.72 18.13 -27.29
C PRO C 182 34.52 16.86 -26.92
N ASN C 183 35.37 16.38 -27.82
CA ASN C 183 36.25 15.28 -27.45
C ASN C 183 37.71 15.66 -27.20
N ASP C 184 38.14 16.86 -27.61
CA ASP C 184 39.50 17.32 -27.32
C ASP C 184 39.69 18.82 -27.40
N ALA C 185 40.85 19.27 -26.93
CA ALA C 185 41.21 20.68 -26.91
C ALA C 185 41.20 21.27 -28.32
N ALA C 186 41.56 20.45 -29.30
CA ALA C 186 41.58 20.92 -30.69
C ALA C 186 40.17 21.28 -31.17
N GLU C 187 39.22 20.40 -30.87
CA GLU C 187 37.83 20.62 -31.24
C GLU C 187 37.29 21.80 -30.44
N GLN C 188 37.71 21.92 -29.19
CA GLN C 188 37.30 23.04 -28.37
C GLN C 188 37.68 24.36 -29.04
N THR C 189 38.96 24.60 -29.26
CA THR C 189 39.43 25.86 -29.86
C THR C 189 38.89 26.09 -31.27
N ARG C 190 38.69 25.01 -32.04
CA ARG C 190 38.17 25.16 -33.39
C ARG C 190 36.72 25.61 -33.43
N LEU C 191 35.90 25.17 -32.48
CA LEU C 191 34.50 25.55 -32.44
C LEU C 191 34.32 26.88 -31.72
N TYR C 192 34.97 26.97 -30.57
CA TYR C 192 34.91 28.14 -29.70
C TYR C 192 36.34 28.46 -29.31
N GLN C 193 36.86 29.59 -29.78
CA GLN C 193 38.27 29.92 -29.58
C GLN C 193 38.78 29.66 -28.19
N ASN C 194 38.03 30.13 -27.21
CA ASN C 194 38.42 30.06 -25.82
C ASN C 194 38.58 28.61 -25.34
N PRO C 195 39.72 28.31 -24.70
CA PRO C 195 40.01 26.94 -24.26
C PRO C 195 39.31 26.58 -22.96
N THR C 196 39.06 27.58 -22.11
CA THR C 196 38.52 27.36 -20.78
C THR C 196 37.18 28.06 -20.62
N THR C 197 36.10 27.30 -20.75
CA THR C 197 34.78 27.89 -20.88
C THR C 197 33.79 27.48 -19.79
N TYR C 198 32.67 28.18 -19.76
CA TYR C 198 31.64 27.94 -18.78
C TYR C 198 30.31 28.45 -19.33
N ILE C 199 29.22 28.00 -18.72
CA ILE C 199 27.92 28.58 -18.96
C ILE C 199 27.28 28.80 -17.61
N SER C 200 26.99 30.05 -17.29
CA SER C 200 26.21 30.30 -16.08
C SER C 200 24.77 30.66 -16.43
N VAL C 201 23.84 30.16 -15.62
CA VAL C 201 22.43 30.40 -15.79
C VAL C 201 21.85 30.72 -14.42
N GLY C 202 21.11 31.83 -14.34
CA GLY C 202 20.41 32.21 -13.12
C GLY C 202 18.96 32.66 -13.33
N THR C 203 18.13 32.37 -12.34
CA THR C 203 16.77 32.88 -12.26
C THR C 203 16.53 33.30 -10.81
N SER C 204 15.30 33.32 -10.34
CA SER C 204 15.08 33.62 -8.92
C SER C 204 15.60 32.45 -8.09
N THR C 205 15.56 31.29 -8.72
CA THR C 205 15.67 30.02 -8.03
C THR C 205 16.91 29.25 -8.50
N LEU C 206 17.40 29.57 -9.69
CA LEU C 206 18.43 28.79 -10.33
C LEU C 206 19.76 29.49 -10.25
N ASN C 207 20.79 28.76 -9.85
CA ASN C 207 22.12 29.30 -9.72
C ASN C 207 23.13 28.30 -10.25
N GLN C 208 23.22 28.23 -11.57
CA GLN C 208 23.95 27.16 -12.24
C GLN C 208 25.24 27.65 -12.93
N ARG C 209 26.29 26.83 -12.90
CA ARG C 209 27.51 27.09 -13.64
C ARG C 209 28.08 25.79 -14.19
N LEU C 210 28.02 25.64 -15.50
CA LEU C 210 28.45 24.43 -16.20
C LEU C 210 29.79 24.66 -16.85
N VAL C 211 30.65 23.66 -16.81
CA VAL C 211 31.87 23.68 -17.62
C VAL C 211 31.92 22.40 -18.41
N PRO C 212 32.33 22.50 -19.68
CA PRO C 212 32.40 21.35 -20.57
C PRO C 212 33.38 20.31 -20.05
N LYS C 213 33.07 19.05 -20.30
CA LYS C 213 33.97 17.95 -19.99
C LYS C 213 34.55 17.34 -21.27
N LEU C 214 35.86 17.49 -21.46
CA LEU C 214 36.54 16.84 -22.59
C LEU C 214 36.90 15.42 -22.22
N ALA C 215 36.57 14.47 -23.10
CA ALA C 215 36.87 13.05 -22.88
C ALA C 215 36.76 12.25 -24.17
N THR C 216 37.37 11.07 -24.21
CA THR C 216 37.28 10.24 -25.41
C THR C 216 36.17 9.23 -25.21
N ARG C 217 35.14 9.32 -26.05
CA ARG C 217 33.96 8.48 -25.90
C ARG C 217 33.72 7.66 -27.15
N SER C 218 32.87 6.64 -27.04
CA SER C 218 32.52 5.82 -28.19
C SER C 218 31.52 6.57 -29.08
N LYS C 219 31.57 6.31 -30.38
CA LYS C 219 30.68 6.97 -31.30
C LYS C 219 29.24 6.50 -31.17
N VAL C 220 28.34 7.45 -30.95
CA VAL C 220 26.92 7.17 -31.00
C VAL C 220 26.38 8.09 -32.08
N ASN C 221 25.58 7.54 -32.98
CA ASN C 221 25.14 8.26 -34.16
C ASN C 221 26.28 8.97 -34.87
N GLY C 222 27.45 8.34 -34.87
CA GLY C 222 28.61 8.86 -35.55
C GLY C 222 29.34 9.97 -34.81
N GLN C 223 28.99 10.20 -33.56
CA GLN C 223 29.60 11.29 -32.81
C GLN C 223 30.21 10.84 -31.47
N SER C 224 31.36 11.40 -31.13
CA SER C 224 31.97 11.12 -29.84
C SER C 224 31.74 12.28 -28.88
N GLY C 225 31.23 13.39 -29.42
CA GLY C 225 30.86 14.53 -28.59
C GLY C 225 29.53 14.24 -27.93
N ARG C 226 29.16 15.06 -26.96
CA ARG C 226 27.86 14.92 -26.31
C ARG C 226 27.22 16.26 -26.14
N MET C 227 25.90 16.29 -26.27
CA MET C 227 25.10 17.46 -25.93
C MET C 227 24.34 17.15 -24.65
N GLU C 228 24.47 18.01 -23.65
CA GLU C 228 23.75 17.81 -22.41
C GLU C 228 22.74 18.95 -22.25
N PHE C 229 21.47 18.60 -22.12
CA PHE C 229 20.44 19.62 -22.07
C PHE C 229 19.84 19.81 -20.69
N PHE C 230 19.36 21.03 -20.44
CA PHE C 230 18.75 21.39 -19.17
C PHE C 230 17.44 22.12 -19.41
N TRP C 231 16.64 22.22 -18.36
CA TRP C 231 15.36 22.89 -18.48
C TRP C 231 15.02 23.57 -17.18
N THR C 232 14.15 24.56 -17.25
CA THR C 232 13.57 25.11 -16.04
C THR C 232 12.20 25.65 -16.39
N ILE C 233 11.36 25.85 -15.37
CA ILE C 233 10.12 26.57 -15.55
C ILE C 233 10.35 28.03 -15.14
N LEU C 234 10.26 28.96 -16.09
CA LEU C 234 10.38 30.39 -15.78
C LEU C 234 9.03 30.92 -15.32
N LYS C 235 8.98 31.42 -14.08
CA LYS C 235 7.76 32.01 -13.56
C LYS C 235 7.45 33.31 -14.28
N PRO C 236 6.16 33.65 -14.40
CA PRO C 236 5.79 34.94 -14.99
C PRO C 236 6.44 36.06 -14.19
N ASN C 237 6.94 37.07 -14.90
CA ASN C 237 7.64 38.20 -14.29
C ASN C 237 9.06 37.93 -13.81
N ASP C 238 9.50 36.69 -13.90
CA ASP C 238 10.88 36.39 -13.56
C ASP C 238 11.71 36.44 -14.82
N ALA C 239 13.02 36.56 -14.65
CA ALA C 239 13.94 36.58 -15.79
C ALA C 239 14.97 35.47 -15.69
N ILE C 240 15.50 35.06 -16.83
CA ILE C 240 16.57 34.08 -16.84
C ILE C 240 17.81 34.75 -17.43
N ASN C 241 18.96 34.56 -16.80
CA ASN C 241 20.18 35.21 -17.28
C ASN C 241 21.26 34.20 -17.69
N PHE C 242 21.68 34.26 -18.95
CA PHE C 242 22.75 33.41 -19.44
C PHE C 242 24.05 34.19 -19.59
N GLU C 243 25.16 33.60 -19.13
CA GLU C 243 26.48 34.10 -19.47
C GLU C 243 27.32 32.91 -19.92
N SER C 244 28.11 33.11 -20.96
CA SER C 244 28.86 32.01 -21.57
C SER C 244 29.92 32.50 -22.54
N ASN C 245 31.09 31.86 -22.50
CA ASN C 245 32.15 32.17 -23.45
C ASN C 245 32.45 30.97 -24.31
N GLY C 246 31.45 30.11 -24.50
CA GLY C 246 31.60 28.99 -25.40
C GLY C 246 30.79 27.78 -24.98
N ASN C 247 30.63 26.83 -25.91
CA ASN C 247 29.90 25.56 -25.68
C ASN C 247 28.41 25.70 -25.33
N PHE C 248 27.87 26.90 -25.51
CA PHE C 248 26.49 27.23 -25.14
C PHE C 248 25.53 26.79 -26.24
N ILE C 249 24.57 25.92 -25.89
CA ILE C 249 23.50 25.63 -26.82
C ILE C 249 22.30 26.46 -26.36
N ALA C 250 22.13 27.63 -26.98
CA ALA C 250 21.22 28.66 -26.51
C ALA C 250 19.75 28.38 -26.86
N PRO C 251 18.82 28.86 -26.03
CA PRO C 251 17.40 28.75 -26.35
C PRO C 251 17.07 29.55 -27.61
N GLU C 252 16.10 29.08 -28.37
CA GLU C 252 15.51 29.87 -29.44
C GLU C 252 14.02 29.90 -29.23
N ASN C 253 13.44 28.73 -28.98
CA ASN C 253 12.03 28.61 -28.69
C ASN C 253 11.81 28.07 -27.29
N ALA C 254 10.78 28.59 -26.63
CA ALA C 254 10.36 28.10 -25.33
C ALA C 254 8.88 27.78 -25.38
N TYR C 255 8.32 27.27 -24.29
CA TYR C 255 6.95 26.75 -24.33
C TYR C 255 6.10 27.38 -23.25
N LYS C 256 5.12 28.18 -23.67
CA LYS C 256 4.13 28.71 -22.75
C LYS C 256 3.18 27.60 -22.30
N ILE C 257 3.10 27.40 -21.00
CA ILE C 257 2.16 26.43 -20.47
C ILE C 257 0.77 27.07 -20.40
N VAL C 258 -0.06 26.76 -21.39
CA VAL C 258 -1.33 27.48 -21.56
C VAL C 258 -2.57 26.66 -21.21
N LYS C 259 -2.37 25.44 -20.73
CA LYS C 259 -3.46 24.64 -20.22
C LYS C 259 -2.96 23.52 -19.33
N LYS C 260 -3.28 23.60 -18.05
CA LYS C 260 -3.00 22.54 -17.10
C LYS C 260 -4.26 21.69 -16.93
N GLY C 261 -4.08 20.41 -16.63
CA GLY C 261 -5.20 19.51 -16.44
C GLY C 261 -4.71 18.09 -16.32
N ASP C 262 -5.60 17.18 -15.96
CA ASP C 262 -5.20 15.78 -15.81
C ASP C 262 -4.88 15.15 -17.15
N SER C 263 -3.72 14.49 -17.21
CA SER C 263 -3.21 13.88 -18.42
C SER C 263 -2.29 12.74 -18.04
N THR C 264 -1.71 12.07 -19.03
CA THR C 264 -0.78 10.99 -18.76
C THR C 264 0.07 10.72 -19.99
N ILE C 265 1.17 10.01 -19.79
CA ILE C 265 1.99 9.52 -20.89
C ILE C 265 1.89 8.01 -20.98
N MET C 266 1.25 7.53 -22.04
CA MET C 266 1.05 6.10 -22.24
C MET C 266 2.13 5.48 -23.09
N LYS C 267 2.72 4.42 -22.57
CA LYS C 267 3.66 3.64 -23.37
C LYS C 267 2.87 2.61 -24.18
N SER C 268 2.86 2.78 -25.50
CA SER C 268 2.08 1.92 -26.38
C SER C 268 2.62 1.94 -27.81
N GLU C 269 2.55 0.80 -28.49
CA GLU C 269 2.98 0.71 -29.88
C GLU C 269 1.83 0.99 -30.84
N LEU C 270 0.60 1.05 -30.31
CA LEU C 270 -0.56 1.31 -31.13
C LEU C 270 -0.49 2.69 -31.76
N GLU C 271 -1.19 2.85 -32.89
CA GLU C 271 -1.34 4.15 -33.50
C GLU C 271 -2.75 4.68 -33.27
N TYR C 272 -3.02 5.87 -33.77
CA TYR C 272 -4.33 6.48 -33.62
C TYR C 272 -5.38 5.68 -34.36
N GLY C 273 -6.35 5.16 -33.61
CA GLY C 273 -7.57 4.66 -34.20
C GLY C 273 -8.46 5.88 -34.32
N ASN C 274 -9.39 5.89 -35.26
CA ASN C 274 -10.19 7.10 -35.44
C ASN C 274 -11.50 7.06 -34.69
N CYS C 275 -11.42 6.83 -33.39
CA CYS C 275 -12.59 6.64 -32.56
C CYS C 275 -12.61 7.66 -31.42
N ASN C 276 -13.67 7.63 -30.63
CA ASN C 276 -13.78 8.46 -29.44
C ASN C 276 -14.19 7.56 -28.28
N THR C 277 -13.67 7.87 -27.09
CA THR C 277 -13.99 7.07 -25.91
C THR C 277 -14.13 7.94 -24.67
N LYS C 278 -14.55 7.33 -23.57
CA LYS C 278 -14.59 8.01 -22.29
C LYS C 278 -13.53 7.41 -21.37
N CYS C 279 -12.92 6.32 -21.83
CA CYS C 279 -11.98 5.56 -21.03
C CYS C 279 -10.97 4.87 -21.93
N GLN C 280 -9.69 5.18 -21.72
CA GLN C 280 -8.61 4.69 -22.57
C GLN C 280 -7.55 3.91 -21.79
N THR C 281 -7.02 2.86 -22.42
CA THR C 281 -5.88 2.12 -21.87
C THR C 281 -4.82 1.99 -22.96
N PRO C 282 -3.58 1.63 -22.59
CA PRO C 282 -2.52 1.52 -23.59
C PRO C 282 -2.74 0.44 -24.64
N ILE C 283 -3.69 -0.46 -24.43
CA ILE C 283 -3.93 -1.52 -25.40
C ILE C 283 -5.29 -1.43 -26.09
N GLY C 284 -6.08 -0.45 -25.70
CA GLY C 284 -7.40 -0.23 -26.29
C GLY C 284 -8.34 0.53 -25.39
N ALA C 285 -9.43 1.04 -25.96
CA ALA C 285 -10.41 1.80 -25.21
C ALA C 285 -11.54 0.93 -24.65
N ILE C 286 -12.26 1.46 -23.65
CA ILE C 286 -13.31 0.73 -22.97
C ILE C 286 -14.63 1.48 -23.07
N ASN C 287 -15.66 0.79 -23.55
CA ASN C 287 -17.03 1.29 -23.50
C ASN C 287 -17.86 0.35 -22.64
N SER C 288 -18.17 0.77 -21.41
CA SER C 288 -18.77 -0.14 -20.44
C SER C 288 -19.52 0.55 -19.30
N SER C 289 -20.39 -0.20 -18.65
CA SER C 289 -21.14 0.29 -17.51
C SER C 289 -20.82 -0.58 -16.30
N MET C 290 -19.99 -1.61 -16.54
CA MET C 290 -19.51 -2.47 -15.47
C MET C 290 -18.78 -1.65 -14.42
N PRO C 291 -18.80 -2.10 -13.17
CA PRO C 291 -18.03 -1.44 -12.11
C PRO C 291 -16.59 -1.93 -12.06
N PHE C 292 -16.27 -2.98 -12.81
CA PHE C 292 -14.92 -3.53 -12.85
C PHE C 292 -14.49 -3.90 -14.27
N HIS C 293 -13.19 -3.82 -14.52
CA HIS C 293 -12.60 -4.36 -15.74
C HIS C 293 -11.26 -5.04 -15.42
N ASN C 294 -10.75 -5.81 -16.36
CA ASN C 294 -9.49 -6.54 -16.13
C ASN C 294 -8.52 -6.36 -17.31
N ILE C 295 -8.69 -5.24 -18.00
CA ILE C 295 -8.00 -4.99 -19.25
C ILE C 295 -6.56 -4.49 -19.09
N HIS C 296 -6.39 -3.40 -18.35
CA HIS C 296 -5.06 -2.85 -18.08
C HIS C 296 -5.09 -1.96 -16.85
N PRO C 297 -4.04 -2.05 -16.00
CA PRO C 297 -3.96 -1.19 -14.82
C PRO C 297 -3.91 0.30 -15.15
N LEU C 298 -3.21 0.66 -16.22
CA LEU C 298 -2.99 2.08 -16.56
C LEU C 298 -4.13 2.68 -17.37
N THR C 299 -4.83 3.64 -16.79
CA THR C 299 -6.11 4.06 -17.34
C THR C 299 -6.30 5.56 -17.27
N ILE C 300 -7.01 6.13 -18.24
CA ILE C 300 -7.39 7.53 -18.16
C ILE C 300 -8.83 7.77 -18.60
N GLY C 301 -9.53 8.62 -17.86
CA GLY C 301 -10.92 8.96 -18.14
C GLY C 301 -11.87 8.47 -17.06
N GLU C 302 -13.15 8.41 -17.42
CA GLU C 302 -14.18 7.86 -16.53
C GLU C 302 -14.23 6.36 -16.71
N CYS C 303 -13.58 5.62 -15.81
CA CYS C 303 -13.30 4.21 -16.03
C CYS C 303 -13.87 3.32 -14.94
N PRO C 304 -13.99 2.01 -15.24
CA PRO C 304 -14.32 1.03 -14.21
C PRO C 304 -13.08 0.76 -13.38
N LYS C 305 -13.22 0.10 -12.24
CA LYS C 305 -12.06 -0.19 -11.38
C LYS C 305 -11.32 -1.41 -11.86
N TYR C 306 -10.01 -1.29 -12.02
CA TYR C 306 -9.21 -2.41 -12.50
C TYR C 306 -9.05 -3.49 -11.45
N VAL C 307 -8.99 -4.73 -11.90
CA VAL C 307 -8.93 -5.88 -11.03
C VAL C 307 -8.24 -7.00 -11.79
N LYS C 308 -7.63 -7.93 -11.08
CA LYS C 308 -6.90 -9.04 -11.71
C LYS C 308 -7.76 -10.26 -12.03
N SER C 309 -9.03 -10.23 -11.65
CA SER C 309 -9.92 -11.37 -11.88
C SER C 309 -10.21 -11.55 -13.36
N ASN C 310 -10.37 -12.78 -13.79
CA ASN C 310 -10.86 -13.06 -15.13
C ASN C 310 -12.35 -13.45 -15.14
N ARG C 311 -12.97 -13.40 -13.96
CA ARG C 311 -14.41 -13.64 -13.82
C ARG C 311 -14.98 -13.05 -12.53
N LEU C 312 -15.96 -12.17 -12.68
CA LEU C 312 -16.75 -11.70 -11.54
C LEU C 312 -18.24 -11.72 -11.86
N VAL C 313 -18.96 -12.68 -11.28
CA VAL C 313 -20.39 -12.79 -11.50
C VAL C 313 -21.19 -12.90 -10.20
N LEU C 314 -22.11 -11.97 -10.02
CA LEU C 314 -22.95 -11.91 -8.85
C LEU C 314 -24.22 -12.75 -9.06
N ALA C 315 -24.71 -13.35 -7.99
CA ALA C 315 -25.99 -14.05 -8.04
C ALA C 315 -27.13 -13.07 -7.78
N THR C 316 -28.16 -13.11 -8.61
CA THR C 316 -29.37 -12.36 -8.34
C THR C 316 -30.52 -13.29 -7.96
N GLY C 317 -30.72 -14.33 -8.76
CA GLY C 317 -31.77 -15.31 -8.53
C GLY C 317 -31.32 -16.45 -7.63
N LEU C 318 -32.12 -17.52 -7.58
CA LEU C 318 -31.88 -18.63 -6.67
C LEU C 318 -31.29 -19.84 -7.38
N ARG C 319 -30.94 -20.87 -6.62
CA ARG C 319 -30.33 -22.07 -7.19
C ARG C 319 -31.26 -22.79 -8.18
N ASN C 320 -30.69 -23.17 -9.32
CA ASN C 320 -31.44 -23.80 -10.40
C ASN C 320 -31.10 -25.29 -10.53
N SER C 321 -32.10 -26.12 -10.84
CA SER C 321 -31.89 -27.55 -11.05
C SER C 321 -32.78 -28.13 -12.15
N GLY D 1 -37.40 -10.34 8.69
CA GLY D 1 -36.22 -10.98 9.24
C GLY D 1 -35.84 -12.25 8.49
N LEU D 2 -34.65 -12.76 8.77
CA LEU D 2 -34.13 -13.92 8.07
C LEU D 2 -34.69 -15.22 8.67
N PHE D 3 -35.05 -15.16 9.95
CA PHE D 3 -35.51 -16.33 10.67
C PHE D 3 -37.04 -16.36 10.85
N GLY D 4 -37.71 -15.35 10.29
CA GLY D 4 -39.16 -15.34 10.24
C GLY D 4 -39.89 -14.82 11.48
N ALA D 5 -39.19 -14.73 12.60
CA ALA D 5 -39.80 -14.31 13.87
C ALA D 5 -40.06 -12.81 13.95
N ILE D 6 -39.00 -12.03 14.18
CA ILE D 6 -39.12 -10.58 14.34
C ILE D 6 -39.74 -9.89 13.13
N ALA D 7 -40.81 -9.13 13.37
CA ALA D 7 -41.61 -8.53 12.29
C ALA D 7 -42.00 -9.57 11.24
N GLY D 8 -42.27 -10.78 11.71
CA GLY D 8 -42.70 -11.88 10.86
C GLY D 8 -43.97 -12.49 11.44
N PHE D 9 -43.85 -13.71 11.98
CA PHE D 9 -45.01 -14.34 12.61
C PHE D 9 -45.30 -13.77 13.99
N ILE D 10 -44.37 -12.95 14.48
CA ILE D 10 -44.63 -12.10 15.64
C ILE D 10 -44.66 -10.67 15.12
N GLU D 11 -45.86 -10.17 14.87
CA GLU D 11 -46.07 -8.96 14.06
C GLU D 11 -45.42 -7.69 14.60
N GLY D 12 -45.21 -7.62 15.91
CA GLY D 12 -44.71 -6.39 16.52
C GLY D 12 -43.97 -6.59 17.82
N GLY D 13 -43.29 -5.53 18.24
CA GLY D 13 -42.50 -5.56 19.46
C GLY D 13 -43.29 -5.09 20.66
N TRP D 14 -42.82 -5.47 21.84
CA TRP D 14 -43.48 -5.09 23.08
C TRP D 14 -42.89 -3.84 23.72
N GLN D 15 -43.56 -2.72 23.55
CA GLN D 15 -43.18 -1.48 24.21
C GLN D 15 -43.19 -1.67 25.73
N GLY D 16 -43.89 -2.71 26.18
CA GLY D 16 -44.10 -2.96 27.59
C GLY D 16 -42.96 -3.67 28.30
N MET D 17 -42.19 -4.48 27.59
CA MET D 17 -41.08 -5.18 28.25
C MET D 17 -39.78 -4.40 28.18
N VAL D 18 -39.27 -4.02 29.35
CA VAL D 18 -38.10 -3.17 29.46
C VAL D 18 -36.97 -3.87 30.19
N ASP D 19 -37.17 -5.14 30.53
CA ASP D 19 -36.19 -5.88 31.33
C ASP D 19 -35.18 -6.65 30.47
N GLY D 20 -35.41 -6.67 29.16
CA GLY D 20 -34.55 -7.44 28.27
C GLY D 20 -34.96 -7.37 26.80
N TRP D 21 -34.23 -8.08 25.96
CA TRP D 21 -34.48 -8.08 24.53
C TRP D 21 -35.59 -9.06 24.18
N TYR D 22 -35.51 -10.26 24.76
CA TYR D 22 -36.47 -11.32 24.49
C TYR D 22 -37.22 -11.68 25.78
N GLY D 23 -38.51 -11.97 25.66
CA GLY D 23 -39.26 -12.35 26.84
C GLY D 23 -40.66 -12.91 26.63
N TYR D 24 -41.43 -12.94 27.72
CA TYR D 24 -42.76 -13.54 27.72
C TYR D 24 -43.86 -12.57 28.13
N HIS D 25 -45.07 -12.83 27.65
CA HIS D 25 -46.27 -12.17 28.14
C HIS D 25 -47.29 -13.22 28.53
N HIS D 26 -47.57 -13.35 29.82
CA HIS D 26 -48.50 -14.37 30.28
C HIS D 26 -49.87 -13.80 30.62
N SER D 27 -50.90 -14.64 30.52
CA SER D 27 -52.27 -14.22 30.78
C SER D 27 -53.04 -15.39 31.39
N ASN D 28 -53.23 -15.35 32.71
CA ASN D 28 -53.95 -16.42 33.38
C ASN D 28 -54.95 -15.95 34.45
N GLU D 29 -55.31 -16.85 35.36
CA GLU D 29 -56.32 -16.56 36.38
C GLU D 29 -55.81 -15.64 37.48
N GLN D 30 -54.50 -15.49 37.58
CA GLN D 30 -53.92 -14.60 38.58
C GLN D 30 -53.56 -13.23 37.98
N GLY D 31 -53.79 -13.05 36.68
CA GLY D 31 -53.57 -11.77 36.03
C GLY D 31 -52.60 -11.79 34.87
N SER D 32 -52.14 -10.60 34.48
CA SER D 32 -51.22 -10.44 33.36
C SER D 32 -49.88 -9.82 33.75
N GLY D 33 -48.94 -9.81 32.81
CA GLY D 33 -47.63 -9.24 33.05
C GLY D 33 -46.58 -9.64 32.03
N TYR D 34 -45.49 -8.88 31.97
CA TYR D 34 -44.36 -9.21 31.11
C TYR D 34 -43.22 -9.82 31.93
N ALA D 35 -42.40 -10.63 31.28
CA ALA D 35 -41.25 -11.25 31.94
C ALA D 35 -40.13 -11.55 30.95
N ALA D 36 -38.99 -10.91 31.13
CA ALA D 36 -37.85 -11.10 30.24
C ALA D 36 -37.13 -12.41 30.54
N ASP D 37 -36.75 -13.13 29.48
CA ASP D 37 -35.92 -14.32 29.64
C ASP D 37 -34.45 -13.93 29.80
N LYS D 38 -33.93 -14.06 31.02
CA LYS D 38 -32.56 -13.64 31.32
C LYS D 38 -31.51 -14.50 30.62
N GLU D 39 -31.80 -15.80 30.49
CA GLU D 39 -30.84 -16.74 29.92
C GLU D 39 -30.46 -16.38 28.48
N SER D 40 -31.46 -15.99 27.69
CA SER D 40 -31.23 -15.67 26.29
C SER D 40 -30.90 -14.20 26.06
N THR D 41 -31.34 -13.32 26.97
CA THR D 41 -31.01 -11.90 26.86
C THR D 41 -29.53 -11.68 27.19
N GLN D 42 -29.05 -12.37 28.21
CA GLN D 42 -27.67 -12.24 28.64
C GLN D 42 -26.70 -12.81 27.62
N LYS D 43 -27.07 -13.95 27.04
CA LYS D 43 -26.26 -14.61 26.02
C LYS D 43 -26.10 -13.70 24.80
N ALA D 44 -27.20 -13.05 24.41
CA ALA D 44 -27.18 -12.12 23.30
C ALA D 44 -26.37 -10.88 23.63
N ILE D 45 -26.32 -10.53 24.91
CA ILE D 45 -25.53 -9.39 25.36
C ILE D 45 -24.03 -9.73 25.28
N ASP D 46 -23.67 -10.93 25.70
CA ASP D 46 -22.28 -11.38 25.63
C ASP D 46 -21.82 -11.42 24.17
N GLY D 47 -22.71 -11.87 23.29
CA GLY D 47 -22.39 -12.01 21.89
C GLY D 47 -22.06 -10.73 21.18
N VAL D 48 -22.91 -9.72 21.31
CA VAL D 48 -22.71 -8.47 20.59
C VAL D 48 -21.68 -7.60 21.28
N THR D 49 -21.38 -7.92 22.53
CA THR D 49 -20.32 -7.22 23.24
C THR D 49 -18.97 -7.74 22.73
N ASN D 50 -18.90 -9.05 22.53
CA ASN D 50 -17.73 -9.66 21.92
C ASN D 50 -17.57 -9.20 20.47
N LYS D 51 -18.69 -9.02 19.79
CA LYS D 51 -18.67 -8.56 18.41
C LYS D 51 -18.06 -7.17 18.32
N VAL D 52 -18.54 -6.26 19.17
CA VAL D 52 -18.02 -4.90 19.19
C VAL D 52 -16.52 -4.87 19.52
N ASN D 53 -16.12 -5.60 20.55
CA ASN D 53 -14.73 -5.72 20.94
C ASN D 53 -13.82 -6.34 19.87
N SER D 54 -14.33 -7.33 19.15
CA SER D 54 -13.54 -7.97 18.09
C SER D 54 -13.31 -7.05 16.91
N ILE D 55 -14.25 -6.12 16.70
CA ILE D 55 -14.14 -5.14 15.64
C ILE D 55 -13.09 -4.06 15.99
N ILE D 56 -13.21 -3.51 17.18
CA ILE D 56 -12.26 -2.53 17.71
C ILE D 56 -10.82 -3.07 17.73
N ASP D 57 -10.66 -4.32 18.14
CA ASP D 57 -9.33 -4.90 18.35
C ASP D 57 -8.63 -5.40 17.09
N LYS D 58 -9.41 -5.79 16.09
CA LYS D 58 -8.82 -6.27 14.85
C LYS D 58 -8.22 -5.14 14.02
N MET D 59 -8.63 -3.91 14.34
CA MET D 59 -8.21 -2.74 13.58
C MET D 59 -7.44 -1.74 14.43
N ASN D 60 -6.59 -2.26 15.32
CA ASN D 60 -5.74 -1.42 16.16
C ASN D 60 -4.40 -1.12 15.48
N THR D 61 -3.89 -2.11 14.74
CA THR D 61 -2.70 -1.90 13.92
C THR D 61 -3.15 -1.64 12.49
N GLN D 62 -3.55 -0.41 12.23
CA GLN D 62 -4.01 0.03 10.92
C GLN D 62 -2.87 0.71 10.16
N PHE D 63 -3.22 1.69 9.33
CA PHE D 63 -2.19 2.49 8.67
C PHE D 63 -2.04 3.85 9.33
N GLU D 64 -0.79 4.25 9.56
CA GLU D 64 -0.50 5.51 10.24
C GLU D 64 -0.43 6.70 9.27
N ALA D 65 0.32 7.73 9.65
CA ALA D 65 0.10 9.06 9.09
C ALA D 65 1.31 9.74 8.47
N VAL D 66 2.37 9.87 9.28
CA VAL D 66 3.51 10.79 9.09
C VAL D 66 3.61 11.64 7.81
N GLY D 67 3.75 12.96 8.02
CA GLY D 67 4.03 13.89 6.94
C GLY D 67 5.48 13.83 6.49
N ARG D 68 5.71 14.02 5.20
CA ARG D 68 7.05 14.04 4.62
C ARG D 68 7.16 15.18 3.62
N GLU D 69 8.29 15.86 3.62
CA GLU D 69 8.50 16.96 2.69
C GLU D 69 9.30 16.53 1.47
N PHE D 70 9.00 17.15 0.34
CA PHE D 70 9.72 16.91 -0.90
C PHE D 70 10.00 18.24 -1.63
N ASN D 71 11.16 18.38 -2.24
CA ASN D 71 11.40 19.60 -3.00
C ASN D 71 10.79 19.54 -4.39
N ASN D 72 11.00 20.60 -5.16
CA ASN D 72 10.36 20.80 -6.45
C ASN D 72 10.80 19.84 -7.55
N LEU D 73 11.96 19.22 -7.39
CA LEU D 73 12.42 18.23 -8.34
C LEU D 73 12.29 16.80 -7.77
N GLU D 74 11.37 16.63 -6.84
CA GLU D 74 11.04 15.32 -6.30
C GLU D 74 9.54 15.04 -6.40
N ARG D 75 8.94 15.48 -7.51
CA ARG D 75 7.50 15.37 -7.70
C ARG D 75 7.05 13.94 -7.86
N ARG D 76 7.90 13.11 -8.49
CA ARG D 76 7.56 11.70 -8.67
C ARG D 76 7.45 10.98 -7.33
N ILE D 77 8.43 11.13 -6.46
CA ILE D 77 8.36 10.43 -5.19
C ILE D 77 7.34 11.06 -4.25
N GLU D 78 7.13 12.37 -4.40
CA GLU D 78 6.09 13.04 -3.64
C GLU D 78 4.72 12.45 -4.03
N ASN D 79 4.53 12.25 -5.33
CA ASN D 79 3.29 11.70 -5.85
C ASN D 79 3.12 10.23 -5.45
N LEU D 80 4.21 9.48 -5.48
CA LEU D 80 4.23 8.11 -4.99
C LEU D 80 3.82 8.06 -3.53
N ASN D 81 4.37 8.98 -2.74
CA ASN D 81 4.10 9.03 -1.30
C ASN D 81 2.64 9.37 -1.01
N LYS D 82 2.08 10.28 -1.80
CA LYS D 82 0.68 10.66 -1.66
C LYS D 82 -0.23 9.51 -2.06
N LYS D 83 0.10 8.87 -3.18
CA LYS D 83 -0.69 7.79 -3.73
C LYS D 83 -0.73 6.56 -2.82
N MET D 84 0.36 6.32 -2.09
CA MET D 84 0.37 5.16 -1.22
C MET D 84 -0.33 5.42 0.13
N GLU D 85 -0.33 6.67 0.57
CA GLU D 85 -1.01 6.98 1.83
C GLU D 85 -2.52 7.08 1.61
N ASP D 86 -2.90 7.60 0.44
CA ASP D 86 -4.28 7.60 0.01
C ASP D 86 -4.75 6.19 -0.25
N GLY D 87 -3.82 5.35 -0.71
CA GLY D 87 -4.13 3.95 -1.00
C GLY D 87 -4.59 3.22 0.24
N PHE D 88 -3.72 3.13 1.23
CA PHE D 88 -4.05 2.47 2.49
C PHE D 88 -5.25 3.10 3.18
N LEU D 89 -5.40 4.41 3.02
CA LEU D 89 -6.54 5.11 3.59
C LEU D 89 -7.83 4.58 2.98
N ASP D 90 -7.83 4.36 1.68
CA ASP D 90 -9.02 3.87 1.00
C ASP D 90 -9.37 2.44 1.41
N VAL D 91 -8.38 1.55 1.47
CA VAL D 91 -8.68 0.16 1.80
C VAL D 91 -9.10 -0.01 3.26
N TRP D 92 -8.56 0.82 4.15
CA TRP D 92 -9.00 0.75 5.53
C TRP D 92 -10.38 1.37 5.71
N THR D 93 -10.72 2.36 4.88
CA THR D 93 -12.03 2.99 4.95
C THR D 93 -13.08 2.02 4.43
N TYR D 94 -12.78 1.39 3.31
CA TYR D 94 -13.60 0.32 2.76
C TYR D 94 -13.74 -0.80 3.78
N ASN D 95 -12.63 -1.18 4.40
CA ASN D 95 -12.64 -2.29 5.36
C ASN D 95 -13.52 -2.04 6.58
N ALA D 96 -13.65 -0.79 6.99
CA ALA D 96 -14.46 -0.46 8.15
C ALA D 96 -15.94 -0.32 7.77
N GLU D 97 -16.20 0.32 6.63
CA GLU D 97 -17.57 0.53 6.17
C GLU D 97 -18.25 -0.79 5.78
N LEU D 98 -17.49 -1.66 5.16
CA LEU D 98 -17.96 -2.96 4.72
C LEU D 98 -18.19 -3.86 5.93
N LEU D 99 -17.28 -3.78 6.89
CA LEU D 99 -17.38 -4.63 8.09
C LEU D 99 -18.65 -4.30 8.87
N VAL D 100 -18.93 -3.02 9.01
CA VAL D 100 -20.11 -2.56 9.73
C VAL D 100 -21.38 -3.03 9.03
N LEU D 101 -21.46 -2.82 7.71
CA LEU D 101 -22.61 -3.27 6.94
C LEU D 101 -22.86 -4.76 7.14
N MET D 102 -21.81 -5.55 7.03
CA MET D 102 -21.94 -7.00 7.13
C MET D 102 -22.35 -7.48 8.51
N GLU D 103 -21.72 -6.95 9.55
CA GLU D 103 -22.01 -7.40 10.90
C GLU D 103 -23.35 -6.89 11.43
N ASN D 104 -23.71 -5.68 11.05
CA ASN D 104 -25.02 -5.13 11.37
C ASN D 104 -26.11 -6.07 10.90
N GLU D 105 -25.90 -6.64 9.72
CA GLU D 105 -26.85 -7.58 9.14
C GLU D 105 -26.88 -8.91 9.90
N ARG D 106 -25.71 -9.40 10.29
CA ARG D 106 -25.62 -10.61 11.10
C ARG D 106 -26.26 -10.39 12.46
N THR D 107 -26.20 -9.17 12.96
CA THR D 107 -26.67 -8.83 14.31
C THR D 107 -28.19 -8.78 14.36
N LEU D 108 -28.80 -8.21 13.33
CA LEU D 108 -30.25 -8.17 13.23
C LEU D 108 -30.80 -9.58 13.10
N ASP D 109 -30.20 -10.36 12.21
CA ASP D 109 -30.59 -11.75 12.03
C ASP D 109 -30.21 -12.63 13.21
N PHE D 110 -29.34 -12.11 14.08
CA PHE D 110 -28.97 -12.82 15.29
C PHE D 110 -30.11 -12.73 16.30
N HIS D 111 -30.69 -11.53 16.40
CA HIS D 111 -31.80 -11.30 17.30
C HIS D 111 -33.02 -12.07 16.82
N ASP D 112 -33.24 -12.04 15.51
CA ASP D 112 -34.33 -12.77 14.88
C ASP D 112 -34.20 -14.28 15.16
N SER D 113 -32.96 -14.76 15.27
CA SER D 113 -32.71 -16.16 15.54
C SER D 113 -32.98 -16.47 17.00
N ASN D 114 -32.66 -15.54 17.88
CA ASN D 114 -32.84 -15.77 19.31
C ASN D 114 -34.30 -15.87 19.71
N VAL D 115 -35.13 -15.02 19.10
CA VAL D 115 -36.55 -14.99 19.35
C VAL D 115 -37.20 -16.30 18.88
N LYS D 116 -36.91 -16.66 17.64
CA LYS D 116 -37.39 -17.92 17.07
C LYS D 116 -36.92 -19.12 17.90
N ASN D 117 -35.70 -19.06 18.44
CA ASN D 117 -35.23 -20.14 19.29
C ASN D 117 -35.96 -20.16 20.63
N LEU D 118 -36.47 -19.01 21.05
CA LEU D 118 -37.18 -18.91 22.31
C LEU D 118 -38.61 -19.46 22.16
N TYR D 119 -39.25 -19.10 21.06
CA TYR D 119 -40.58 -19.58 20.72
C TYR D 119 -40.60 -21.10 20.62
N ASP D 120 -39.50 -21.69 20.16
CA ASP D 120 -39.43 -23.14 20.02
C ASP D 120 -38.98 -23.81 21.31
N LYS D 121 -38.35 -23.07 22.20
CA LYS D 121 -38.00 -23.63 23.50
C LYS D 121 -39.30 -23.92 24.25
N VAL D 122 -40.27 -23.04 24.08
CA VAL D 122 -41.59 -23.18 24.69
C VAL D 122 -42.44 -24.21 23.95
N ARG D 123 -42.49 -24.09 22.63
CA ARG D 123 -43.26 -25.00 21.79
C ARG D 123 -42.85 -26.47 22.00
N LEU D 124 -41.55 -26.71 22.14
CA LEU D 124 -41.06 -28.08 22.33
C LEU D 124 -41.26 -28.57 23.76
N GLN D 125 -41.68 -27.66 24.64
CA GLN D 125 -42.04 -28.03 26.00
C GLN D 125 -43.54 -28.33 26.14
N LEU D 126 -44.37 -27.36 25.75
CA LEU D 126 -45.81 -27.54 25.74
C LEU D 126 -46.21 -28.30 24.48
N ARG D 127 -46.00 -29.60 24.48
CA ARG D 127 -46.24 -30.42 23.30
C ARG D 127 -47.75 -30.50 22.99
N ASP D 128 -48.42 -31.50 23.56
CA ASP D 128 -49.86 -31.67 23.39
C ASP D 128 -50.65 -30.64 24.19
N ASN D 129 -50.06 -30.20 25.30
CA ASN D 129 -50.76 -29.43 26.32
C ASN D 129 -51.13 -27.99 25.97
N ALA D 130 -50.89 -27.60 24.72
CA ALA D 130 -51.24 -26.26 24.27
C ALA D 130 -51.35 -26.18 22.75
N LYS D 131 -52.01 -25.15 22.24
CA LYS D 131 -52.14 -24.97 20.80
C LYS D 131 -51.50 -23.68 20.28
N GLU D 132 -50.79 -23.78 19.15
CA GLU D 132 -50.15 -22.63 18.53
C GLU D 132 -51.15 -21.64 17.96
N LEU D 133 -51.20 -20.45 18.54
CA LEU D 133 -52.11 -19.40 18.07
C LEU D 133 -51.66 -18.80 16.74
N GLY D 134 -50.42 -19.11 16.34
CA GLY D 134 -49.89 -18.69 15.06
C GLY D 134 -49.34 -17.27 15.03
N ASN D 135 -49.36 -16.61 16.18
CA ASN D 135 -48.92 -15.22 16.25
C ASN D 135 -47.90 -15.00 17.37
N GLY D 136 -47.21 -16.07 17.75
CA GLY D 136 -46.24 -15.99 18.82
C GLY D 136 -46.84 -16.33 20.17
N CYS D 137 -48.13 -16.68 20.17
CA CYS D 137 -48.84 -17.01 21.41
C CYS D 137 -49.18 -18.49 21.50
N PHE D 138 -49.32 -18.97 22.74
CA PHE D 138 -49.70 -20.35 23.00
C PHE D 138 -50.92 -20.42 23.91
N GLU D 139 -52.03 -20.96 23.41
CA GLU D 139 -53.22 -21.17 24.22
C GLU D 139 -53.15 -22.50 24.96
N PHE D 140 -53.29 -22.45 26.29
CA PHE D 140 -53.19 -23.66 27.11
C PHE D 140 -54.45 -24.54 27.11
N TYR D 141 -54.22 -25.85 27.09
CA TYR D 141 -55.32 -26.82 27.21
C TYR D 141 -55.56 -27.16 28.67
N HIS D 142 -55.02 -26.33 29.56
CA HIS D 142 -55.29 -26.46 30.99
C HIS D 142 -55.10 -25.13 31.72
N ARG D 143 -55.03 -25.19 33.05
CA ARG D 143 -54.80 -24.00 33.86
C ARG D 143 -53.33 -23.87 34.20
N CYS D 144 -52.73 -22.75 33.80
CA CYS D 144 -51.33 -22.50 34.11
C CYS D 144 -51.19 -21.29 35.03
N ASP D 145 -51.13 -21.54 36.33
CA ASP D 145 -50.99 -20.48 37.31
C ASP D 145 -49.57 -19.89 37.26
N ASN D 146 -49.29 -18.97 38.17
CA ASN D 146 -48.01 -18.25 38.16
C ASN D 146 -46.79 -19.13 38.46
N GLU D 147 -46.98 -20.23 39.18
CA GLU D 147 -45.89 -21.18 39.42
C GLU D 147 -45.64 -22.03 38.18
N CYS D 148 -46.72 -22.35 37.45
CA CYS D 148 -46.63 -23.15 36.24
C CYS D 148 -45.97 -22.38 35.10
N MET D 149 -46.33 -21.11 34.97
CA MET D 149 -45.72 -20.23 33.98
C MET D 149 -44.20 -20.18 34.16
N GLU D 150 -43.77 -20.06 35.42
CA GLU D 150 -42.36 -20.04 35.76
C GLU D 150 -41.67 -21.33 35.33
N SER D 151 -42.39 -22.45 35.36
CA SER D 151 -41.83 -23.73 34.94
C SER D 151 -41.57 -23.73 33.44
N VAL D 152 -42.35 -22.94 32.71
CA VAL D 152 -42.16 -22.79 31.26
C VAL D 152 -40.97 -21.88 31.01
N ARG D 153 -40.91 -20.79 31.78
CA ARG D 153 -39.87 -19.80 31.61
C ARG D 153 -38.47 -20.33 31.93
N ASN D 154 -38.34 -21.08 33.02
CA ASN D 154 -37.02 -21.60 33.41
C ASN D 154 -36.70 -23.02 32.92
N GLY D 155 -37.52 -23.51 31.99
CA GLY D 155 -37.26 -24.77 31.31
C GLY D 155 -37.45 -26.04 32.13
N THR D 156 -38.32 -25.98 33.13
CA THR D 156 -38.58 -27.15 33.98
C THR D 156 -40.03 -27.58 33.91
N TYR D 157 -40.70 -27.25 32.81
CA TYR D 157 -42.12 -27.60 32.63
C TYR D 157 -42.34 -29.11 32.63
N ASP D 158 -43.38 -29.54 33.33
CA ASP D 158 -43.67 -30.97 33.48
C ASP D 158 -44.78 -31.41 32.53
N TYR D 159 -44.43 -32.31 31.61
CA TYR D 159 -45.41 -32.84 30.66
C TYR D 159 -46.41 -33.86 31.23
N PRO D 160 -45.97 -34.74 32.16
CA PRO D 160 -46.93 -35.57 32.89
C PRO D 160 -48.16 -34.81 33.41
N GLN D 161 -49.10 -34.63 32.48
CA GLN D 161 -50.39 -33.99 32.73
C GLN D 161 -51.31 -34.41 31.58
N TYR D 162 -52.59 -34.57 31.86
CA TYR D 162 -53.59 -34.81 30.82
C TYR D 162 -53.67 -33.58 29.92
N SER D 163 -54.47 -33.67 28.86
CA SER D 163 -54.91 -32.46 28.15
C SER D 163 -56.10 -32.66 27.20
N GLU D 164 -57.28 -32.86 27.80
CA GLU D 164 -58.57 -32.75 27.11
C GLU D 164 -59.72 -32.95 28.08
N GLY E 1 -26.68 -22.05 19.60
CA GLY E 1 -26.51 -22.00 18.16
C GLY E 1 -27.51 -21.08 17.49
N LEU E 2 -27.28 -20.79 16.21
CA LEU E 2 -28.12 -19.85 15.47
C LEU E 2 -29.43 -20.51 14.99
N PHE E 3 -29.36 -21.83 14.81
CA PHE E 3 -30.50 -22.58 14.26
C PHE E 3 -31.28 -23.35 15.33
N GLY E 4 -30.86 -23.22 16.58
CA GLY E 4 -31.61 -23.74 17.72
C GLY E 4 -31.35 -25.18 18.08
N ALA E 5 -30.74 -25.93 17.16
CA ALA E 5 -30.53 -27.36 17.36
C ALA E 5 -29.39 -27.67 18.32
N ILE E 6 -28.15 -27.52 17.83
CA ILE E 6 -26.96 -27.85 18.63
C ILE E 6 -26.87 -27.05 19.93
N ALA E 7 -26.75 -27.76 21.04
CA ALA E 7 -26.81 -27.17 22.38
C ALA E 7 -28.05 -26.28 22.54
N GLY E 8 -29.14 -26.70 21.91
CA GLY E 8 -30.41 -26.02 22.00
C GLY E 8 -31.50 -26.98 22.40
N PHE E 9 -32.39 -27.33 21.46
CA PHE E 9 -33.44 -28.30 21.77
C PHE E 9 -32.89 -29.72 21.78
N ILE E 10 -31.66 -29.88 21.30
CA ILE E 10 -30.91 -31.10 21.51
C ILE E 10 -29.79 -30.78 22.48
N GLU E 11 -30.03 -31.07 23.76
CA GLU E 11 -29.23 -30.53 24.85
C GLU E 11 -27.74 -30.87 24.83
N GLY E 12 -27.38 -32.00 24.23
CA GLY E 12 -26.01 -32.46 24.25
C GLY E 12 -25.59 -33.32 23.07
N GLY E 13 -24.28 -33.50 22.94
CA GLY E 13 -23.71 -34.31 21.87
C GLY E 13 -23.53 -35.76 22.25
N TRP E 14 -23.46 -36.62 21.24
CA TRP E 14 -23.30 -38.05 21.48
C TRP E 14 -21.84 -38.48 21.43
N GLN E 15 -21.25 -38.71 22.61
CA GLN E 15 -19.92 -39.28 22.71
C GLN E 15 -19.88 -40.65 22.04
N GLY E 16 -21.05 -41.26 21.88
CA GLY E 16 -21.17 -42.61 21.35
C GLY E 16 -21.08 -42.74 19.84
N MET E 17 -21.49 -41.72 19.09
CA MET E 17 -21.42 -41.80 17.64
C MET E 17 -20.10 -41.30 17.08
N VAL E 18 -19.35 -42.20 16.45
CA VAL E 18 -18.01 -41.89 15.96
C VAL E 18 -17.90 -42.05 14.45
N ASP E 19 -19.03 -42.32 13.80
CA ASP E 19 -19.03 -42.59 12.35
C ASP E 19 -19.30 -41.34 11.52
N GLY E 20 -19.61 -40.23 12.18
CA GLY E 20 -19.97 -39.01 11.48
C GLY E 20 -20.34 -37.85 12.39
N TRP E 21 -20.70 -36.73 11.77
CA TRP E 21 -21.02 -35.52 12.53
C TRP E 21 -22.46 -35.55 12.98
N TYR E 22 -23.34 -35.94 12.06
CA TYR E 22 -24.77 -36.00 12.33
C TYR E 22 -25.29 -37.44 12.21
N GLY E 23 -26.21 -37.83 13.09
CA GLY E 23 -26.75 -39.17 13.04
C GLY E 23 -27.97 -39.48 13.87
N TYR E 24 -28.24 -40.78 14.03
CA TYR E 24 -29.43 -41.26 14.71
C TYR E 24 -29.10 -42.16 15.88
N HIS E 25 -29.98 -42.15 16.88
CA HIS E 25 -29.99 -43.16 17.95
C HIS E 25 -31.37 -43.83 18.00
N HIS E 26 -31.43 -45.11 17.67
CA HIS E 26 -32.71 -45.82 17.67
C HIS E 26 -32.89 -46.73 18.89
N SER E 27 -34.13 -46.96 19.26
CA SER E 27 -34.45 -47.78 20.41
C SER E 27 -35.75 -48.54 20.15
N ASN E 28 -35.63 -49.82 19.85
CA ASN E 28 -36.80 -50.65 19.55
C ASN E 28 -36.78 -52.06 20.15
N GLU E 29 -37.58 -52.96 19.59
CA GLU E 29 -37.70 -54.31 20.13
C GLU E 29 -36.49 -55.19 19.81
N GLN E 30 -35.70 -54.80 18.82
CA GLN E 30 -34.49 -55.55 18.48
C GLN E 30 -33.24 -54.98 19.16
N GLY E 31 -33.40 -53.89 19.91
CA GLY E 31 -32.31 -53.33 20.69
C GLY E 31 -31.97 -51.87 20.39
N SER E 32 -30.78 -51.44 20.81
CA SER E 32 -30.33 -50.05 20.62
C SER E 32 -29.08 -49.94 19.76
N GLY E 33 -28.73 -48.71 19.40
CA GLY E 33 -27.52 -48.43 18.65
C GLY E 33 -27.48 -47.05 18.02
N TYR E 34 -26.28 -46.63 17.61
CA TYR E 34 -26.11 -45.36 16.91
C TYR E 34 -25.92 -45.60 15.42
N ALA E 35 -26.30 -44.62 14.61
CA ALA E 35 -26.12 -44.71 13.16
C ALA E 35 -25.95 -43.34 12.52
N ALA E 36 -24.79 -43.11 11.89
CA ALA E 36 -24.48 -41.82 11.28
C ALA E 36 -25.16 -41.68 9.93
N ASP E 37 -25.72 -40.50 9.66
CA ASP E 37 -26.29 -40.22 8.35
C ASP E 37 -25.19 -39.80 7.39
N LYS E 38 -24.84 -40.70 6.47
CA LYS E 38 -23.75 -40.46 5.54
C LYS E 38 -24.06 -39.33 4.55
N GLU E 39 -25.31 -39.23 4.14
CA GLU E 39 -25.69 -38.23 3.13
C GLU E 39 -25.40 -36.81 3.59
N SER E 40 -25.68 -36.52 4.86
CA SER E 40 -25.52 -35.17 5.39
C SER E 40 -24.13 -34.95 6.00
N THR E 41 -23.50 -36.03 6.47
CA THR E 41 -22.14 -35.93 6.98
C THR E 41 -21.14 -35.66 5.86
N GLN E 42 -21.33 -36.33 4.73
CA GLN E 42 -20.44 -36.18 3.58
C GLN E 42 -20.59 -34.81 2.95
N LYS E 43 -21.83 -34.35 2.83
CA LYS E 43 -22.11 -33.03 2.27
C LYS E 43 -21.44 -31.92 3.09
N ALA E 44 -21.51 -32.06 4.41
CA ALA E 44 -20.86 -31.13 5.31
C ALA E 44 -19.35 -31.22 5.21
N ILE E 45 -18.85 -32.40 4.86
CA ILE E 45 -17.41 -32.59 4.70
C ILE E 45 -16.92 -31.89 3.42
N ASP E 46 -17.69 -32.03 2.35
CA ASP E 46 -17.38 -31.35 1.10
C ASP E 46 -17.39 -29.84 1.28
N GLY E 47 -18.36 -29.36 2.05
CA GLY E 47 -18.54 -27.93 2.27
C GLY E 47 -17.39 -27.24 2.98
N VAL E 48 -16.94 -27.79 4.10
CA VAL E 48 -15.88 -27.17 4.88
C VAL E 48 -14.51 -27.47 4.29
N THR E 49 -14.43 -28.48 3.42
CA THR E 49 -13.19 -28.75 2.71
C THR E 49 -13.02 -27.70 1.61
N ASN E 50 -14.11 -27.39 0.93
CA ASN E 50 -14.13 -26.30 -0.04
C ASN E 50 -13.86 -24.96 0.64
N LYS E 51 -14.39 -24.79 1.84
CA LYS E 51 -14.20 -23.56 2.60
C LYS E 51 -12.71 -23.36 2.91
N VAL E 52 -12.07 -24.40 3.41
CA VAL E 52 -10.64 -24.33 3.73
C VAL E 52 -9.81 -24.03 2.48
N ASN E 53 -10.10 -24.75 1.39
CA ASN E 53 -9.39 -24.55 0.14
C ASN E 53 -9.60 -23.16 -0.47
N SER E 54 -10.80 -22.62 -0.33
CA SER E 54 -11.09 -21.29 -0.86
C SER E 54 -10.35 -20.19 -0.09
N ILE E 55 -10.08 -20.46 1.17
CA ILE E 55 -9.35 -19.53 2.02
C ILE E 55 -7.87 -19.52 1.65
N ILE E 56 -7.28 -20.71 1.57
CA ILE E 56 -5.89 -20.89 1.18
C ILE E 56 -5.59 -20.30 -0.21
N ASP E 57 -6.52 -20.50 -1.15
CA ASP E 57 -6.31 -20.10 -2.53
C ASP E 57 -6.54 -18.63 -2.85
N LYS E 58 -7.41 -17.99 -2.07
CA LYS E 58 -7.70 -16.57 -2.31
C LYS E 58 -6.55 -15.69 -1.85
N MET E 59 -5.67 -16.24 -1.01
CA MET E 59 -4.59 -15.48 -0.43
C MET E 59 -3.22 -16.05 -0.81
N ASN E 60 -3.10 -16.47 -2.06
CA ASN E 60 -1.83 -16.97 -2.58
C ASN E 60 -0.98 -15.85 -3.20
N THR E 61 -1.66 -14.88 -3.81
CA THR E 61 -1.00 -13.68 -4.29
C THR E 61 -1.21 -12.56 -3.28
N GLN E 62 -0.41 -12.60 -2.22
CA GLN E 62 -0.45 -11.62 -1.14
C GLN E 62 0.60 -10.53 -1.34
N PHE E 63 1.12 -10.01 -0.25
CA PHE E 63 2.22 -9.07 -0.35
C PHE E 63 3.55 -9.72 0.00
N GLU E 64 4.56 -9.45 -0.84
CA GLU E 64 5.87 -10.07 -0.66
C GLU E 64 6.78 -9.26 0.27
N ALA E 65 8.09 -9.39 0.10
CA ALA E 65 9.02 -9.09 1.18
C ALA E 65 10.12 -8.10 0.86
N VAL E 66 10.88 -8.43 -0.18
CA VAL E 66 12.22 -7.87 -0.49
C VAL E 66 12.83 -6.75 0.38
N GLY E 67 14.03 -7.00 0.89
CA GLY E 67 14.83 -5.99 1.57
C GLY E 67 15.48 -5.00 0.62
N ARG E 68 15.56 -3.75 1.04
CA ARG E 68 16.16 -2.68 0.25
C ARG E 68 17.06 -1.83 1.14
N GLU E 69 18.20 -1.41 0.61
CA GLU E 69 19.11 -0.58 1.38
C GLU E 69 18.98 0.91 1.04
N PHE E 70 19.18 1.75 2.04
CA PHE E 70 19.15 3.19 1.86
C PHE E 70 20.29 3.86 2.64
N ASN E 71 20.96 4.85 2.04
CA ASN E 71 21.99 5.53 2.79
C ASN E 71 21.41 6.54 3.78
N ASN E 72 22.29 7.25 4.46
CA ASN E 72 21.95 8.14 5.55
C ASN E 72 21.19 9.41 5.13
N LEU E 73 21.26 9.76 3.86
CA LEU E 73 20.56 10.94 3.36
C LEU E 73 19.37 10.52 2.49
N GLU E 74 18.85 9.33 2.78
CA GLU E 74 17.68 8.78 2.09
C GLU E 74 16.67 8.29 3.13
N ARG E 75 16.58 8.99 4.26
CA ARG E 75 15.71 8.58 5.34
C ARG E 75 14.24 8.72 4.98
N ARG E 76 13.91 9.68 4.13
CA ARG E 76 12.52 9.86 3.73
C ARG E 76 12.02 8.66 2.94
N ILE E 77 12.80 8.22 1.95
CA ILE E 77 12.36 7.11 1.12
C ILE E 77 12.51 5.80 1.86
N GLU E 78 13.48 5.73 2.78
CA GLU E 78 13.60 4.56 3.64
C GLU E 78 12.33 4.40 4.48
N ASN E 79 11.84 5.52 5.00
CA ASN E 79 10.70 5.54 5.89
C ASN E 79 9.43 5.26 5.09
N LEU E 80 9.39 5.76 3.86
CA LEU E 80 8.29 5.49 2.96
C LEU E 80 8.23 3.98 2.68
N ASN E 81 9.39 3.39 2.42
CA ASN E 81 9.51 1.97 2.12
C ASN E 81 9.10 1.11 3.31
N LYS E 82 9.50 1.52 4.50
CA LYS E 82 9.11 0.80 5.71
C LYS E 82 7.61 0.92 5.94
N LYS E 83 7.09 2.13 5.79
CA LYS E 83 5.69 2.39 6.05
C LYS E 83 4.76 1.63 5.07
N MET E 84 5.21 1.43 3.84
CA MET E 84 4.37 0.76 2.88
C MET E 84 4.43 -0.77 3.03
N GLU E 85 5.54 -1.29 3.52
CA GLU E 85 5.65 -2.72 3.72
C GLU E 85 4.93 -3.13 5.00
N ASP E 86 5.02 -2.29 6.02
CA ASP E 86 4.24 -2.46 7.23
C ASP E 86 2.75 -2.28 6.95
N GLY E 87 2.43 -1.46 5.95
CA GLY E 87 1.06 -1.16 5.59
C GLY E 87 0.36 -2.40 5.07
N PHE E 88 0.88 -2.95 3.98
CA PHE E 88 0.36 -4.17 3.40
C PHE E 88 0.37 -5.34 4.40
N LEU E 89 1.41 -5.40 5.20
CA LEU E 89 1.49 -6.41 6.25
C LEU E 89 0.28 -6.30 7.18
N ASP E 90 -0.09 -5.09 7.55
CA ASP E 90 -1.20 -4.91 8.47
C ASP E 90 -2.54 -5.29 7.84
N VAL E 91 -2.79 -4.88 6.60
CA VAL E 91 -4.07 -5.18 5.97
C VAL E 91 -4.22 -6.67 5.64
N TRP E 92 -3.12 -7.34 5.33
CA TRP E 92 -3.17 -8.77 5.09
C TRP E 92 -3.32 -9.53 6.41
N THR E 93 -2.75 -9.01 7.48
CA THR E 93 -2.91 -9.63 8.78
C THR E 93 -4.35 -9.50 9.26
N TYR E 94 -4.91 -8.31 9.10
CA TYR E 94 -6.31 -8.04 9.41
C TYR E 94 -7.19 -8.92 8.54
N ASN E 95 -6.85 -9.02 7.26
CA ASN E 95 -7.65 -9.80 6.32
C ASN E 95 -7.72 -11.29 6.65
N ALA E 96 -6.67 -11.83 7.25
CA ALA E 96 -6.64 -13.23 7.59
C ALA E 96 -7.33 -13.48 8.93
N GLU E 97 -7.06 -12.63 9.91
CA GLU E 97 -7.67 -12.77 11.23
C GLU E 97 -9.20 -12.57 11.20
N LEU E 98 -9.64 -11.61 10.41
CA LEU E 98 -11.05 -11.28 10.25
C LEU E 98 -11.76 -12.39 9.50
N LEU E 99 -11.10 -12.92 8.47
CA LEU E 99 -11.68 -13.98 7.65
C LEU E 99 -11.93 -15.24 8.46
N VAL E 100 -10.95 -15.61 9.28
CA VAL E 100 -11.09 -16.77 10.16
C VAL E 100 -12.24 -16.58 11.14
N LEU E 101 -12.30 -15.43 11.81
CA LEU E 101 -13.37 -15.15 12.76
C LEU E 101 -14.74 -15.30 12.10
N MET E 102 -14.89 -14.71 10.91
CA MET E 102 -16.15 -14.71 10.22
C MET E 102 -16.59 -16.10 9.76
N GLU E 103 -15.66 -16.85 9.17
CA GLU E 103 -15.98 -18.16 8.63
C GLU E 103 -16.17 -19.21 9.71
N ASN E 104 -15.37 -19.12 10.78
CA ASN E 104 -15.55 -20.00 11.92
C ASN E 104 -16.98 -19.91 12.44
N GLU E 105 -17.53 -18.71 12.40
CA GLU E 105 -18.87 -18.47 12.87
C GLU E 105 -19.92 -19.07 11.92
N ARG E 106 -19.67 -18.92 10.61
CA ARG E 106 -20.55 -19.50 9.61
C ARG E 106 -20.50 -21.03 9.68
N THR E 107 -19.34 -21.55 10.07
CA THR E 107 -19.10 -23.00 10.10
C THR E 107 -19.82 -23.67 11.27
N LEU E 108 -19.79 -23.02 12.43
CA LEU E 108 -20.53 -23.51 13.57
C LEU E 108 -22.04 -23.50 13.30
N ASP E 109 -22.52 -22.38 12.75
CA ASP E 109 -23.92 -22.23 12.42
C ASP E 109 -24.30 -23.08 11.21
N PHE E 110 -23.30 -23.56 10.50
CA PHE E 110 -23.52 -24.47 9.38
C PHE E 110 -23.87 -25.86 9.91
N HIS E 111 -23.12 -26.30 10.91
CA HIS E 111 -23.39 -27.58 11.56
C HIS E 111 -24.75 -27.54 12.26
N ASP E 112 -25.03 -26.43 12.94
CA ASP E 112 -26.31 -26.25 13.61
C ASP E 112 -27.47 -26.30 12.62
N SER E 113 -27.22 -25.88 11.39
CA SER E 113 -28.24 -25.90 10.37
C SER E 113 -28.44 -27.31 9.83
N ASN E 114 -27.35 -28.07 9.75
CA ASN E 114 -27.43 -29.42 9.21
C ASN E 114 -28.21 -30.36 10.14
N VAL E 115 -27.97 -30.24 11.44
CA VAL E 115 -28.66 -31.05 12.44
C VAL E 115 -30.15 -30.73 12.42
N LYS E 116 -30.50 -29.45 12.46
CA LYS E 116 -31.89 -29.01 12.39
C LYS E 116 -32.56 -29.50 11.10
N ASN E 117 -31.82 -29.50 10.00
CA ASN E 117 -32.36 -29.99 8.74
C ASN E 117 -32.56 -31.50 8.74
N LEU E 118 -31.78 -32.19 9.59
CA LEU E 118 -31.88 -33.64 9.71
C LEU E 118 -33.10 -34.03 10.56
N TYR E 119 -33.28 -33.31 11.66
CA TYR E 119 -34.43 -33.49 12.55
C TYR E 119 -35.73 -33.27 11.80
N ASP E 120 -35.72 -32.35 10.85
CA ASP E 120 -36.93 -32.06 10.08
C ASP E 120 -37.11 -32.99 8.89
N LYS E 121 -36.03 -33.63 8.45
CA LYS E 121 -36.13 -34.63 7.40
C LYS E 121 -36.94 -35.81 7.94
N VAL E 122 -36.70 -36.13 9.21
CA VAL E 122 -37.41 -37.20 9.91
C VAL E 122 -38.82 -36.76 10.28
N ARG E 123 -38.94 -35.58 10.89
CA ARG E 123 -40.23 -35.06 11.32
C ARG E 123 -41.22 -34.95 10.17
N LEU E 124 -40.74 -34.55 8.99
CA LEU E 124 -41.62 -34.40 7.84
C LEU E 124 -41.94 -35.74 7.18
N GLN E 125 -41.26 -36.79 7.63
CA GLN E 125 -41.57 -38.15 7.19
C GLN E 125 -42.57 -38.86 8.13
N LEU E 126 -42.22 -38.94 9.41
CA LEU E 126 -43.12 -39.47 10.42
C LEU E 126 -44.16 -38.41 10.81
N ARG E 127 -45.14 -38.22 9.95
CA ARG E 127 -46.13 -37.16 10.17
C ARG E 127 -47.01 -37.46 11.39
N ASP E 128 -48.12 -38.15 11.15
CA ASP E 128 -49.03 -38.55 12.24
C ASP E 128 -48.44 -39.69 13.07
N ASN E 129 -47.61 -40.50 12.43
CA ASN E 129 -47.19 -41.80 12.97
C ASN E 129 -46.23 -41.75 14.16
N ALA E 130 -45.92 -40.56 14.65
CA ALA E 130 -45.01 -40.40 15.78
C ALA E 130 -45.24 -39.06 16.48
N LYS E 131 -44.79 -38.96 17.73
CA LYS E 131 -44.90 -37.70 18.47
C LYS E 131 -43.55 -37.07 18.86
N GLU E 132 -43.44 -35.76 18.69
CA GLU E 132 -42.22 -35.02 19.05
C GLU E 132 -41.98 -34.99 20.55
N LEU E 133 -40.91 -35.65 20.99
CA LEU E 133 -40.57 -35.68 22.42
C LEU E 133 -40.02 -34.33 22.91
N GLY E 134 -39.72 -33.45 21.97
CA GLY E 134 -39.27 -32.10 22.28
C GLY E 134 -37.79 -31.97 22.59
N ASN E 135 -37.08 -33.10 22.55
CA ASN E 135 -35.67 -33.12 22.91
C ASN E 135 -34.79 -33.74 21.83
N GLY E 136 -35.27 -33.71 20.59
CA GLY E 136 -34.56 -34.32 19.48
C GLY E 136 -34.97 -35.75 19.23
N CYS E 137 -35.91 -36.25 20.03
CA CYS E 137 -36.38 -37.62 19.91
C CYS E 137 -37.79 -37.71 19.35
N PHE E 138 -38.10 -38.84 18.73
CA PHE E 138 -39.44 -39.11 18.21
C PHE E 138 -39.98 -40.43 18.76
N GLU E 139 -41.08 -40.37 19.50
CA GLU E 139 -41.74 -41.59 19.99
C GLU E 139 -42.72 -42.10 18.94
N PHE E 140 -42.58 -43.37 18.58
CA PHE E 140 -43.43 -43.97 17.55
C PHE E 140 -44.82 -44.39 18.05
N TYR E 141 -45.82 -44.17 17.20
CA TYR E 141 -47.18 -44.65 17.46
C TYR E 141 -47.38 -46.06 16.91
N HIS E 142 -46.28 -46.72 16.59
CA HIS E 142 -46.31 -48.12 16.18
C HIS E 142 -44.98 -48.82 16.44
N ARG E 143 -44.81 -50.01 15.87
CA ARG E 143 -43.56 -50.74 16.02
C ARG E 143 -42.65 -50.49 14.84
N CYS E 144 -41.45 -49.98 15.12
CA CYS E 144 -40.48 -49.73 14.07
C CYS E 144 -39.27 -50.63 14.26
N ASP E 145 -39.27 -51.77 13.60
CA ASP E 145 -38.14 -52.70 13.66
C ASP E 145 -36.92 -52.12 12.93
N ASN E 146 -35.86 -52.92 12.84
CA ASN E 146 -34.61 -52.47 12.24
C ASN E 146 -34.70 -52.18 10.74
N GLU E 147 -35.64 -52.81 10.05
CA GLU E 147 -35.83 -52.52 8.63
C GLU E 147 -36.57 -51.21 8.46
N CYS E 148 -37.50 -50.95 9.37
CA CYS E 148 -38.32 -49.75 9.33
C CYS E 148 -37.50 -48.51 9.68
N MET E 149 -36.63 -48.63 10.68
CA MET E 149 -35.69 -47.57 11.05
C MET E 149 -34.85 -47.14 9.85
N GLU E 150 -34.32 -48.12 9.13
CA GLU E 150 -33.56 -47.88 7.91
C GLU E 150 -34.38 -47.09 6.88
N SER E 151 -35.68 -47.30 6.84
CA SER E 151 -36.53 -46.59 5.89
C SER E 151 -36.59 -45.11 6.26
N VAL E 152 -36.45 -44.83 7.55
CA VAL E 152 -36.43 -43.44 8.02
C VAL E 152 -35.08 -42.83 7.70
N ARG E 153 -34.04 -43.60 7.96
CA ARG E 153 -32.67 -43.13 7.75
C ARG E 153 -32.36 -42.80 6.29
N ASN E 154 -32.80 -43.67 5.37
CA ASN E 154 -32.49 -43.46 3.94
C ASN E 154 -33.60 -42.77 3.15
N GLY E 155 -34.57 -42.21 3.87
CA GLY E 155 -35.59 -41.37 3.27
C GLY E 155 -36.65 -42.07 2.43
N THR E 156 -36.90 -43.35 2.73
CA THR E 156 -37.89 -44.12 2.00
C THR E 156 -39.02 -44.61 2.89
N TYR E 157 -39.24 -43.91 4.00
CA TYR E 157 -40.28 -44.27 4.96
C TYR E 157 -41.67 -44.22 4.33
N ASP E 158 -42.48 -45.24 4.64
CA ASP E 158 -43.80 -45.37 4.04
C ASP E 158 -44.90 -44.90 5.01
N TYR E 159 -45.60 -43.85 4.61
CA TYR E 159 -46.69 -43.32 5.44
C TYR E 159 -47.97 -44.15 5.45
N PRO E 160 -48.38 -44.74 4.30
CA PRO E 160 -49.46 -45.72 4.31
C PRO E 160 -49.37 -46.74 5.44
N GLN E 161 -49.83 -46.30 6.61
CA GLN E 161 -49.94 -47.10 7.84
C GLN E 161 -50.91 -46.37 8.75
N TYR E 162 -51.66 -47.13 9.54
CA TYR E 162 -52.54 -46.57 10.55
C TYR E 162 -51.67 -45.89 11.60
N SER E 163 -52.29 -45.22 12.57
CA SER E 163 -51.61 -44.85 13.81
C SER E 163 -52.52 -44.47 14.97
N GLU E 164 -53.21 -45.46 15.54
CA GLU E 164 -53.88 -45.36 16.84
C GLU E 164 -54.52 -46.68 17.22
N GLY F 1 -29.70 -26.33 0.67
CA GLY F 1 -29.78 -24.98 1.17
C GLY F 1 -29.56 -24.90 2.67
N LEU F 2 -29.39 -23.68 3.18
CA LEU F 2 -29.11 -23.47 4.60
C LEU F 2 -30.38 -23.50 5.43
N PHE F 3 -31.50 -23.16 4.78
CA PHE F 3 -32.79 -23.06 5.47
C PHE F 3 -33.69 -24.29 5.22
N GLY F 4 -33.18 -25.26 4.47
CA GLY F 4 -33.87 -26.52 4.29
C GLY F 4 -34.94 -26.58 3.21
N ALA F 5 -35.39 -25.42 2.75
CA ALA F 5 -36.47 -25.35 1.77
C ALA F 5 -36.02 -25.71 0.34
N ILE F 6 -35.34 -24.77 -0.32
CA ILE F 6 -34.91 -24.95 -1.70
C ILE F 6 -34.01 -26.16 -1.88
N ALA F 7 -34.41 -27.04 -2.80
CA ALA F 7 -33.74 -28.33 -3.01
C ALA F 7 -33.58 -29.09 -1.68
N GLY F 8 -34.59 -28.94 -0.83
CA GLY F 8 -34.63 -29.62 0.46
C GLY F 8 -35.95 -30.35 0.61
N PHE F 9 -36.82 -29.85 1.49
CA PHE F 9 -38.14 -30.46 1.64
C PHE F 9 -39.08 -30.08 0.50
N ILE F 10 -38.65 -29.12 -0.31
CA ILE F 10 -39.29 -28.85 -1.59
C ILE F 10 -38.31 -29.28 -2.67
N GLU F 11 -38.50 -30.49 -3.18
CA GLU F 11 -37.48 -31.21 -3.94
C GLU F 11 -37.01 -30.53 -5.23
N GLY F 12 -37.86 -29.69 -5.82
CA GLY F 12 -37.57 -29.10 -7.11
C GLY F 12 -38.25 -27.78 -7.38
N GLY F 13 -37.79 -27.10 -8.42
CA GLY F 13 -38.32 -25.80 -8.79
C GLY F 13 -39.41 -25.91 -9.83
N TRP F 14 -40.25 -24.88 -9.92
CA TRP F 14 -41.35 -24.86 -10.86
C TRP F 14 -41.00 -24.16 -12.17
N GLN F 15 -40.72 -24.95 -13.20
CA GLN F 15 -40.51 -24.42 -14.54
C GLN F 15 -41.74 -23.64 -15.00
N GLY F 16 -42.87 -23.91 -14.36
CA GLY F 16 -44.14 -23.35 -14.74
C GLY F 16 -44.43 -21.93 -14.27
N MET F 17 -43.85 -21.54 -13.13
CA MET F 17 -44.10 -20.19 -12.62
C MET F 17 -43.06 -19.19 -13.13
N VAL F 18 -43.54 -18.21 -13.89
CA VAL F 18 -42.66 -17.25 -14.55
C VAL F 18 -42.95 -15.82 -14.09
N ASP F 19 -43.85 -15.68 -13.12
CA ASP F 19 -44.27 -14.35 -12.64
C ASP F 19 -43.44 -13.85 -11.46
N GLY F 20 -42.59 -14.70 -10.92
CA GLY F 20 -41.80 -14.34 -9.74
C GLY F 20 -40.87 -15.43 -9.25
N TRP F 21 -40.18 -15.15 -8.15
CA TRP F 21 -39.22 -16.09 -7.58
C TRP F 21 -39.92 -17.11 -6.70
N TYR F 22 -40.82 -16.61 -5.85
CA TYR F 22 -41.57 -17.46 -4.93
C TYR F 22 -43.06 -17.41 -5.23
N GLY F 23 -43.75 -18.54 -5.09
CA GLY F 23 -45.17 -18.57 -5.36
C GLY F 23 -45.95 -19.80 -4.96
N TYR F 24 -47.16 -19.91 -5.49
CA TYR F 24 -48.08 -20.97 -5.13
C TYR F 24 -48.53 -21.81 -6.32
N HIS F 25 -48.87 -23.07 -6.04
CA HIS F 25 -49.57 -23.93 -7.00
C HIS F 25 -50.81 -24.49 -6.33
N HIS F 26 -51.99 -24.06 -6.80
CA HIS F 26 -53.24 -24.53 -6.20
C HIS F 26 -53.94 -25.59 -7.05
N SER F 27 -54.72 -26.44 -6.38
CA SER F 27 -55.43 -27.51 -7.05
C SER F 27 -56.77 -27.75 -6.36
N ASN F 28 -57.84 -27.26 -6.97
CA ASN F 28 -59.18 -27.40 -6.38
C ASN F 28 -60.27 -27.79 -7.37
N GLU F 29 -61.52 -27.53 -7.00
CA GLU F 29 -62.67 -27.91 -7.82
C GLU F 29 -62.85 -27.03 -9.05
N GLN F 30 -62.22 -25.86 -9.05
CA GLN F 30 -62.30 -24.95 -10.20
C GLN F 30 -61.09 -25.09 -11.13
N GLY F 31 -60.14 -25.95 -10.77
CA GLY F 31 -59.00 -26.23 -11.62
C GLY F 31 -57.64 -25.99 -10.98
N SER F 32 -56.62 -25.93 -11.83
CA SER F 32 -55.24 -25.72 -11.39
C SER F 32 -54.62 -24.44 -11.92
N GLY F 33 -53.44 -24.10 -11.40
CA GLY F 33 -52.70 -22.93 -11.86
C GLY F 33 -51.59 -22.51 -10.92
N TYR F 34 -50.67 -21.69 -11.44
CA TYR F 34 -49.60 -21.12 -10.63
C TYR F 34 -49.89 -19.66 -10.28
N ALA F 35 -49.34 -19.20 -9.17
CA ALA F 35 -49.54 -17.81 -8.74
C ALA F 35 -48.37 -17.32 -7.90
N ALA F 36 -47.66 -16.31 -8.40
CA ALA F 36 -46.50 -15.75 -7.71
C ALA F 36 -46.90 -14.84 -6.56
N ASP F 37 -46.22 -14.95 -5.43
CA ASP F 37 -46.45 -14.06 -4.31
C ASP F 37 -45.67 -12.77 -4.53
N LYS F 38 -46.38 -11.70 -4.88
CA LYS F 38 -45.74 -10.43 -5.19
C LYS F 38 -45.07 -9.78 -3.98
N GLU F 39 -45.67 -9.95 -2.80
CA GLU F 39 -45.16 -9.32 -1.59
C GLU F 39 -43.73 -9.76 -1.27
N SER F 40 -43.47 -11.06 -1.41
CA SER F 40 -42.16 -11.60 -1.07
C SER F 40 -41.18 -11.60 -2.25
N THR F 41 -41.71 -11.63 -3.48
CA THR F 41 -40.87 -11.54 -4.68
C THR F 41 -40.29 -10.14 -4.82
N GLN F 42 -41.11 -9.12 -4.56
CA GLN F 42 -40.69 -7.74 -4.68
C GLN F 42 -39.67 -7.37 -3.60
N LYS F 43 -39.92 -7.85 -2.39
CA LYS F 43 -39.02 -7.60 -1.26
C LYS F 43 -37.64 -8.18 -1.54
N ALA F 44 -37.61 -9.38 -2.11
CA ALA F 44 -36.36 -10.03 -2.47
C ALA F 44 -35.69 -9.29 -3.63
N ILE F 45 -36.49 -8.64 -4.47
CA ILE F 45 -35.95 -7.87 -5.57
C ILE F 45 -35.28 -6.59 -5.05
N ASP F 46 -35.92 -5.93 -4.09
CA ASP F 46 -35.36 -4.74 -3.47
C ASP F 46 -34.05 -5.07 -2.76
N GLY F 47 -34.02 -6.22 -2.09
CA GLY F 47 -32.86 -6.65 -1.32
C GLY F 47 -31.60 -6.89 -2.12
N VAL F 48 -31.69 -7.65 -3.21
CA VAL F 48 -30.52 -7.97 -4.02
C VAL F 48 -30.17 -6.83 -4.95
N THR F 49 -31.10 -5.90 -5.15
CA THR F 49 -30.80 -4.71 -5.94
C THR F 49 -29.98 -3.76 -5.09
N ASN F 50 -30.34 -3.64 -3.82
CA ASN F 50 -29.55 -2.89 -2.86
C ASN F 50 -28.19 -3.53 -2.64
N LYS F 51 -28.16 -4.86 -2.64
CA LYS F 51 -26.91 -5.60 -2.48
C LYS F 51 -25.95 -5.29 -3.62
N VAL F 52 -26.45 -5.35 -4.86
CA VAL F 52 -25.62 -5.05 -6.02
C VAL F 52 -25.11 -3.60 -5.98
N ASN F 53 -26.01 -2.67 -5.69
CA ASN F 53 -25.65 -1.26 -5.59
C ASN F 53 -24.65 -0.95 -4.46
N SER F 54 -24.78 -1.63 -3.33
CA SER F 54 -23.87 -1.43 -2.21
C SER F 54 -22.47 -1.93 -2.53
N ILE F 55 -22.38 -2.93 -3.39
CA ILE F 55 -21.10 -3.48 -3.82
C ILE F 55 -20.40 -2.54 -4.78
N ILE F 56 -21.12 -2.09 -5.81
CA ILE F 56 -20.61 -1.13 -6.77
C ILE F 56 -20.15 0.18 -6.12
N ASP F 57 -20.92 0.67 -5.13
CA ASP F 57 -20.66 1.97 -4.53
C ASP F 57 -19.56 1.98 -3.46
N LYS F 58 -19.35 0.85 -2.79
CA LYS F 58 -18.33 0.79 -1.75
C LYS F 58 -16.93 0.75 -2.35
N MET F 59 -16.85 0.43 -3.64
CA MET F 59 -15.57 0.28 -4.32
C MET F 59 -15.40 1.27 -5.47
N ASN F 60 -15.87 2.50 -5.27
CA ASN F 60 -15.72 3.55 -6.27
C ASN F 60 -14.42 4.33 -6.07
N THR F 61 -14.03 4.51 -4.80
CA THR F 61 -12.73 5.08 -4.48
C THR F 61 -11.75 3.95 -4.17
N GLN F 62 -11.23 3.34 -5.24
CA GLN F 62 -10.29 2.24 -5.14
C GLN F 62 -8.85 2.75 -5.29
N PHE F 63 -7.99 1.93 -5.88
CA PHE F 63 -6.63 2.38 -6.18
C PHE F 63 -6.48 2.69 -7.66
N GLU F 64 -5.87 3.84 -7.95
CA GLU F 64 -5.69 4.30 -9.33
C GLU F 64 -4.40 3.77 -9.96
N ALA F 65 -3.88 4.48 -10.95
CA ALA F 65 -3.01 3.85 -11.93
C ALA F 65 -1.65 4.50 -12.12
N VAL F 66 -1.68 5.79 -12.44
CA VAL F 66 -0.57 6.58 -13.03
C VAL F 66 0.80 5.93 -13.27
N GLY F 67 1.26 5.99 -14.51
CA GLY F 67 2.62 5.60 -14.86
C GLY F 67 3.67 6.63 -14.44
N ARG F 68 4.83 6.14 -14.01
CA ARG F 68 5.93 6.99 -13.61
C ARG F 68 7.24 6.46 -14.22
N GLU F 69 8.09 7.36 -14.68
CA GLU F 69 9.38 6.97 -15.27
C GLU F 69 10.49 7.07 -14.25
N PHE F 70 11.48 6.17 -14.39
CA PHE F 70 12.65 6.18 -13.53
C PHE F 70 13.91 5.90 -14.37
N ASN F 71 15.02 6.57 -14.09
CA ASN F 71 16.23 6.29 -14.85
C ASN F 71 16.94 5.05 -14.30
N ASN F 72 18.10 4.75 -14.88
CA ASN F 72 18.83 3.52 -14.61
C ASN F 72 19.48 3.46 -13.24
N LEU F 73 19.60 4.61 -12.58
CA LEU F 73 20.18 4.62 -11.24
C LEU F 73 19.11 4.95 -10.20
N GLU F 74 17.87 4.63 -10.56
CA GLU F 74 16.72 4.75 -9.66
C GLU F 74 15.92 3.45 -9.59
N ARG F 75 16.61 2.32 -9.64
CA ARG F 75 15.98 1.02 -9.62
C ARG F 75 15.31 0.71 -8.30
N ARG F 76 15.83 1.23 -7.21
CA ARG F 76 15.25 0.97 -5.91
C ARG F 76 13.86 1.61 -5.80
N ILE F 77 13.73 2.87 -6.19
CA ILE F 77 12.45 3.55 -6.10
C ILE F 77 11.53 3.11 -7.22
N GLU F 78 12.08 2.71 -8.34
CA GLU F 78 11.28 2.11 -9.39
C GLU F 78 10.62 0.81 -8.89
N ASN F 79 11.40 0.03 -8.15
CA ASN F 79 10.95 -1.24 -7.61
C ASN F 79 9.95 -1.04 -6.50
N LEU F 80 10.19 0.00 -5.70
CA LEU F 80 9.26 0.38 -4.64
C LEU F 80 7.91 0.76 -5.26
N ASN F 81 7.96 1.56 -6.32
CA ASN F 81 6.78 2.03 -7.01
C ASN F 81 5.99 0.88 -7.64
N LYS F 82 6.71 -0.08 -8.23
CA LYS F 82 6.07 -1.25 -8.79
C LYS F 82 5.44 -2.10 -7.69
N LYS F 83 6.19 -2.33 -6.63
CA LYS F 83 5.72 -3.19 -5.54
C LYS F 83 4.47 -2.63 -4.84
N MET F 84 4.37 -1.31 -4.76
CA MET F 84 3.25 -0.71 -4.07
C MET F 84 2.00 -0.65 -4.96
N GLU F 85 2.19 -0.54 -6.27
CA GLU F 85 1.04 -0.54 -7.16
C GLU F 85 0.49 -1.95 -7.35
N ASP F 86 1.39 -2.92 -7.39
CA ASP F 86 1.02 -4.33 -7.41
C ASP F 86 0.38 -4.71 -6.08
N GLY F 87 0.80 -4.03 -5.02
CA GLY F 87 0.30 -4.33 -3.69
C GLY F 87 -1.17 -4.02 -3.60
N PHE F 88 -1.52 -2.75 -3.81
CA PHE F 88 -2.90 -2.30 -3.81
C PHE F 88 -3.75 -3.06 -4.83
N LEU F 89 -3.15 -3.39 -5.96
CA LEU F 89 -3.84 -4.17 -6.97
C LEU F 89 -4.26 -5.52 -6.40
N ASP F 90 -3.36 -6.15 -5.66
CA ASP F 90 -3.65 -7.47 -5.09
C ASP F 90 -4.73 -7.42 -4.02
N VAL F 91 -4.67 -6.44 -3.11
CA VAL F 91 -5.67 -6.38 -2.05
C VAL F 91 -7.05 -5.99 -2.56
N TRP F 92 -7.11 -5.16 -3.60
CA TRP F 92 -8.39 -4.82 -4.20
C TRP F 92 -8.95 -5.97 -5.02
N THR F 93 -8.06 -6.78 -5.61
CA THR F 93 -8.49 -7.95 -6.36
C THR F 93 -9.05 -8.99 -5.41
N TYR F 94 -8.33 -9.22 -4.31
CA TYR F 94 -8.79 -10.12 -3.27
C TYR F 94 -10.10 -9.62 -2.70
N ASN F 95 -10.19 -8.31 -2.46
CA ASN F 95 -11.38 -7.71 -1.88
C ASN F 95 -12.63 -7.88 -2.72
N ALA F 96 -12.47 -7.92 -4.04
CA ALA F 96 -13.61 -8.05 -4.93
C ALA F 96 -14.00 -9.52 -5.09
N GLU F 97 -13.00 -10.39 -5.24
CA GLU F 97 -13.25 -11.81 -5.39
C GLU F 97 -13.86 -12.44 -4.14
N LEU F 98 -13.38 -12.00 -2.98
CA LEU F 98 -13.84 -12.51 -1.70
C LEU F 98 -15.24 -12.00 -1.42
N LEU F 99 -15.49 -10.75 -1.76
CA LEU F 99 -16.79 -10.13 -1.53
C LEU F 99 -17.89 -10.85 -2.33
N VAL F 100 -17.59 -11.15 -3.59
CA VAL F 100 -18.51 -11.87 -4.44
C VAL F 100 -18.82 -13.26 -3.89
N LEU F 101 -17.79 -14.01 -3.54
CA LEU F 101 -17.98 -15.34 -2.97
C LEU F 101 -18.88 -15.30 -1.76
N MET F 102 -18.62 -14.35 -0.87
CA MET F 102 -19.36 -14.25 0.38
C MET F 102 -20.82 -13.88 0.20
N GLU F 103 -21.08 -12.89 -0.66
CA GLU F 103 -22.43 -12.38 -0.84
C GLU F 103 -23.28 -13.30 -1.70
N ASN F 104 -22.64 -13.93 -2.69
CA ASN F 104 -23.30 -14.96 -3.48
C ASN F 104 -23.88 -16.03 -2.58
N GLU F 105 -23.14 -16.37 -1.54
CA GLU F 105 -23.58 -17.38 -0.59
C GLU F 105 -24.73 -16.87 0.28
N ARG F 106 -24.65 -15.62 0.71
CA ARG F 106 -25.73 -15.01 1.49
C ARG F 106 -26.99 -14.89 0.63
N THR F 107 -26.80 -14.71 -0.67
CA THR F 107 -27.92 -14.48 -1.59
C THR F 107 -28.69 -15.77 -1.88
N LEU F 108 -27.98 -16.87 -2.04
CA LEU F 108 -28.62 -18.16 -2.22
C LEU F 108 -29.40 -18.55 -0.96
N ASP F 109 -28.77 -18.40 0.19
CA ASP F 109 -29.41 -18.69 1.46
C ASP F 109 -30.49 -17.68 1.81
N PHE F 110 -30.49 -16.54 1.09
CA PHE F 110 -31.52 -15.52 1.27
C PHE F 110 -32.80 -16.01 0.61
N HIS F 111 -32.66 -16.55 -0.60
CA HIS F 111 -33.79 -17.10 -1.32
C HIS F 111 -34.37 -18.30 -0.59
N ASP F 112 -33.48 -19.16 -0.09
CA ASP F 112 -33.87 -20.33 0.69
C ASP F 112 -34.63 -19.91 1.95
N SER F 113 -34.30 -18.74 2.48
CA SER F 113 -34.98 -18.23 3.67
C SER F 113 -36.35 -17.69 3.32
N ASN F 114 -36.47 -17.07 2.16
CA ASN F 114 -37.73 -16.48 1.74
C ASN F 114 -38.81 -17.54 1.45
N VAL F 115 -38.39 -18.62 0.81
CA VAL F 115 -39.30 -19.72 0.50
C VAL F 115 -39.80 -20.38 1.79
N LYS F 116 -38.87 -20.71 2.69
CA LYS F 116 -39.22 -21.27 3.99
C LYS F 116 -40.13 -20.34 4.78
N ASN F 117 -39.90 -19.04 4.67
CA ASN F 117 -40.77 -18.07 5.34
C ASN F 117 -42.16 -18.00 4.71
N LEU F 118 -42.24 -18.36 3.42
CA LEU F 118 -43.50 -18.34 2.70
C LEU F 118 -44.33 -19.58 3.08
N TYR F 119 -43.67 -20.73 3.12
CA TYR F 119 -44.29 -21.99 3.53
C TYR F 119 -44.88 -21.89 4.93
N ASP F 120 -44.23 -21.12 5.80
CA ASP F 120 -44.68 -20.97 7.17
C ASP F 120 -45.73 -19.87 7.31
N LYS F 121 -45.78 -18.95 6.35
CA LYS F 121 -46.83 -17.94 6.35
C LYS F 121 -48.17 -18.63 6.13
N VAL F 122 -48.14 -19.65 5.27
CA VAL F 122 -49.31 -20.46 4.95
C VAL F 122 -49.61 -21.43 6.09
N ARG F 123 -48.59 -22.16 6.52
CA ARG F 123 -48.73 -23.15 7.59
C ARG F 123 -49.30 -22.54 8.88
N LEU F 124 -48.87 -21.33 9.22
CA LEU F 124 -49.35 -20.67 10.42
C LEU F 124 -50.74 -20.07 10.24
N GLN F 125 -51.25 -20.08 9.00
CA GLN F 125 -52.61 -19.65 8.72
C GLN F 125 -53.58 -20.84 8.74
N LEU F 126 -53.30 -21.85 7.91
CA LEU F 126 -54.08 -23.07 7.89
C LEU F 126 -53.65 -23.97 9.03
N ARG F 127 -54.09 -23.64 10.24
CA ARG F 127 -53.67 -24.36 11.44
C ARG F 127 -54.21 -25.79 11.45
N ASP F 128 -55.41 -25.98 12.01
CA ASP F 128 -56.07 -27.28 12.04
C ASP F 128 -56.65 -27.67 10.68
N ASN F 129 -56.99 -26.65 9.90
CA ASN F 129 -57.79 -26.83 8.69
C ASN F 129 -57.09 -27.47 7.50
N ALA F 130 -55.86 -27.93 7.69
CA ALA F 130 -55.10 -28.60 6.64
C ALA F 130 -53.98 -29.46 7.19
N LYS F 131 -53.49 -30.40 6.39
CA LYS F 131 -52.40 -31.27 6.81
C LYS F 131 -51.14 -31.11 5.95
N GLU F 132 -49.99 -31.09 6.61
CA GLU F 132 -48.70 -30.96 5.92
C GLU F 132 -48.34 -32.22 5.14
N LEU F 133 -48.30 -32.09 3.81
CA LEU F 133 -47.96 -33.22 2.95
C LEU F 133 -46.48 -33.58 3.04
N GLY F 134 -45.70 -32.70 3.63
CA GLY F 134 -44.28 -32.94 3.86
C GLY F 134 -43.38 -32.63 2.69
N ASN F 135 -43.97 -32.14 1.59
CA ASN F 135 -43.21 -31.86 0.37
C ASN F 135 -43.47 -30.47 -0.16
N GLY F 136 -43.86 -29.56 0.73
CA GLY F 136 -44.14 -28.19 0.34
C GLY F 136 -45.60 -27.99 0.01
N CYS F 137 -46.40 -29.05 0.14
CA CYS F 137 -47.82 -28.99 -0.17
C CYS F 137 -48.69 -29.08 1.08
N PHE F 138 -49.91 -28.52 0.98
CA PHE F 138 -50.87 -28.57 2.06
C PHE F 138 -52.21 -29.15 1.59
N GLU F 139 -52.62 -30.29 2.15
CA GLU F 139 -53.91 -30.87 1.81
C GLU F 139 -54.99 -30.29 2.71
N PHE F 140 -56.05 -29.76 2.10
CA PHE F 140 -57.14 -29.13 2.85
C PHE F 140 -58.14 -30.11 3.48
N TYR F 141 -58.57 -29.79 4.69
CA TYR F 141 -59.62 -30.55 5.37
C TYR F 141 -60.99 -29.98 5.02
N HIS F 142 -61.04 -29.17 3.97
CA HIS F 142 -62.31 -28.65 3.46
C HIS F 142 -62.19 -28.26 1.99
N ARG F 143 -63.19 -27.54 1.49
CA ARG F 143 -63.17 -27.06 0.12
C ARG F 143 -62.64 -25.64 0.05
N CYS F 144 -61.57 -25.44 -0.70
CA CYS F 144 -61.00 -24.12 -0.88
C CYS F 144 -61.11 -23.69 -2.33
N ASP F 145 -62.17 -22.94 -2.64
CA ASP F 145 -62.38 -22.44 -3.99
C ASP F 145 -61.39 -21.32 -4.32
N ASN F 146 -61.55 -20.70 -5.48
CA ASN F 146 -60.61 -19.70 -5.95
C ASN F 146 -60.59 -18.40 -5.13
N GLU F 147 -61.69 -18.10 -4.46
CA GLU F 147 -61.73 -16.94 -3.57
C GLU F 147 -61.03 -17.26 -2.25
N CYS F 148 -61.16 -18.51 -1.80
CA CYS F 148 -60.54 -18.95 -0.56
C CYS F 148 -59.02 -19.05 -0.69
N MET F 149 -58.56 -19.54 -1.83
CA MET F 149 -57.13 -19.62 -2.12
C MET F 149 -56.50 -18.24 -2.05
N GLU F 150 -57.18 -17.26 -2.61
CA GLU F 150 -56.73 -15.88 -2.59
C GLU F 150 -56.61 -15.36 -1.15
N SER F 151 -57.48 -15.83 -0.26
CA SER F 151 -57.41 -15.43 1.14
C SER F 151 -56.15 -15.97 1.81
N VAL F 152 -55.66 -17.10 1.31
CA VAL F 152 -54.41 -17.68 1.81
C VAL F 152 -53.24 -16.88 1.25
N ARG F 153 -53.31 -16.57 -0.04
CA ARG F 153 -52.24 -15.86 -0.75
C ARG F 153 -52.01 -14.44 -0.21
N ASN F 154 -53.09 -13.70 0.02
CA ASN F 154 -52.95 -12.31 0.51
C ASN F 154 -53.02 -12.14 2.02
N GLY F 155 -52.94 -13.25 2.75
CA GLY F 155 -52.83 -13.23 4.20
C GLY F 155 -54.08 -12.85 4.97
N THR F 156 -55.25 -13.09 4.38
CA THR F 156 -56.52 -12.76 5.04
C THR F 156 -57.38 -13.99 5.27
N TYR F 157 -56.75 -15.17 5.34
CA TYR F 157 -57.45 -16.43 5.55
C TYR F 157 -58.21 -16.45 6.87
N ASP F 158 -59.44 -16.95 6.83
CA ASP F 158 -60.31 -16.97 8.00
C ASP F 158 -60.33 -18.34 8.66
N TYR F 159 -59.85 -18.41 9.90
CA TYR F 159 -59.84 -19.66 10.65
C TYR F 159 -61.20 -20.13 11.19
N PRO F 160 -62.06 -19.18 11.66
CA PRO F 160 -63.45 -19.55 11.98
C PRO F 160 -64.12 -20.42 10.91
N GLN F 161 -63.82 -21.72 10.99
CA GLN F 161 -64.38 -22.76 10.16
C GLN F 161 -64.14 -24.08 10.89
N TYR F 162 -65.06 -25.03 10.73
CA TYR F 162 -64.89 -26.37 11.26
C TYR F 162 -63.72 -27.03 10.52
N SER F 163 -63.35 -28.24 10.94
CA SER F 163 -62.51 -29.11 10.11
C SER F 163 -62.48 -30.59 10.51
N GLU F 164 -63.60 -31.28 10.29
CA GLU F 164 -63.68 -32.74 10.30
C GLU F 164 -65.07 -33.22 9.93
C1 NAG G . -31.44 7.71 4.97
C2 NAG G . -31.73 8.13 3.52
C3 NAG G . -31.16 9.51 3.15
C4 NAG G . -31.27 10.52 4.26
C5 NAG G . -30.83 9.92 5.60
C6 NAG G . -30.94 10.97 6.71
C7 NAG G . -31.93 6.46 1.73
C8 NAG G . -31.28 5.32 1.01
N2 NAG G . -31.19 7.12 2.62
O3 NAG G . -31.87 10.02 2.03
O4 NAG G . -30.49 11.66 3.96
O5 NAG G . -31.62 8.77 5.89
O6 NAG G . -31.25 10.39 7.96
O7 NAG G . -33.11 6.75 1.50
C1 NAG H . 38.65 13.93 19.59
C2 NAG H . 39.35 12.93 18.67
C3 NAG H . 39.53 11.57 19.36
C4 NAG H . 40.10 11.77 20.76
C5 NAG H . 39.16 12.73 21.51
C6 NAG H . 39.44 12.80 23.01
C7 NAG H . 39.05 12.83 16.24
C8 NAG H . 38.31 12.04 15.19
N2 NAG H . 38.55 12.79 17.47
O3 NAG H . 40.36 10.71 18.60
O4 NAG H . 40.23 10.55 21.44
O5 NAG H . 39.23 14.00 20.88
O6 NAG H . 40.52 13.66 23.31
O7 NAG H . 40.06 13.46 15.94
C1 NAG I . -8.46 -17.57 26.04
C2 NAG I . -8.53 -16.21 26.78
C3 NAG I . -7.42 -15.87 27.78
C4 NAG I . -6.31 -16.92 27.91
C5 NAG I . -6.17 -17.68 26.61
C6 NAG I . -4.97 -18.62 26.61
C7 NAG I . -9.54 -14.20 25.81
C8 NAG I . -9.39 -13.08 24.82
N2 NAG I . -8.60 -15.14 25.79
O3 NAG I . -7.98 -15.62 29.05
O4 NAG I . -5.08 -16.29 28.23
O5 NAG I . -7.38 -18.40 26.41
O6 NAG I . -5.04 -19.55 27.67
O7 NAG I . -10.50 -14.23 26.59
C1 NAG J . 34.06 -3.25 -30.15
C2 NAG J . 33.41 -2.10 -30.90
C3 NAG J . 32.47 -2.60 -31.99
C4 NAG J . 33.28 -3.48 -32.94
C5 NAG J . 33.87 -4.64 -32.13
C6 NAG J . 34.68 -5.54 -33.06
C7 NAG J . 33.17 -0.01 -29.75
C8 NAG J . 32.19 0.92 -29.10
N2 NAG J . 32.72 -1.24 -29.98
O3 NAG J . 31.86 -1.54 -32.71
O4 NAG J . 32.48 -3.93 -34.02
O5 NAG J . 34.70 -4.15 -31.05
O6 NAG J . 35.78 -6.11 -32.41
O7 NAG J . 34.30 0.36 -30.07
C1 NAG K . -16.29 -25.03 -13.17
C2 NAG K . -15.09 -25.96 -12.98
C3 NAG K . -14.04 -25.92 -14.10
C4 NAG K . -14.65 -25.69 -15.48
C5 NAG K . -15.63 -24.53 -15.40
C6 NAG K . -16.17 -24.12 -16.77
C7 NAG K . -14.42 -26.42 -10.67
C8 NAG K . -13.36 -26.16 -9.63
N2 NAG K . -14.43 -25.61 -11.72
O3 NAG K . -13.29 -27.13 -14.10
O4 NAG K . -13.65 -25.42 -16.44
O5 NAG K . -16.69 -24.88 -14.53
O6 NAG K . -16.42 -25.27 -17.56
O7 NAG K . -15.21 -27.36 -10.52
C1 NAG L . 10.53 41.67 -15.65
C2 NAG L . 11.14 41.99 -14.29
C3 NAG L . 10.14 42.70 -13.37
C4 NAG L . 9.58 43.92 -14.10
C5 NAG L . 8.99 43.47 -15.43
C6 NAG L . 8.46 44.66 -16.22
C7 NAG L . 12.88 40.75 -13.21
C8 NAG L . 13.17 39.73 -12.14
N2 NAG L . 11.64 40.79 -13.67
O3 NAG L . 10.75 43.07 -12.14
O4 NAG L . 8.60 44.58 -13.31
O5 NAG L . 9.99 42.84 -16.21
O6 NAG L . 9.36 44.96 -17.26
O7 NAG L . 13.77 41.52 -13.62
C1 NAG M . 39.24 38.30 -38.54
C2 NAG M . 39.00 39.49 -39.47
C3 NAG M . 40.23 40.38 -39.56
C4 NAG M . 40.77 40.70 -38.17
C5 NAG M . 40.90 39.44 -37.33
C6 NAG M . 41.37 39.77 -35.91
C7 NAG M . 37.35 38.97 -41.17
C8 NAG M . 37.04 38.02 -42.29
N2 NAG M . 38.62 39.02 -40.79
O3 NAG M . 39.90 41.59 -40.23
O4 NAG M . 42.04 41.34 -38.30
O5 NAG M . 39.65 38.76 -37.27
O6 NAG M . 40.34 39.45 -34.98
O7 NAG M . 36.47 39.65 -40.64
#